data_2QT7
# 
_entry.id   2QT7 
# 
_audit_conform.dict_name       mmcif_pdbx.dic 
_audit_conform.dict_version    5.387 
_audit_conform.dict_location   http://mmcif.pdb.org/dictionaries/ascii/mmcif_pdbx.dic 
# 
loop_
_database_2.database_id 
_database_2.database_code 
_database_2.pdbx_database_accession 
_database_2.pdbx_DOI 
PDB   2QT7         pdb_00002qt7 10.2210/pdb2qt7/pdb 
RCSB  RCSB044024   ?            ?                   
WWPDB D_1000044024 ?            ?                   
# 
loop_
_pdbx_audit_revision_history.ordinal 
_pdbx_audit_revision_history.data_content_type 
_pdbx_audit_revision_history.major_revision 
_pdbx_audit_revision_history.minor_revision 
_pdbx_audit_revision_history.revision_date 
1 'Structure model' 1 0 2007-12-11 
2 'Structure model' 1 1 2011-07-13 
3 'Structure model' 1 2 2017-10-25 
4 'Structure model' 1 3 2024-02-21 
# 
_pdbx_audit_revision_details.ordinal             1 
_pdbx_audit_revision_details.revision_ordinal    1 
_pdbx_audit_revision_details.data_content_type   'Structure model' 
_pdbx_audit_revision_details.provider            repository 
_pdbx_audit_revision_details.type                'Initial release' 
_pdbx_audit_revision_details.description         ? 
_pdbx_audit_revision_details.details             ? 
# 
loop_
_pdbx_audit_revision_group.ordinal 
_pdbx_audit_revision_group.revision_ordinal 
_pdbx_audit_revision_group.data_content_type 
_pdbx_audit_revision_group.group 
1 2 'Structure model' 'Version format compliance' 
2 3 'Structure model' 'Refinement description'    
3 4 'Structure model' 'Data collection'           
4 4 'Structure model' 'Database references'       
5 4 'Structure model' 'Derived calculations'      
# 
loop_
_pdbx_audit_revision_category.ordinal 
_pdbx_audit_revision_category.revision_ordinal 
_pdbx_audit_revision_category.data_content_type 
_pdbx_audit_revision_category.category 
1 3 'Structure model' software               
2 4 'Structure model' chem_comp_atom         
3 4 'Structure model' chem_comp_bond         
4 4 'Structure model' database_2             
5 4 'Structure model' pdbx_struct_conn_angle 
6 4 'Structure model' struct_conn            
7 4 'Structure model' struct_site            
# 
loop_
_pdbx_audit_revision_item.ordinal 
_pdbx_audit_revision_item.revision_ordinal 
_pdbx_audit_revision_item.data_content_type 
_pdbx_audit_revision_item.item 
1  3 'Structure model' '_software.name'                            
2  4 'Structure model' '_database_2.pdbx_DOI'                      
3  4 'Structure model' '_database_2.pdbx_database_accession'       
4  4 'Structure model' '_pdbx_struct_conn_angle.ptnr1_auth_seq_id' 
5  4 'Structure model' '_pdbx_struct_conn_angle.ptnr3_auth_seq_id' 
6  4 'Structure model' '_pdbx_struct_conn_angle.value'             
7  4 'Structure model' '_struct_conn.pdbx_dist_value'              
8  4 'Structure model' '_struct_conn.ptnr1_auth_asym_id'           
9  4 'Structure model' '_struct_conn.ptnr1_auth_comp_id'           
10 4 'Structure model' '_struct_conn.ptnr1_auth_seq_id'            
11 4 'Structure model' '_struct_conn.ptnr1_label_asym_id'          
12 4 'Structure model' '_struct_conn.ptnr1_label_atom_id'          
13 4 'Structure model' '_struct_conn.ptnr1_label_comp_id'          
14 4 'Structure model' '_struct_conn.ptnr1_label_seq_id'           
15 4 'Structure model' '_struct_conn.ptnr2_auth_asym_id'           
16 4 'Structure model' '_struct_conn.ptnr2_auth_comp_id'           
17 4 'Structure model' '_struct_conn.ptnr2_auth_seq_id'            
18 4 'Structure model' '_struct_conn.ptnr2_label_asym_id'          
19 4 'Structure model' '_struct_conn.ptnr2_label_atom_id'          
20 4 'Structure model' '_struct_conn.ptnr2_label_comp_id'          
21 4 'Structure model' '_struct_site.pdbx_auth_asym_id'            
22 4 'Structure model' '_struct_site.pdbx_auth_comp_id'            
23 4 'Structure model' '_struct_site.pdbx_auth_seq_id'             
# 
_pdbx_database_status.status_code                     REL 
_pdbx_database_status.entry_id                        2QT7 
_pdbx_database_status.recvd_initial_deposition_date   2007-08-01 
_pdbx_database_status.deposit_site                    RCSB 
_pdbx_database_status.process_site                    RCSB 
_pdbx_database_status.status_code_sf                  REL 
_pdbx_database_status.status_code_mr                  ? 
_pdbx_database_status.SG_entry                        ? 
_pdbx_database_status.pdb_format_compatible           Y 
_pdbx_database_status.status_code_cs                  ? 
_pdbx_database_status.methods_development_category    ? 
_pdbx_database_status.status_code_nmr_data            ? 
# 
loop_
_audit_author.name 
_audit_author.pdbx_ordinal 
'Primo, M.E.'    1 
'Klinke, S.'     2 
'Sica, M.P.'     3 
'Goldbaum, F.A.' 4 
'Jakoncic, J.'   5 
'Poskus, E.'     6 
'Ermacora, M.R.' 7 
# 
_citation.id                        primary 
_citation.title                     
'Structure of the Mature Ectodomain of the Human Receptor-type Protein-tyrosine Phosphatase IA-2' 
_citation.journal_abbrev            J.Biol.Chem. 
_citation.journal_volume            283 
_citation.page_first                4674 
_citation.page_last                 4681 
_citation.year                      2008 
_citation.journal_id_ASTM           JBCHA3 
_citation.country                   US 
_citation.journal_id_ISSN           0021-9258 
_citation.journal_id_CSD            0071 
_citation.book_publisher            ? 
_citation.pdbx_database_id_PubMed   18048354 
_citation.pdbx_database_id_DOI      10.1074/jbc.M708144200 
# 
loop_
_citation_author.citation_id 
_citation_author.name 
_citation_author.ordinal 
_citation_author.identifier_ORCID 
primary 'Primo, M.E.'    1 ? 
primary 'Klinke, S.'     2 ? 
primary 'Sica, M.P.'     3 ? 
primary 'Goldbaum, F.A.' 4 ? 
primary 'Jakoncic, J.'   5 ? 
primary 'Poskus, E.'     6 ? 
primary 'Ermacora, M.R.' 7 ? 
# 
loop_
_entity.id 
_entity.type 
_entity.src_method 
_entity.pdbx_description 
_entity.formula_weight 
_entity.pdbx_number_of_molecules 
_entity.pdbx_ec 
_entity.pdbx_mutation 
_entity.pdbx_fragment 
_entity.details 
1 polymer     man 'Receptor-type tyrosine-protein phosphatase-like N' 9838.106 2   3.1.3.48 ? 'sequence database residues 468-558' 
? 
2 non-polymer syn 'CALCIUM ION'                                       40.078   3   ?        ? ?                                    
? 
3 water       nat water                                               18.015   176 ?        ? ?                                    
? 
# 
_entity_name_com.entity_id   1 
_entity_name_com.name        'R-PTP-N, PTP IA-2, Islet cell antigen 512, ICA 512, Islet cell autoantigen 3' 
# 
_entity_poly.entity_id                      1 
_entity_poly.type                           'polypeptide(L)' 
_entity_poly.nstd_linkage                   no 
_entity_poly.nstd_monomer                   no 
_entity_poly.pdbx_seq_one_letter_code       
;AEEYGYIVTDQKPLSLAAGVKLLEILAEHVHMSSGSFINISVVGPALTFRIRHNEQNLSLADVTQQAGLVKSELEAQTGL
QILQTGVGQRE
;
_entity_poly.pdbx_seq_one_letter_code_can   
;AEEYGYIVTDQKPLSLAAGVKLLEILAEHVHMSSGSFINISVVGPALTFRIRHNEQNLSLADVTQQAGLVKSELEAQTGL
QILQTGVGQRE
;
_entity_poly.pdbx_strand_id                 A,B 
_entity_poly.pdbx_target_identifier         ? 
# 
loop_
_pdbx_entity_nonpoly.entity_id 
_pdbx_entity_nonpoly.name 
_pdbx_entity_nonpoly.comp_id 
2 'CALCIUM ION' CA  
3 water         HOH 
# 
loop_
_entity_poly_seq.entity_id 
_entity_poly_seq.num 
_entity_poly_seq.mon_id 
_entity_poly_seq.hetero 
1 1  ALA n 
1 2  GLU n 
1 3  GLU n 
1 4  TYR n 
1 5  GLY n 
1 6  TYR n 
1 7  ILE n 
1 8  VAL n 
1 9  THR n 
1 10 ASP n 
1 11 GLN n 
1 12 LYS n 
1 13 PRO n 
1 14 LEU n 
1 15 SER n 
1 16 LEU n 
1 17 ALA n 
1 18 ALA n 
1 19 GLY n 
1 20 VAL n 
1 21 LYS n 
1 22 LEU n 
1 23 LEU n 
1 24 GLU n 
1 25 ILE n 
1 26 LEU n 
1 27 ALA n 
1 28 GLU n 
1 29 HIS n 
1 30 VAL n 
1 31 HIS n 
1 32 MET n 
1 33 SER n 
1 34 SER n 
1 35 GLY n 
1 36 SER n 
1 37 PHE n 
1 38 ILE n 
1 39 ASN n 
1 40 ILE n 
1 41 SER n 
1 42 VAL n 
1 43 VAL n 
1 44 GLY n 
1 45 PRO n 
1 46 ALA n 
1 47 LEU n 
1 48 THR n 
1 49 PHE n 
1 50 ARG n 
1 51 ILE n 
1 52 ARG n 
1 53 HIS n 
1 54 ASN n 
1 55 GLU n 
1 56 GLN n 
1 57 ASN n 
1 58 LEU n 
1 59 SER n 
1 60 LEU n 
1 61 ALA n 
1 62 ASP n 
1 63 VAL n 
1 64 THR n 
1 65 GLN n 
1 66 GLN n 
1 67 ALA n 
1 68 GLY n 
1 69 LEU n 
1 70 VAL n 
1 71 LYS n 
1 72 SER n 
1 73 GLU n 
1 74 LEU n 
1 75 GLU n 
1 76 ALA n 
1 77 GLN n 
1 78 THR n 
1 79 GLY n 
1 80 LEU n 
1 81 GLN n 
1 82 ILE n 
1 83 LEU n 
1 84 GLN n 
1 85 THR n 
1 86 GLY n 
1 87 VAL n 
1 88 GLY n 
1 89 GLN n 
1 90 ARG n 
1 91 GLU n 
# 
_entity_src_gen.entity_id                          1 
_entity_src_gen.pdbx_src_id                        1 
_entity_src_gen.pdbx_alt_source_flag               sample 
_entity_src_gen.pdbx_seq_type                      ? 
_entity_src_gen.pdbx_beg_seq_num                   ? 
_entity_src_gen.pdbx_end_seq_num                   ? 
_entity_src_gen.gene_src_common_name               human 
_entity_src_gen.gene_src_genus                     Homo 
_entity_src_gen.pdbx_gene_src_gene                 'PTPRN, ICA3, ICA512' 
_entity_src_gen.gene_src_species                   ? 
_entity_src_gen.gene_src_strain                    ? 
_entity_src_gen.gene_src_tissue                    ? 
_entity_src_gen.gene_src_tissue_fraction           ? 
_entity_src_gen.gene_src_details                   ? 
_entity_src_gen.pdbx_gene_src_fragment             ? 
_entity_src_gen.pdbx_gene_src_scientific_name      'Homo sapiens' 
_entity_src_gen.pdbx_gene_src_ncbi_taxonomy_id     9606 
_entity_src_gen.pdbx_gene_src_variant              ? 
_entity_src_gen.pdbx_gene_src_cell_line            ? 
_entity_src_gen.pdbx_gene_src_atcc                 ? 
_entity_src_gen.pdbx_gene_src_organ                ? 
_entity_src_gen.pdbx_gene_src_organelle            ? 
_entity_src_gen.pdbx_gene_src_cell                 ? 
_entity_src_gen.pdbx_gene_src_cellular_location    ? 
_entity_src_gen.host_org_common_name               ? 
_entity_src_gen.pdbx_host_org_scientific_name      'Escherichia coli' 
_entity_src_gen.pdbx_host_org_ncbi_taxonomy_id     562 
_entity_src_gen.host_org_genus                     Escherichia 
_entity_src_gen.pdbx_host_org_gene                 ? 
_entity_src_gen.pdbx_host_org_organ                ? 
_entity_src_gen.host_org_species                   ? 
_entity_src_gen.pdbx_host_org_tissue               ? 
_entity_src_gen.pdbx_host_org_tissue_fraction      ? 
_entity_src_gen.pdbx_host_org_strain               'BL21(DE3)pLysS' 
_entity_src_gen.pdbx_host_org_variant              ? 
_entity_src_gen.pdbx_host_org_cell_line            ? 
_entity_src_gen.pdbx_host_org_atcc                 ? 
_entity_src_gen.pdbx_host_org_culture_collection   ? 
_entity_src_gen.pdbx_host_org_cell                 ? 
_entity_src_gen.pdbx_host_org_organelle            ? 
_entity_src_gen.pdbx_host_org_cellular_location    ? 
_entity_src_gen.pdbx_host_org_vector_type          PLASMID 
_entity_src_gen.pdbx_host_org_vector               ? 
_entity_src_gen.host_org_details                   ? 
_entity_src_gen.expression_system_id               ? 
_entity_src_gen.plasmid_name                       pET9b 
_entity_src_gen.plasmid_details                    ? 
_entity_src_gen.pdbx_description                   ? 
# 
loop_
_chem_comp.id 
_chem_comp.type 
_chem_comp.mon_nstd_flag 
_chem_comp.name 
_chem_comp.pdbx_synonyms 
_chem_comp.formula 
_chem_comp.formula_weight 
ALA 'L-peptide linking' y ALANINE         ? 'C3 H7 N O2'     89.093  
ARG 'L-peptide linking' y ARGININE        ? 'C6 H15 N4 O2 1' 175.209 
ASN 'L-peptide linking' y ASPARAGINE      ? 'C4 H8 N2 O3'    132.118 
ASP 'L-peptide linking' y 'ASPARTIC ACID' ? 'C4 H7 N O4'     133.103 
CA  non-polymer         . 'CALCIUM ION'   ? 'Ca 2'           40.078  
GLN 'L-peptide linking' y GLUTAMINE       ? 'C5 H10 N2 O3'   146.144 
GLU 'L-peptide linking' y 'GLUTAMIC ACID' ? 'C5 H9 N O4'     147.129 
GLY 'peptide linking'   y GLYCINE         ? 'C2 H5 N O2'     75.067  
HIS 'L-peptide linking' y HISTIDINE       ? 'C6 H10 N3 O2 1' 156.162 
HOH non-polymer         . WATER           ? 'H2 O'           18.015  
ILE 'L-peptide linking' y ISOLEUCINE      ? 'C6 H13 N O2'    131.173 
LEU 'L-peptide linking' y LEUCINE         ? 'C6 H13 N O2'    131.173 
LYS 'L-peptide linking' y LYSINE          ? 'C6 H15 N2 O2 1' 147.195 
MET 'L-peptide linking' y METHIONINE      ? 'C5 H11 N O2 S'  149.211 
PHE 'L-peptide linking' y PHENYLALANINE   ? 'C9 H11 N O2'    165.189 
PRO 'L-peptide linking' y PROLINE         ? 'C5 H9 N O2'     115.130 
SER 'L-peptide linking' y SERINE          ? 'C3 H7 N O3'     105.093 
THR 'L-peptide linking' y THREONINE       ? 'C4 H9 N O3'     119.119 
TYR 'L-peptide linking' y TYROSINE        ? 'C9 H11 N O3'    181.189 
VAL 'L-peptide linking' y VALINE          ? 'C5 H11 N O2'    117.146 
# 
loop_
_pdbx_poly_seq_scheme.asym_id 
_pdbx_poly_seq_scheme.entity_id 
_pdbx_poly_seq_scheme.seq_id 
_pdbx_poly_seq_scheme.mon_id 
_pdbx_poly_seq_scheme.ndb_seq_num 
_pdbx_poly_seq_scheme.pdb_seq_num 
_pdbx_poly_seq_scheme.auth_seq_num 
_pdbx_poly_seq_scheme.pdb_mon_id 
_pdbx_poly_seq_scheme.auth_mon_id 
_pdbx_poly_seq_scheme.pdb_strand_id 
_pdbx_poly_seq_scheme.pdb_ins_code 
_pdbx_poly_seq_scheme.hetero 
A 1 1  ALA 1  20  ?   ?   ?   A . n 
A 1 2  GLU 2  21  21  GLU GLU A . n 
A 1 3  GLU 3  22  22  GLU GLU A . n 
A 1 4  TYR 4  23  23  TYR TYR A . n 
A 1 5  GLY 5  24  24  GLY GLY A . n 
A 1 6  TYR 6  25  25  TYR TYR A . n 
A 1 7  ILE 7  26  26  ILE ILE A . n 
A 1 8  VAL 8  27  27  VAL VAL A . n 
A 1 9  THR 9  28  28  THR THR A . n 
A 1 10 ASP 10 29  29  ASP ASP A . n 
A 1 11 GLN 11 30  30  GLN GLN A . n 
A 1 12 LYS 12 31  31  LYS LYS A . n 
A 1 13 PRO 13 32  32  PRO PRO A . n 
A 1 14 LEU 14 33  33  LEU LEU A . n 
A 1 15 SER 15 34  34  SER SER A . n 
A 1 16 LEU 16 35  35  LEU LEU A . n 
A 1 17 ALA 17 36  36  ALA ALA A . n 
A 1 18 ALA 18 37  37  ALA ALA A . n 
A 1 19 GLY 19 38  38  GLY GLY A . n 
A 1 20 VAL 20 39  39  VAL VAL A . n 
A 1 21 LYS 21 40  40  LYS LYS A . n 
A 1 22 LEU 22 41  41  LEU LEU A . n 
A 1 23 LEU 23 42  42  LEU LEU A . n 
A 1 24 GLU 24 43  43  GLU GLU A . n 
A 1 25 ILE 25 44  44  ILE ILE A . n 
A 1 26 LEU 26 45  45  LEU LEU A . n 
A 1 27 ALA 27 46  46  ALA ALA A . n 
A 1 28 GLU 28 47  47  GLU GLU A . n 
A 1 29 HIS 29 48  48  HIS HIS A . n 
A 1 30 VAL 30 49  49  VAL VAL A . n 
A 1 31 HIS 31 50  50  HIS HIS A . n 
A 1 32 MET 32 51  51  MET MET A . n 
A 1 33 SER 33 52  52  SER SER A . n 
A 1 34 SER 34 53  53  SER SER A . n 
A 1 35 GLY 35 54  54  GLY GLY A . n 
A 1 36 SER 36 55  55  SER SER A . n 
A 1 37 PHE 37 56  56  PHE PHE A . n 
A 1 38 ILE 38 57  57  ILE ILE A . n 
A 1 39 ASN 39 58  58  ASN ASN A . n 
A 1 40 ILE 40 59  59  ILE ILE A . n 
A 1 41 SER 41 60  60  SER SER A . n 
A 1 42 VAL 42 61  61  VAL VAL A . n 
A 1 43 VAL 43 62  62  VAL VAL A . n 
A 1 44 GLY 44 63  63  GLY GLY A . n 
A 1 45 PRO 45 64  64  PRO PRO A . n 
A 1 46 ALA 46 65  65  ALA ALA A . n 
A 1 47 LEU 47 66  66  LEU LEU A . n 
A 1 48 THR 48 67  67  THR THR A . n 
A 1 49 PHE 49 68  68  PHE PHE A . n 
A 1 50 ARG 50 69  69  ARG ARG A . n 
A 1 51 ILE 51 70  70  ILE ILE A . n 
A 1 52 ARG 52 71  71  ARG ARG A . n 
A 1 53 HIS 53 72  72  HIS HIS A . n 
A 1 54 ASN 54 73  73  ASN ASN A . n 
A 1 55 GLU 55 74  74  GLU GLU A . n 
A 1 56 GLN 56 75  75  GLN GLN A . n 
A 1 57 ASN 57 76  76  ASN ASN A . n 
A 1 58 LEU 58 77  77  LEU LEU A . n 
A 1 59 SER 59 78  78  SER SER A . n 
A 1 60 LEU 60 79  79  LEU LEU A . n 
A 1 61 ALA 61 80  80  ALA ALA A . n 
A 1 62 ASP 62 81  81  ASP ASP A . n 
A 1 63 VAL 63 82  82  VAL VAL A . n 
A 1 64 THR 64 83  83  THR THR A . n 
A 1 65 GLN 65 84  84  GLN GLN A . n 
A 1 66 GLN 66 85  85  GLN GLN A . n 
A 1 67 ALA 67 86  86  ALA ALA A . n 
A 1 68 GLY 68 87  87  GLY GLY A . n 
A 1 69 LEU 69 88  88  LEU LEU A . n 
A 1 70 VAL 70 89  89  VAL VAL A . n 
A 1 71 LYS 71 90  90  LYS LYS A . n 
A 1 72 SER 72 91  91  SER SER A . n 
A 1 73 GLU 73 92  92  GLU GLU A . n 
A 1 74 LEU 74 93  93  LEU LEU A . n 
A 1 75 GLU 75 94  94  GLU GLU A . n 
A 1 76 ALA 76 95  95  ALA ALA A . n 
A 1 77 GLN 77 96  96  GLN GLN A . n 
A 1 78 THR 78 97  97  THR THR A . n 
A 1 79 GLY 79 98  98  GLY GLY A . n 
A 1 80 LEU 80 99  99  LEU LEU A . n 
A 1 81 GLN 81 100 100 GLN GLN A . n 
A 1 82 ILE 82 101 101 ILE ILE A . n 
A 1 83 LEU 83 102 102 LEU LEU A . n 
A 1 84 GLN 84 103 103 GLN GLN A . n 
A 1 85 THR 85 104 104 THR THR A . n 
A 1 86 GLY 86 105 105 GLY GLY A . n 
A 1 87 VAL 87 106 106 VAL VAL A . n 
A 1 88 GLY 88 107 107 GLY GLY A . n 
A 1 89 GLN 89 108 108 GLN GLN A . n 
A 1 90 ARG 90 109 109 ARG ARG A . n 
A 1 91 GLU 91 110 ?   ?   ?   A . n 
B 1 1  ALA 1  20  20  ALA ALA B . n 
B 1 2  GLU 2  21  21  GLU GLU B . n 
B 1 3  GLU 3  22  22  GLU GLU B . n 
B 1 4  TYR 4  23  23  TYR TYR B . n 
B 1 5  GLY 5  24  24  GLY GLY B . n 
B 1 6  TYR 6  25  25  TYR TYR B . n 
B 1 7  ILE 7  26  26  ILE ILE B . n 
B 1 8  VAL 8  27  27  VAL VAL B . n 
B 1 9  THR 9  28  28  THR THR B . n 
B 1 10 ASP 10 29  29  ASP ASP B . n 
B 1 11 GLN 11 30  30  GLN GLN B . n 
B 1 12 LYS 12 31  31  LYS LYS B . n 
B 1 13 PRO 13 32  32  PRO PRO B . n 
B 1 14 LEU 14 33  33  LEU LEU B . n 
B 1 15 SER 15 34  34  SER SER B . n 
B 1 16 LEU 16 35  35  LEU LEU B . n 
B 1 17 ALA 17 36  36  ALA ALA B . n 
B 1 18 ALA 18 37  37  ALA ALA B . n 
B 1 19 GLY 19 38  38  GLY GLY B . n 
B 1 20 VAL 20 39  39  VAL VAL B . n 
B 1 21 LYS 21 40  40  LYS LYS B . n 
B 1 22 LEU 22 41  41  LEU LEU B . n 
B 1 23 LEU 23 42  42  LEU LEU B . n 
B 1 24 GLU 24 43  43  GLU GLU B . n 
B 1 25 ILE 25 44  44  ILE ILE B . n 
B 1 26 LEU 26 45  45  LEU LEU B . n 
B 1 27 ALA 27 46  46  ALA ALA B . n 
B 1 28 GLU 28 47  47  GLU GLU B . n 
B 1 29 HIS 29 48  48  HIS HIS B . n 
B 1 30 VAL 30 49  49  VAL VAL B . n 
B 1 31 HIS 31 50  50  HIS HIS B . n 
B 1 32 MET 32 51  51  MET MET B . n 
B 1 33 SER 33 52  52  SER SER B . n 
B 1 34 SER 34 53  53  SER SER B . n 
B 1 35 GLY 35 54  54  GLY GLY B . n 
B 1 36 SER 36 55  55  SER SER B . n 
B 1 37 PHE 37 56  56  PHE PHE B . n 
B 1 38 ILE 38 57  57  ILE ILE B . n 
B 1 39 ASN 39 58  58  ASN ASN B . n 
B 1 40 ILE 40 59  59  ILE ILE B . n 
B 1 41 SER 41 60  60  SER SER B . n 
B 1 42 VAL 42 61  61  VAL VAL B . n 
B 1 43 VAL 43 62  62  VAL VAL B . n 
B 1 44 GLY 44 63  63  GLY GLY B . n 
B 1 45 PRO 45 64  64  PRO PRO B . n 
B 1 46 ALA 46 65  65  ALA ALA B . n 
B 1 47 LEU 47 66  66  LEU LEU B . n 
B 1 48 THR 48 67  67  THR THR B . n 
B 1 49 PHE 49 68  68  PHE PHE B . n 
B 1 50 ARG 50 69  69  ARG ARG B . n 
B 1 51 ILE 51 70  70  ILE ILE B . n 
B 1 52 ARG 52 71  71  ARG ARG B . n 
B 1 53 HIS 53 72  72  HIS HIS B . n 
B 1 54 ASN 54 73  73  ASN ASN B . n 
B 1 55 GLU 55 74  74  GLU GLU B . n 
B 1 56 GLN 56 75  75  GLN GLN B . n 
B 1 57 ASN 57 76  76  ASN ASN B . n 
B 1 58 LEU 58 77  77  LEU LEU B . n 
B 1 59 SER 59 78  78  SER SER B . n 
B 1 60 LEU 60 79  79  LEU LEU B . n 
B 1 61 ALA 61 80  80  ALA ALA B . n 
B 1 62 ASP 62 81  81  ASP ASP B . n 
B 1 63 VAL 63 82  82  VAL VAL B . n 
B 1 64 THR 64 83  83  THR THR B . n 
B 1 65 GLN 65 84  84  GLN GLN B . n 
B 1 66 GLN 66 85  85  GLN GLN B . n 
B 1 67 ALA 67 86  86  ALA ALA B . n 
B 1 68 GLY 68 87  87  GLY GLY B . n 
B 1 69 LEU 69 88  88  LEU LEU B . n 
B 1 70 VAL 70 89  89  VAL VAL B . n 
B 1 71 LYS 71 90  90  LYS LYS B . n 
B 1 72 SER 72 91  91  SER SER B . n 
B 1 73 GLU 73 92  92  GLU GLU B . n 
B 1 74 LEU 74 93  93  LEU LEU B . n 
B 1 75 GLU 75 94  94  GLU GLU B . n 
B 1 76 ALA 76 95  95  ALA ALA B . n 
B 1 77 GLN 77 96  96  GLN GLN B . n 
B 1 78 THR 78 97  97  THR THR B . n 
B 1 79 GLY 79 98  98  GLY GLY B . n 
B 1 80 LEU 80 99  99  LEU LEU B . n 
B 1 81 GLN 81 100 100 GLN GLN B . n 
B 1 82 ILE 82 101 101 ILE ILE B . n 
B 1 83 LEU 83 102 102 LEU LEU B . n 
B 1 84 GLN 84 103 103 GLN GLN B . n 
B 1 85 THR 85 104 104 THR THR B . n 
B 1 86 GLY 86 105 105 GLY GLY B . n 
B 1 87 VAL 87 106 106 VAL VAL B . n 
B 1 88 GLY 88 107 107 GLY GLY B . n 
B 1 89 GLN 89 108 108 GLN GLN B . n 
B 1 90 ARG 90 109 109 ARG ARG B . n 
B 1 91 GLU 91 110 110 GLU GLU B . n 
# 
loop_
_pdbx_nonpoly_scheme.asym_id 
_pdbx_nonpoly_scheme.entity_id 
_pdbx_nonpoly_scheme.mon_id 
_pdbx_nonpoly_scheme.ndb_seq_num 
_pdbx_nonpoly_scheme.pdb_seq_num 
_pdbx_nonpoly_scheme.auth_seq_num 
_pdbx_nonpoly_scheme.pdb_mon_id 
_pdbx_nonpoly_scheme.auth_mon_id 
_pdbx_nonpoly_scheme.pdb_strand_id 
_pdbx_nonpoly_scheme.pdb_ins_code 
C 2 CA  1  202 202 CA  CA  A . 
D 2 CA  1  203 203 CA  CA  A . 
E 2 CA  1  201 201 CA  CA  B . 
F 3 HOH 1  305 305 HOH HOH A . 
F 3 HOH 2  306 306 HOH HOH A . 
F 3 HOH 3  307 307 HOH HOH A . 
F 3 HOH 4  308 308 HOH HOH A . 
F 3 HOH 5  311 311 HOH HOH A . 
F 3 HOH 6  313 313 HOH HOH A . 
F 3 HOH 7  315 315 HOH HOH A . 
F 3 HOH 8  316 316 HOH HOH A . 
F 3 HOH 9  317 317 HOH HOH A . 
F 3 HOH 10 320 320 HOH HOH A . 
F 3 HOH 11 323 323 HOH HOH A . 
F 3 HOH 12 324 324 HOH HOH A . 
F 3 HOH 13 325 325 HOH HOH A . 
F 3 HOH 14 326 326 HOH HOH A . 
F 3 HOH 15 327 327 HOH HOH A . 
F 3 HOH 16 328 328 HOH HOH A . 
F 3 HOH 17 329 329 HOH HOH A . 
F 3 HOH 18 331 331 HOH HOH A . 
F 3 HOH 19 335 335 HOH HOH A . 
F 3 HOH 20 336 336 HOH HOH A . 
F 3 HOH 21 338 338 HOH HOH A . 
F 3 HOH 22 340 340 HOH HOH A . 
F 3 HOH 23 342 342 HOH HOH A . 
F 3 HOH 24 346 346 HOH HOH A . 
F 3 HOH 25 347 347 HOH HOH A . 
F 3 HOH 26 348 348 HOH HOH A . 
F 3 HOH 27 349 349 HOH HOH A . 
F 3 HOH 28 351 351 HOH HOH A . 
F 3 HOH 29 352 352 HOH HOH A . 
F 3 HOH 30 353 353 HOH HOH A . 
F 3 HOH 31 354 354 HOH HOH A . 
F 3 HOH 32 355 355 HOH HOH A . 
F 3 HOH 33 356 356 HOH HOH A . 
F 3 HOH 34 357 357 HOH HOH A . 
F 3 HOH 35 359 359 HOH HOH A . 
F 3 HOH 36 361 361 HOH HOH A . 
F 3 HOH 37 363 363 HOH HOH A . 
F 3 HOH 38 367 367 HOH HOH A . 
F 3 HOH 39 369 369 HOH HOH A . 
F 3 HOH 40 373 373 HOH HOH A . 
F 3 HOH 41 376 376 HOH HOH A . 
F 3 HOH 42 381 381 HOH HOH A . 
F 3 HOH 43 383 383 HOH HOH A . 
F 3 HOH 44 385 385 HOH HOH A . 
F 3 HOH 45 386 386 HOH HOH A . 
F 3 HOH 46 390 390 HOH HOH A . 
F 3 HOH 47 391 391 HOH HOH A . 
F 3 HOH 48 394 394 HOH HOH A . 
F 3 HOH 49 396 396 HOH HOH A . 
F 3 HOH 50 398 398 HOH HOH A . 
F 3 HOH 51 400 400 HOH HOH A . 
F 3 HOH 52 401 401 HOH HOH A . 
F 3 HOH 53 402 402 HOH HOH A . 
F 3 HOH 54 403 403 HOH HOH A . 
F 3 HOH 55 407 407 HOH HOH A . 
F 3 HOH 56 408 408 HOH HOH A . 
F 3 HOH 57 409 409 HOH HOH A . 
F 3 HOH 58 410 410 HOH HOH A . 
F 3 HOH 59 411 411 HOH HOH A . 
F 3 HOH 60 412 412 HOH HOH A . 
F 3 HOH 61 413 413 HOH HOH A . 
F 3 HOH 62 414 414 HOH HOH A . 
F 3 HOH 63 415 415 HOH HOH A . 
F 3 HOH 64 416 416 HOH HOH A . 
F 3 HOH 65 417 417 HOH HOH A . 
F 3 HOH 66 418 418 HOH HOH A . 
F 3 HOH 67 419 419 HOH HOH A . 
F 3 HOH 68 420 420 HOH HOH A . 
F 3 HOH 69 421 421 HOH HOH A . 
F 3 HOH 70 422 422 HOH HOH A . 
F 3 HOH 71 424 424 HOH HOH A . 
F 3 HOH 72 425 425 HOH HOH A . 
F 3 HOH 73 426 426 HOH HOH A . 
F 3 HOH 74 427 427 HOH HOH A . 
F 3 HOH 75 428 428 HOH HOH A . 
F 3 HOH 76 445 445 HOH HOH A . 
F 3 HOH 77 446 446 HOH HOH A . 
F 3 HOH 78 447 447 HOH HOH A . 
F 3 HOH 79 456 456 HOH HOH A . 
F 3 HOH 80 457 457 HOH HOH A . 
F 3 HOH 81 458 458 HOH HOH A . 
F 3 HOH 82 460 460 HOH HOH A . 
F 3 HOH 83 461 461 HOH HOH A . 
F 3 HOH 84 462 462 HOH HOH A . 
F 3 HOH 85 466 466 HOH HOH A . 
F 3 HOH 86 502 502 HOH HOH A . 
F 3 HOH 87 504 504 HOH HOH A . 
F 3 HOH 88 505 505 HOH HOH A . 
F 3 HOH 89 507 507 HOH HOH A . 
F 3 HOH 90 508 508 HOH HOH A . 
F 3 HOH 91 511 511 HOH HOH A . 
F 3 HOH 92 512 512 HOH HOH A . 
F 3 HOH 93 514 514 HOH HOH A . 
F 3 HOH 94 515 515 HOH HOH A . 
F 3 HOH 95 516 516 HOH HOH A . 
G 3 HOH 1  301 301 HOH HOH B . 
G 3 HOH 2  302 302 HOH HOH B . 
G 3 HOH 3  304 304 HOH HOH B . 
G 3 HOH 4  309 309 HOH HOH B . 
G 3 HOH 5  310 310 HOH HOH B . 
G 3 HOH 6  312 312 HOH HOH B . 
G 3 HOH 7  314 314 HOH HOH B . 
G 3 HOH 8  318 318 HOH HOH B . 
G 3 HOH 9  319 319 HOH HOH B . 
G 3 HOH 10 321 321 HOH HOH B . 
G 3 HOH 11 322 322 HOH HOH B . 
G 3 HOH 12 330 330 HOH HOH B . 
G 3 HOH 13 332 332 HOH HOH B . 
G 3 HOH 14 333 333 HOH HOH B . 
G 3 HOH 15 334 334 HOH HOH B . 
G 3 HOH 16 339 339 HOH HOH B . 
G 3 HOH 17 341 341 HOH HOH B . 
G 3 HOH 18 343 343 HOH HOH B . 
G 3 HOH 19 344 344 HOH HOH B . 
G 3 HOH 20 345 345 HOH HOH B . 
G 3 HOH 21 350 350 HOH HOH B . 
G 3 HOH 22 358 358 HOH HOH B . 
G 3 HOH 23 360 360 HOH HOH B . 
G 3 HOH 24 362 362 HOH HOH B . 
G 3 HOH 25 364 364 HOH HOH B . 
G 3 HOH 26 365 365 HOH HOH B . 
G 3 HOH 27 366 366 HOH HOH B . 
G 3 HOH 28 368 368 HOH HOH B . 
G 3 HOH 29 370 370 HOH HOH B . 
G 3 HOH 30 371 371 HOH HOH B . 
G 3 HOH 31 372 372 HOH HOH B . 
G 3 HOH 32 374 374 HOH HOH B . 
G 3 HOH 33 375 375 HOH HOH B . 
G 3 HOH 34 377 377 HOH HOH B . 
G 3 HOH 35 378 378 HOH HOH B . 
G 3 HOH 36 380 380 HOH HOH B . 
G 3 HOH 37 382 382 HOH HOH B . 
G 3 HOH 38 384 384 HOH HOH B . 
G 3 HOH 39 387 387 HOH HOH B . 
G 3 HOH 40 388 388 HOH HOH B . 
G 3 HOH 41 389 389 HOH HOH B . 
G 3 HOH 42 393 393 HOH HOH B . 
G 3 HOH 43 395 395 HOH HOH B . 
G 3 HOH 44 399 399 HOH HOH B . 
G 3 HOH 45 405 405 HOH HOH B . 
G 3 HOH 46 406 406 HOH HOH B . 
G 3 HOH 47 423 423 HOH HOH B . 
G 3 HOH 48 429 429 HOH HOH B . 
G 3 HOH 49 430 430 HOH HOH B . 
G 3 HOH 50 431 431 HOH HOH B . 
G 3 HOH 51 432 432 HOH HOH B . 
G 3 HOH 52 433 433 HOH HOH B . 
G 3 HOH 53 434 434 HOH HOH B . 
G 3 HOH 54 435 435 HOH HOH B . 
G 3 HOH 55 436 436 HOH HOH B . 
G 3 HOH 56 437 437 HOH HOH B . 
G 3 HOH 57 438 438 HOH HOH B . 
G 3 HOH 58 439 439 HOH HOH B . 
G 3 HOH 59 440 440 HOH HOH B . 
G 3 HOH 60 441 441 HOH HOH B . 
G 3 HOH 61 442 442 HOH HOH B . 
G 3 HOH 62 443 443 HOH HOH B . 
G 3 HOH 63 448 448 HOH HOH B . 
G 3 HOH 64 449 449 HOH HOH B . 
G 3 HOH 65 450 450 HOH HOH B . 
G 3 HOH 66 451 451 HOH HOH B . 
G 3 HOH 67 452 452 HOH HOH B . 
G 3 HOH 68 453 453 HOH HOH B . 
G 3 HOH 69 454 454 HOH HOH B . 
G 3 HOH 70 455 455 HOH HOH B . 
G 3 HOH 71 459 459 HOH HOH B . 
G 3 HOH 72 463 463 HOH HOH B . 
G 3 HOH 73 464 464 HOH HOH B . 
G 3 HOH 74 465 465 HOH HOH B . 
G 3 HOH 75 467 467 HOH HOH B . 
G 3 HOH 76 501 501 HOH HOH B . 
G 3 HOH 77 503 503 HOH HOH B . 
G 3 HOH 78 506 506 HOH HOH B . 
G 3 HOH 79 509 509 HOH HOH B . 
G 3 HOH 80 510 510 HOH HOH B . 
G 3 HOH 81 513 513 HOH HOH B . 
# 
loop_
_pdbx_unobs_or_zero_occ_atoms.id 
_pdbx_unobs_or_zero_occ_atoms.PDB_model_num 
_pdbx_unobs_or_zero_occ_atoms.polymer_flag 
_pdbx_unobs_or_zero_occ_atoms.occupancy_flag 
_pdbx_unobs_or_zero_occ_atoms.auth_asym_id 
_pdbx_unobs_or_zero_occ_atoms.auth_comp_id 
_pdbx_unobs_or_zero_occ_atoms.auth_seq_id 
_pdbx_unobs_or_zero_occ_atoms.PDB_ins_code 
_pdbx_unobs_or_zero_occ_atoms.auth_atom_id 
_pdbx_unobs_or_zero_occ_atoms.label_alt_id 
_pdbx_unobs_or_zero_occ_atoms.label_asym_id 
_pdbx_unobs_or_zero_occ_atoms.label_comp_id 
_pdbx_unobs_or_zero_occ_atoms.label_seq_id 
_pdbx_unobs_or_zero_occ_atoms.label_atom_id 
1  1 Y 1 A GLU 21  ? CG  ? A GLU 2  CG  
2  1 Y 1 A GLU 21  ? CD  ? A GLU 2  CD  
3  1 Y 1 A GLU 21  ? OE1 ? A GLU 2  OE1 
4  1 Y 1 A GLU 21  ? OE2 ? A GLU 2  OE2 
5  1 Y 1 A HIS 72  ? CG  ? A HIS 53 CG  
6  1 Y 1 A HIS 72  ? ND1 ? A HIS 53 ND1 
7  1 Y 1 A HIS 72  ? CD2 ? A HIS 53 CD2 
8  1 Y 1 A HIS 72  ? CE1 ? A HIS 53 CE1 
9  1 Y 1 A HIS 72  ? NE2 ? A HIS 53 NE2 
10 1 Y 1 A GLN 108 ? CG  ? A GLN 89 CG  
11 1 Y 1 A GLN 108 ? CD  ? A GLN 89 CD  
12 1 Y 1 A GLN 108 ? OE1 ? A GLN 89 OE1 
13 1 Y 1 A GLN 108 ? NE2 ? A GLN 89 NE2 
14 1 Y 1 B GLU 21  ? CG  ? B GLU 2  CG  
15 1 Y 1 B GLU 21  ? CD  ? B GLU 2  CD  
16 1 Y 1 B GLU 21  ? OE1 ? B GLU 2  OE1 
17 1 Y 1 B GLU 21  ? OE2 ? B GLU 2  OE2 
18 1 Y 1 B LYS 31  ? CG  ? B LYS 12 CG  
19 1 Y 1 B LYS 31  ? CD  ? B LYS 12 CD  
20 1 Y 1 B LYS 31  ? CE  ? B LYS 12 CE  
21 1 Y 1 B LYS 31  ? NZ  ? B LYS 12 NZ  
22 1 Y 1 B GLU 74  ? CG  ? B GLU 55 CG  
23 1 Y 1 B GLU 74  ? CD  ? B GLU 55 CD  
24 1 Y 1 B GLU 74  ? OE1 ? B GLU 55 OE1 
25 1 Y 1 B GLU 74  ? OE2 ? B GLU 55 OE2 
26 1 Y 1 B GLN 75  ? CG  ? B GLN 56 CG  
27 1 Y 1 B GLN 75  ? CD  ? B GLN 56 CD  
28 1 Y 1 B GLN 75  ? OE1 ? B GLN 56 OE1 
29 1 Y 1 B GLN 75  ? NE2 ? B GLN 56 NE2 
30 1 Y 1 B ASN 76  ? CG  ? B ASN 57 CG  
31 1 Y 1 B ASN 76  ? OD1 ? B ASN 57 OD1 
32 1 Y 1 B ASN 76  ? ND2 ? B ASN 57 ND2 
33 1 Y 1 B ARG 109 ? CG  ? B ARG 90 CG  
34 1 Y 1 B ARG 109 ? CD  ? B ARG 90 CD  
35 1 Y 1 B ARG 109 ? NE  ? B ARG 90 NE  
36 1 Y 1 B ARG 109 ? CZ  ? B ARG 90 CZ  
37 1 Y 1 B ARG 109 ? NH1 ? B ARG 90 NH1 
38 1 Y 1 B ARG 109 ? NH2 ? B ARG 90 NH2 
39 1 Y 1 B GLU 110 ? CG  ? B GLU 91 CG  
40 1 Y 1 B GLU 110 ? CD  ? B GLU 91 CD  
41 1 Y 1 B GLU 110 ? OE1 ? B GLU 91 OE1 
42 1 Y 1 B GLU 110 ? OE2 ? B GLU 91 OE2 
# 
loop_
_software.name 
_software.classification 
_software.version 
_software.citation_id 
_software.pdbx_ordinal 
REFMAC   refinement        5.2.0019          ? 1 
Blu-Ice  'data collection' '(Blue-Ice like)' ? 2 
HKL-2000 'data reduction'  .                 ? 3 
HKL-2000 'data scaling'    .                 ? 4 
SHELXDE  phasing           .                 ? 5 
# 
_cell.entry_id           2QT7 
_cell.length_a           31.756 
_cell.length_b           66.799 
_cell.length_c           73.131 
_cell.angle_alpha        90.00 
_cell.angle_beta         90.00 
_cell.angle_gamma        90.00 
_cell.Z_PDB              8 
_cell.pdbx_unique_axis   ? 
_cell.length_a_esd       ? 
_cell.length_b_esd       ? 
_cell.length_c_esd       ? 
_cell.angle_alpha_esd    ? 
_cell.angle_beta_esd     ? 
_cell.angle_gamma_esd    ? 
# 
_symmetry.entry_id                         2QT7 
_symmetry.space_group_name_H-M             'P 21 21 21' 
_symmetry.pdbx_full_space_group_name_H-M   ? 
_symmetry.cell_setting                     ? 
_symmetry.Int_Tables_number                19 
_symmetry.space_group_name_Hall            ? 
# 
_exptl.entry_id          2QT7 
_exptl.method            'X-RAY DIFFRACTION' 
_exptl.crystals_number   1 
# 
_exptl_crystal.id                    1 
_exptl_crystal.density_meas          ? 
_exptl_crystal.density_Matthews      1.97 
_exptl_crystal.density_percent_sol   37.60 
_exptl_crystal.description           ? 
_exptl_crystal.F_000                 ? 
_exptl_crystal.preparation           ? 
# 
_exptl_crystal_grow.crystal_id      1 
_exptl_crystal_grow.method          'VAPOR DIFFUSION, HANGING DROP' 
_exptl_crystal_grow.temp            292 
_exptl_crystal_grow.temp_details    ? 
_exptl_crystal_grow.pH              8.5 
_exptl_crystal_grow.pdbx_details    
'25% (w/v) PEG 4000, 0.1 M Tris pH 8.5, 0.2 M CaCl2, VAPOR DIFFUSION, HANGING DROP, temperature 292K' 
_exptl_crystal_grow.pdbx_pH_range   . 
# 
_diffrn.id                     1 
_diffrn.ambient_temp           100 
_diffrn.ambient_temp_details   ? 
_diffrn.crystal_id             1 
# 
_diffrn_detector.diffrn_id              1 
_diffrn_detector.detector               CCD 
_diffrn_detector.type                   'ADSC QUANTUM 210' 
_diffrn_detector.pdbx_collection_date   2006-11-16 
_diffrn_detector.details                'Toroidal focusing mirror' 
# 
_diffrn_radiation.diffrn_id                        1 
_diffrn_radiation.wavelength_id                    1 
_diffrn_radiation.pdbx_monochromatic_or_laue_m_l   M 
_diffrn_radiation.monochromator                    'Si (111) channel cut monochromator' 
_diffrn_radiation.pdbx_diffrn_protocol             'SINGLE WAVELENGTH' 
_diffrn_radiation.pdbx_scattering_type             x-ray 
# 
loop_
_diffrn_radiation_wavelength.id 
_diffrn_radiation_wavelength.wavelength 
_diffrn_radiation_wavelength.wt 
1 0.9793 1.0 
2 1.5895 1.0 
# 
_diffrn_source.diffrn_id                   1 
_diffrn_source.source                      SYNCHROTRON 
_diffrn_source.type                        'NSLS BEAMLINE X6A' 
_diffrn_source.pdbx_synchrotron_site       NSLS 
_diffrn_source.pdbx_synchrotron_beamline   X6A 
_diffrn_source.pdbx_wavelength             ? 
_diffrn_source.pdbx_wavelength_list        '0.9793, 1.5895' 
# 
_reflns.entry_id                     2QT7 
_reflns.observed_criterion_sigma_F   0 
_reflns.observed_criterion_sigma_I   0 
_reflns.d_resolution_high            1.30 
_reflns.d_resolution_low             24.0 
_reflns.number_all                   38269 
_reflns.number_obs                   38269 
_reflns.percent_possible_obs         97.7 
_reflns.pdbx_Rmerge_I_obs            0.030 
_reflns.pdbx_Rsym_value              0.030 
_reflns.pdbx_netI_over_sigmaI        43.1 
_reflns.B_iso_Wilson_estimate        13.6 
_reflns.pdbx_redundancy              7.6 
_reflns.R_free_details               ? 
_reflns.limit_h_max                  ? 
_reflns.limit_h_min                  ? 
_reflns.limit_k_max                  ? 
_reflns.limit_k_min                  ? 
_reflns.limit_l_max                  ? 
_reflns.limit_l_min                  ? 
_reflns.observed_criterion_F_max     ? 
_reflns.observed_criterion_F_min     ? 
_reflns.pdbx_chi_squared             ? 
_reflns.pdbx_scaling_rejects         ? 
_reflns.pdbx_diffrn_id               1 
_reflns.pdbx_ordinal                 1 
# 
_reflns_shell.d_res_high             1.30 
_reflns_shell.d_res_low              1.32 
_reflns_shell.percent_possible_all   81.4 
_reflns_shell.Rmerge_I_obs           0.213 
_reflns_shell.pdbx_Rsym_value        0.213 
_reflns_shell.meanI_over_sigI_obs    5.5 
_reflns_shell.pdbx_redundancy        4.3 
_reflns_shell.percent_possible_obs   ? 
_reflns_shell.number_unique_all      1587 
_reflns_shell.number_measured_all    ? 
_reflns_shell.number_measured_obs    ? 
_reflns_shell.number_unique_obs      ? 
_reflns_shell.pdbx_chi_squared       ? 
_reflns_shell.pdbx_diffrn_id         ? 
_reflns_shell.pdbx_ordinal           1 
# 
_refine.entry_id                                 2QT7 
_refine.ls_number_reflns_obs                     36265 
_refine.ls_number_reflns_all                     38269 
_refine.pdbx_ls_sigma_I                          0 
_refine.pdbx_ls_sigma_F                          0 
_refine.pdbx_data_cutoff_high_absF               ? 
_refine.pdbx_data_cutoff_low_absF                ? 
_refine.pdbx_data_cutoff_high_rms_absF           ? 
_refine.ls_d_res_low                             23.97 
_refine.ls_d_res_high                            1.30 
_refine.ls_percent_reflns_obs                    97.66 
_refine.ls_R_factor_obs                          0.22159 
_refine.ls_R_factor_all                          ? 
_refine.ls_R_factor_R_work                       0.22048 
_refine.ls_R_factor_R_free                       0.24216 
_refine.ls_R_factor_R_free_error                 ? 
_refine.ls_R_factor_R_free_error_details         ? 
_refine.ls_percent_reflns_R_free                 5.0 
_refine.ls_number_reflns_R_free                  1922 
_refine.ls_number_parameters                     ? 
_refine.ls_number_restraints                     ? 
_refine.occupancy_min                            ? 
_refine.occupancy_max                            ? 
_refine.correlation_coeff_Fo_to_Fc               0.947 
_refine.correlation_coeff_Fo_to_Fc_free          0.940 
_refine.B_iso_mean                               15.782 
_refine.aniso_B[1][1]                            0.74 
_refine.aniso_B[2][2]                            0.00 
_refine.aniso_B[3][3]                            -0.74 
_refine.aniso_B[1][2]                            0.00 
_refine.aniso_B[1][3]                            0.00 
_refine.aniso_B[2][3]                            0.00 
_refine.solvent_model_details                    MASK 
_refine.solvent_model_param_ksol                 ? 
_refine.solvent_model_param_bsol                 ? 
_refine.pdbx_solvent_vdw_probe_radii             1.20 
_refine.pdbx_solvent_ion_probe_radii             0.80 
_refine.pdbx_solvent_shrinkage_radii             0.80 
_refine.pdbx_ls_cross_valid_method               THROUGHOUT 
_refine.details                                  ? 
_refine.pdbx_starting_model                      ? 
_refine.pdbx_method_to_determine_struct          SAD 
_refine.pdbx_isotropic_thermal_model             ? 
_refine.pdbx_stereochemistry_target_values       'MAXIMUM LIKELIHOOD' 
_refine.pdbx_stereochem_target_val_spec_case     ? 
_refine.pdbx_R_Free_selection_details            RANDOM 
_refine.pdbx_overall_ESU_R                       0.067 
_refine.pdbx_overall_ESU_R_Free                  0.067 
_refine.overall_SU_ML                            0.041 
_refine.overall_SU_B                             0.937 
_refine.ls_redundancy_reflns_obs                 ? 
_refine.B_iso_min                                ? 
_refine.B_iso_max                                ? 
_refine.overall_SU_R_Cruickshank_DPI             ? 
_refine.overall_SU_R_free                        ? 
_refine.ls_wR_factor_R_free                      ? 
_refine.ls_wR_factor_R_work                      ? 
_refine.overall_FOM_free_R_set                   ? 
_refine.overall_FOM_work_R_set                   ? 
_refine.pdbx_refine_id                           'X-RAY DIFFRACTION' 
_refine.pdbx_diffrn_id                           1 
_refine.pdbx_TLS_residual_ADP_flag               ? 
_refine.pdbx_overall_phase_error                 ? 
_refine.pdbx_overall_SU_R_free_Cruickshank_DPI   ? 
_refine.pdbx_overall_SU_R_Blow_DPI               ? 
_refine.pdbx_overall_SU_R_free_Blow_DPI          ? 
# 
_refine_hist.pdbx_refine_id                   'X-RAY DIFFRACTION' 
_refine_hist.cycle_id                         LAST 
_refine_hist.pdbx_number_atoms_protein        1383 
_refine_hist.pdbx_number_atoms_nucleic_acid   0 
_refine_hist.pdbx_number_atoms_ligand         3 
_refine_hist.number_atoms_solvent             176 
_refine_hist.number_atoms_total               1562 
_refine_hist.d_res_high                       1.30 
_refine_hist.d_res_low                        23.97 
# 
loop_
_refine_ls_restr.type 
_refine_ls_restr.dev_ideal 
_refine_ls_restr.dev_ideal_target 
_refine_ls_restr.weight 
_refine_ls_restr.number 
_refine_ls_restr.pdbx_refine_id 
_refine_ls_restr.pdbx_restraint_function 
r_bond_refined_d             0.008  0.022  ? 1408 'X-RAY DIFFRACTION' ? 
r_angle_refined_deg          1.161  1.969  ? 1927 'X-RAY DIFFRACTION' ? 
r_dihedral_angle_1_deg       5.370  5.000  ? 195  'X-RAY DIFFRACTION' ? 
r_dihedral_angle_2_deg       39.001 25.789 ? 57   'X-RAY DIFFRACTION' ? 
r_dihedral_angle_3_deg       11.001 15.000 ? 240  'X-RAY DIFFRACTION' ? 
r_dihedral_angle_4_deg       20.521 15.000 ? 5    'X-RAY DIFFRACTION' ? 
r_chiral_restr               0.080  0.200  ? 239  'X-RAY DIFFRACTION' ? 
r_gen_planes_refined         0.005  0.020  ? 1047 'X-RAY DIFFRACTION' ? 
r_nbd_refined                0.214  0.200  ? 679  'X-RAY DIFFRACTION' ? 
r_nbtor_refined              0.301  0.200  ? 1045 'X-RAY DIFFRACTION' ? 
r_xyhbond_nbd_refined        0.131  0.200  ? 118  'X-RAY DIFFRACTION' ? 
r_metal_ion_refined          0.099  0.200  ? 6    'X-RAY DIFFRACTION' ? 
r_symmetry_vdw_refined       0.159  0.200  ? 56   'X-RAY DIFFRACTION' ? 
r_symmetry_hbond_refined     0.145  0.200  ? 28   'X-RAY DIFFRACTION' ? 
r_symmetry_metal_ion_refined 0.040  0.200  ? 2    'X-RAY DIFFRACTION' ? 
r_mcbond_it                  0.884  1.500  ? 937  'X-RAY DIFFRACTION' ? 
r_mcangle_it                 1.479  2.000  ? 1479 'X-RAY DIFFRACTION' ? 
r_scbond_it                  2.001  3.000  ? 508  'X-RAY DIFFRACTION' ? 
r_scangle_it                 3.001  4.500  ? 441  'X-RAY DIFFRACTION' ? 
# 
_refine_ls_shell.pdbx_total_number_of_bins_used   20 
_refine_ls_shell.d_res_high                       1.300 
_refine_ls_shell.d_res_low                        1.334 
_refine_ls_shell.number_reflns_R_work             2238 
_refine_ls_shell.R_factor_R_work                  0.267 
_refine_ls_shell.percent_reflns_obs               82.99 
_refine_ls_shell.R_factor_R_free                  0.345 
_refine_ls_shell.R_factor_R_free_error            ? 
_refine_ls_shell.percent_reflns_R_free            ? 
_refine_ls_shell.number_reflns_R_free             129 
_refine_ls_shell.number_reflns_all                ? 
_refine_ls_shell.R_factor_all                     ? 
_refine_ls_shell.number_reflns_obs                ? 
_refine_ls_shell.redundancy_reflns_obs            ? 
_refine_ls_shell.pdbx_refine_id                   'X-RAY DIFFRACTION' 
# 
_struct.entry_id                  2QT7 
_struct.title                     
'Crystallographic structure of the mature ectodomain of the human receptor-type protein-tyrosine phosphatase IA-2 at 1.30 Angstroms' 
_struct.pdbx_model_details        ? 
_struct.pdbx_CASP_flag            N 
_struct.pdbx_model_type_details   ? 
# 
_struct_keywords.entry_id        2QT7 
_struct_keywords.pdbx_keywords   HYDROLASE 
_struct_keywords.text            
;IA-2, ICA-512, protein-tyrosine phosphatase, transmembrane protein, diabetes, autoimmunity, proteolysis, Glycoprotein, Receptor, HYDROLASE
;
# 
loop_
_struct_asym.id 
_struct_asym.pdbx_blank_PDB_chainid_flag 
_struct_asym.pdbx_modified 
_struct_asym.entity_id 
_struct_asym.details 
A N N 1 ? 
B N N 1 ? 
C N N 2 ? 
D N N 2 ? 
E N N 2 ? 
F N N 3 ? 
G N N 3 ? 
# 
_struct_ref.id                         1 
_struct_ref.db_name                    UNP 
_struct_ref.db_code                    PTPRN_HUMAN 
_struct_ref.pdbx_db_accession          Q16849 
_struct_ref.entity_id                  1 
_struct_ref.pdbx_seq_one_letter_code   
;AEEYGYIVTDQKPLSLAAGVKLLEILAEHVHMSSGSFINISVVGPALTFRIRHNEQNLSLADVTQQAGLVKSELEAQTGL
QILQTGVGQRE
;
_struct_ref.pdbx_align_begin           468 
_struct_ref.pdbx_db_isoform            ? 
# 
loop_
_struct_ref_seq.align_id 
_struct_ref_seq.ref_id 
_struct_ref_seq.pdbx_PDB_id_code 
_struct_ref_seq.pdbx_strand_id 
_struct_ref_seq.seq_align_beg 
_struct_ref_seq.pdbx_seq_align_beg_ins_code 
_struct_ref_seq.seq_align_end 
_struct_ref_seq.pdbx_seq_align_end_ins_code 
_struct_ref_seq.pdbx_db_accession 
_struct_ref_seq.db_align_beg 
_struct_ref_seq.pdbx_db_align_beg_ins_code 
_struct_ref_seq.db_align_end 
_struct_ref_seq.pdbx_db_align_end_ins_code 
_struct_ref_seq.pdbx_auth_seq_align_beg 
_struct_ref_seq.pdbx_auth_seq_align_end 
1 1 2QT7 A 1 ? 91 ? Q16849 468 ? 558 ? 20 110 
2 1 2QT7 B 1 ? 91 ? Q16849 468 ? 558 ? 20 110 
# 
loop_
_pdbx_struct_assembly.id 
_pdbx_struct_assembly.details 
_pdbx_struct_assembly.method_details 
_pdbx_struct_assembly.oligomeric_details 
_pdbx_struct_assembly.oligomeric_count 
1 software_defined_assembly PISA tetrameric 4 
2 author_defined_assembly   ?    dimeric    2 
# 
_pdbx_struct_assembly_prop.biol_id   1 
_pdbx_struct_assembly_prop.type      'ABSA (A^2)' 
_pdbx_struct_assembly_prop.value     1330 
_pdbx_struct_assembly_prop.details   ? 
# 
loop_
_pdbx_struct_assembly_gen.assembly_id 
_pdbx_struct_assembly_gen.oper_expression 
_pdbx_struct_assembly_gen.asym_id_list 
1 1,2 A,B,C,D,E,F,G 
2 1   A,B,C,D,E,F,G 
# 
loop_
_pdbx_struct_oper_list.id 
_pdbx_struct_oper_list.type 
_pdbx_struct_oper_list.name 
_pdbx_struct_oper_list.symmetry_operation 
_pdbx_struct_oper_list.matrix[1][1] 
_pdbx_struct_oper_list.matrix[1][2] 
_pdbx_struct_oper_list.matrix[1][3] 
_pdbx_struct_oper_list.vector[1] 
_pdbx_struct_oper_list.matrix[2][1] 
_pdbx_struct_oper_list.matrix[2][2] 
_pdbx_struct_oper_list.matrix[2][3] 
_pdbx_struct_oper_list.vector[2] 
_pdbx_struct_oper_list.matrix[3][1] 
_pdbx_struct_oper_list.matrix[3][2] 
_pdbx_struct_oper_list.matrix[3][3] 
_pdbx_struct_oper_list.vector[3] 
1 'identity operation'         1_555 x,y,z           1.0000000000  0.0000000000 0.0000000000 0.0000000000   0.0000000000 1.0000000000 0.0000000000 0.0000000000   0.0000000000 0.0000000000 1.0000000000  0.0000000000   
2 'crystal symmetry operation' 2_555 -x+1/2,-y,z+1/2 -0.7935470836 0.5850125382 0.1674615066 -19.8928587063 0.5850125382 0.6577129347 0.4745250527 -29.8641126551 0.1674615066 0.4745250527 -0.8641658511 -11.4554578432 
# 
_struct_biol.id        1 
_struct_biol.details   ? 
# 
loop_
_struct_conf.conf_type_id 
_struct_conf.id 
_struct_conf.pdbx_PDB_helix_id 
_struct_conf.beg_label_comp_id 
_struct_conf.beg_label_asym_id 
_struct_conf.beg_label_seq_id 
_struct_conf.pdbx_beg_PDB_ins_code 
_struct_conf.end_label_comp_id 
_struct_conf.end_label_asym_id 
_struct_conf.end_label_seq_id 
_struct_conf.pdbx_end_PDB_ins_code 
_struct_conf.beg_auth_comp_id 
_struct_conf.beg_auth_asym_id 
_struct_conf.beg_auth_seq_id 
_struct_conf.end_auth_comp_id 
_struct_conf.end_auth_asym_id 
_struct_conf.end_auth_seq_id 
_struct_conf.pdbx_PDB_helix_class 
_struct_conf.details 
_struct_conf.pdbx_PDB_helix_length 
HELX_P HELX_P1 1 LEU A 16 ? VAL A 30 ? LEU A 35 VAL A 49 1 ? 15 
HELX_P HELX_P2 2 LEU A 60 ? LEU A 69 ? LEU A 79 LEU A 88 1 ? 10 
HELX_P HELX_P3 3 LYS A 71 ? THR A 78 ? LYS A 90 THR A 97 1 ? 8  
HELX_P HELX_P4 4 LEU B 16 ? VAL B 30 ? LEU B 35 VAL B 49 1 ? 15 
HELX_P HELX_P5 5 LEU B 60 ? LEU B 69 ? LEU B 79 LEU B 88 1 ? 10 
HELX_P HELX_P6 6 LYS B 71 ? THR B 78 ? LYS B 90 THR B 97 1 ? 8  
# 
_struct_conf_type.id          HELX_P 
_struct_conf_type.criteria    ? 
_struct_conf_type.reference   ? 
# 
loop_
_struct_conn.id 
_struct_conn.conn_type_id 
_struct_conn.pdbx_leaving_atom_flag 
_struct_conn.pdbx_PDB_id 
_struct_conn.ptnr1_label_asym_id 
_struct_conn.ptnr1_label_comp_id 
_struct_conn.ptnr1_label_seq_id 
_struct_conn.ptnr1_label_atom_id 
_struct_conn.pdbx_ptnr1_label_alt_id 
_struct_conn.pdbx_ptnr1_PDB_ins_code 
_struct_conn.pdbx_ptnr1_standard_comp_id 
_struct_conn.ptnr1_symmetry 
_struct_conn.ptnr2_label_asym_id 
_struct_conn.ptnr2_label_comp_id 
_struct_conn.ptnr2_label_seq_id 
_struct_conn.ptnr2_label_atom_id 
_struct_conn.pdbx_ptnr2_label_alt_id 
_struct_conn.pdbx_ptnr2_PDB_ins_code 
_struct_conn.ptnr1_auth_asym_id 
_struct_conn.ptnr1_auth_comp_id 
_struct_conn.ptnr1_auth_seq_id 
_struct_conn.ptnr2_auth_asym_id 
_struct_conn.ptnr2_auth_comp_id 
_struct_conn.ptnr2_auth_seq_id 
_struct_conn.ptnr2_symmetry 
_struct_conn.pdbx_ptnr3_label_atom_id 
_struct_conn.pdbx_ptnr3_label_seq_id 
_struct_conn.pdbx_ptnr3_label_comp_id 
_struct_conn.pdbx_ptnr3_label_asym_id 
_struct_conn.pdbx_ptnr3_label_alt_id 
_struct_conn.pdbx_ptnr3_PDB_ins_code 
_struct_conn.details 
_struct_conn.pdbx_dist_value 
_struct_conn.pdbx_value_order 
_struct_conn.pdbx_role 
metalc1  metalc ? ? A ASN 57 O   ? ? ? 1_555 C CA  . CA ? ? A ASN 76  A CA  202 1_555 ? ? ? ? ? ? ? 2.535 ? ? 
metalc2  metalc ? ? A ASP 62 OD2 ? ? ? 1_555 C CA  . CA ? ? A ASP 81  A CA  202 1_555 ? ? ? ? ? ? ? 2.260 ? ? 
metalc3  metalc ? ? A GLU 75 OE1 ? ? ? 1_555 D CA  . CA ? ? A GLU 94  A CA  203 1_555 ? ? ? ? ? ? ? 2.338 ? ? 
metalc4  metalc ? ? A GLU 75 OE2 ? ? ? 1_555 D CA  . CA ? ? A GLU 94  A CA  203 1_555 ? ? ? ? ? ? ? 2.401 ? ? 
metalc5  metalc ? ? A GLN 81 OE1 ? ? ? 1_555 D CA  . CA ? ? A GLN 100 A CA  203 1_555 ? ? ? ? ? ? ? 2.324 ? ? 
metalc6  metalc ? ? C CA  .  CA  ? ? ? 1_555 F HOH . O  ? ? A CA  202 A HOH 329 1_555 ? ? ? ? ? ? ? 2.511 ? ? 
metalc7  metalc ? ? C CA  .  CA  ? ? ? 1_555 F HOH . O  ? ? A CA  202 A HOH 359 1_555 ? ? ? ? ? ? ? 2.462 ? ? 
metalc8  metalc ? ? C CA  .  CA  ? ? ? 1_555 F HOH . O  ? ? A CA  202 A HOH 369 1_555 ? ? ? ? ? ? ? 2.435 ? ? 
metalc9  metalc ? ? D CA  .  CA  ? ? ? 1_555 F HOH . O  ? ? A CA  203 A HOH 390 1_555 ? ? ? ? ? ? ? 2.510 ? ? 
metalc10 metalc ? ? D CA  .  CA  ? ? ? 1_555 F HOH . O  ? ? A CA  203 A HOH 424 1_555 ? ? ? ? ? ? ? 2.521 ? ? 
metalc11 metalc ? ? D CA  .  CA  ? ? ? 1_555 F HOH . O  ? ? A CA  203 A HOH 425 1_555 ? ? ? ? ? ? ? 2.306 ? ? 
metalc12 metalc ? ? B GLU 75 OE1 ? ? ? 1_555 E CA  . CA ? ? B GLU 94  B CA  201 1_555 ? ? ? ? ? ? ? 2.496 ? ? 
metalc13 metalc ? ? B GLU 75 OE2 ? ? ? 1_555 E CA  . CA ? ? B GLU 94  B CA  201 1_555 ? ? ? ? ? ? ? 2.519 ? ? 
metalc14 metalc ? ? B GLN 81 OE1 ? ? ? 1_555 E CA  . CA ? ? B GLN 100 B CA  201 1_555 ? ? ? ? ? ? ? 2.359 ? ? 
metalc15 metalc ? ? E CA  .  CA  ? ? ? 1_555 G HOH . O  ? ? B CA  201 B HOH 304 1_555 ? ? ? ? ? ? ? 2.429 ? ? 
metalc16 metalc ? ? E CA  .  CA  ? ? ? 1_555 G HOH . O  ? ? B CA  201 B HOH 440 1_555 ? ? ? ? ? ? ? 2.428 ? ? 
# 
_struct_conn_type.id          metalc 
_struct_conn_type.criteria    ? 
_struct_conn_type.reference   ? 
# 
loop_
_pdbx_struct_conn_angle.id 
_pdbx_struct_conn_angle.ptnr1_label_atom_id 
_pdbx_struct_conn_angle.ptnr1_label_alt_id 
_pdbx_struct_conn_angle.ptnr1_label_asym_id 
_pdbx_struct_conn_angle.ptnr1_label_comp_id 
_pdbx_struct_conn_angle.ptnr1_label_seq_id 
_pdbx_struct_conn_angle.ptnr1_auth_atom_id 
_pdbx_struct_conn_angle.ptnr1_auth_asym_id 
_pdbx_struct_conn_angle.ptnr1_auth_comp_id 
_pdbx_struct_conn_angle.ptnr1_auth_seq_id 
_pdbx_struct_conn_angle.ptnr1_PDB_ins_code 
_pdbx_struct_conn_angle.ptnr1_symmetry 
_pdbx_struct_conn_angle.ptnr2_label_atom_id 
_pdbx_struct_conn_angle.ptnr2_label_alt_id 
_pdbx_struct_conn_angle.ptnr2_label_asym_id 
_pdbx_struct_conn_angle.ptnr2_label_comp_id 
_pdbx_struct_conn_angle.ptnr2_label_seq_id 
_pdbx_struct_conn_angle.ptnr2_auth_atom_id 
_pdbx_struct_conn_angle.ptnr2_auth_asym_id 
_pdbx_struct_conn_angle.ptnr2_auth_comp_id 
_pdbx_struct_conn_angle.ptnr2_auth_seq_id 
_pdbx_struct_conn_angle.ptnr2_PDB_ins_code 
_pdbx_struct_conn_angle.ptnr2_symmetry 
_pdbx_struct_conn_angle.ptnr3_label_atom_id 
_pdbx_struct_conn_angle.ptnr3_label_alt_id 
_pdbx_struct_conn_angle.ptnr3_label_asym_id 
_pdbx_struct_conn_angle.ptnr3_label_comp_id 
_pdbx_struct_conn_angle.ptnr3_label_seq_id 
_pdbx_struct_conn_angle.ptnr3_auth_atom_id 
_pdbx_struct_conn_angle.ptnr3_auth_asym_id 
_pdbx_struct_conn_angle.ptnr3_auth_comp_id 
_pdbx_struct_conn_angle.ptnr3_auth_seq_id 
_pdbx_struct_conn_angle.ptnr3_PDB_ins_code 
_pdbx_struct_conn_angle.ptnr3_symmetry 
_pdbx_struct_conn_angle.value 
_pdbx_struct_conn_angle.value_esd 
1  O   ? A ASN 57 ? A ASN 76  ? 1_555 CA ? C CA . ? A CA 202 ? 1_555 OD2 ? A ASP 62 ? A ASP 81  ? 1_555 90.0  ? 
2  O   ? A ASN 57 ? A ASN 76  ? 1_555 CA ? C CA . ? A CA 202 ? 1_555 O   ? F HOH .  ? A HOH 329 ? 1_555 136.7 ? 
3  OD2 ? A ASP 62 ? A ASP 81  ? 1_555 CA ? C CA . ? A CA 202 ? 1_555 O   ? F HOH .  ? A HOH 329 ? 1_555 85.2  ? 
4  O   ? A ASN 57 ? A ASN 76  ? 1_555 CA ? C CA . ? A CA 202 ? 1_555 O   ? F HOH .  ? A HOH 359 ? 1_555 70.2  ? 
5  OD2 ? A ASP 62 ? A ASP 81  ? 1_555 CA ? C CA . ? A CA 202 ? 1_555 O   ? F HOH .  ? A HOH 359 ? 1_555 96.9  ? 
6  O   ? F HOH .  ? A HOH 329 ? 1_555 CA ? C CA . ? A CA 202 ? 1_555 O   ? F HOH .  ? A HOH 359 ? 1_555 153.1 ? 
7  O   ? A ASN 57 ? A ASN 76  ? 1_555 CA ? C CA . ? A CA 202 ? 1_555 O   ? F HOH .  ? A HOH 369 ? 1_555 149.5 ? 
8  OD2 ? A ASP 62 ? A ASP 81  ? 1_555 CA ? C CA . ? A CA 202 ? 1_555 O   ? F HOH .  ? A HOH 369 ? 1_555 85.2  ? 
9  O   ? F HOH .  ? A HOH 329 ? 1_555 CA ? C CA . ? A CA 202 ? 1_555 O   ? F HOH .  ? A HOH 369 ? 1_555 72.9  ? 
10 O   ? F HOH .  ? A HOH 359 ? 1_555 CA ? C CA . ? A CA 202 ? 1_555 O   ? F HOH .  ? A HOH 369 ? 1_555 80.5  ? 
11 OE1 ? A GLU 75 ? A GLU 94  ? 1_555 CA ? D CA . ? A CA 203 ? 1_555 OE2 ? A GLU 75 ? A GLU 94  ? 1_555 55.0  ? 
12 OE1 ? A GLU 75 ? A GLU 94  ? 1_555 CA ? D CA . ? A CA 203 ? 1_555 OE1 ? A GLN 81 ? A GLN 100 ? 1_555 99.3  ? 
13 OE2 ? A GLU 75 ? A GLU 94  ? 1_555 CA ? D CA . ? A CA 203 ? 1_555 OE1 ? A GLN 81 ? A GLN 100 ? 1_555 90.4  ? 
14 OE1 ? A GLU 75 ? A GLU 94  ? 1_555 CA ? D CA . ? A CA 203 ? 1_555 O   ? F HOH .  ? A HOH 390 ? 1_555 78.1  ? 
15 OE2 ? A GLU 75 ? A GLU 94  ? 1_555 CA ? D CA . ? A CA 203 ? 1_555 O   ? F HOH .  ? A HOH 390 ? 1_555 95.9  ? 
16 OE1 ? A GLN 81 ? A GLN 100 ? 1_555 CA ? D CA . ? A CA 203 ? 1_555 O   ? F HOH .  ? A HOH 390 ? 1_555 169.8 ? 
17 OE1 ? A GLU 75 ? A GLU 94  ? 1_555 CA ? D CA . ? A CA 203 ? 1_555 O   ? F HOH .  ? A HOH 424 ? 1_555 142.5 ? 
18 OE2 ? A GLU 75 ? A GLU 94  ? 1_555 CA ? D CA . ? A CA 203 ? 1_555 O   ? F HOH .  ? A HOH 424 ? 1_555 157.1 ? 
19 OE1 ? A GLN 81 ? A GLN 100 ? 1_555 CA ? D CA . ? A CA 203 ? 1_555 O   ? F HOH .  ? A HOH 424 ? 1_555 98.2  ? 
20 O   ? F HOH .  ? A HOH 390 ? 1_555 CA ? D CA . ? A CA 203 ? 1_555 O   ? F HOH .  ? A HOH 424 ? 1_555 78.9  ? 
21 OE1 ? A GLU 75 ? A GLU 94  ? 1_555 CA ? D CA . ? A CA 203 ? 1_555 O   ? F HOH .  ? A HOH 425 ? 1_555 124.2 ? 
22 OE2 ? A GLU 75 ? A GLU 94  ? 1_555 CA ? D CA . ? A CA 203 ? 1_555 O   ? F HOH .  ? A HOH 425 ? 1_555 73.5  ? 
23 OE1 ? A GLN 81 ? A GLN 100 ? 1_555 CA ? D CA . ? A CA 203 ? 1_555 O   ? F HOH .  ? A HOH 425 ? 1_555 101.2 ? 
24 O   ? F HOH .  ? A HOH 390 ? 1_555 CA ? D CA . ? A CA 203 ? 1_555 O   ? F HOH .  ? A HOH 425 ? 1_555 88.3  ? 
25 O   ? F HOH .  ? A HOH 424 ? 1_555 CA ? D CA . ? A CA 203 ? 1_555 O   ? F HOH .  ? A HOH 425 ? 1_555 84.0  ? 
26 OE1 ? B GLU 75 ? B GLU 94  ? 1_555 CA ? E CA . ? B CA 201 ? 1_555 OE2 ? B GLU 75 ? B GLU 94  ? 1_555 51.9  ? 
27 OE1 ? B GLU 75 ? B GLU 94  ? 1_555 CA ? E CA . ? B CA 201 ? 1_555 OE1 ? B GLN 81 ? B GLN 100 ? 1_555 89.8  ? 
28 OE2 ? B GLU 75 ? B GLU 94  ? 1_555 CA ? E CA . ? B CA 201 ? 1_555 OE1 ? B GLN 81 ? B GLN 100 ? 1_555 84.1  ? 
29 OE1 ? B GLU 75 ? B GLU 94  ? 1_555 CA ? E CA . ? B CA 201 ? 1_555 O   ? G HOH .  ? B HOH 304 ? 1_555 129.7 ? 
30 OE2 ? B GLU 75 ? B GLU 94  ? 1_555 CA ? E CA . ? B CA 201 ? 1_555 O   ? G HOH .  ? B HOH 304 ? 1_555 78.1  ? 
31 OE1 ? B GLN 81 ? B GLN 100 ? 1_555 CA ? E CA . ? B CA 201 ? 1_555 O   ? G HOH .  ? B HOH 304 ? 1_555 90.9  ? 
32 OE1 ? B GLU 75 ? B GLU 94  ? 1_555 CA ? E CA . ? B CA 201 ? 1_555 O   ? G HOH .  ? B HOH 440 ? 1_555 87.8  ? 
33 OE2 ? B GLU 75 ? B GLU 94  ? 1_555 CA ? E CA . ? B CA 201 ? 1_555 O   ? G HOH .  ? B HOH 440 ? 1_555 94.8  ? 
34 OE1 ? B GLN 81 ? B GLN 100 ? 1_555 CA ? E CA . ? B CA 201 ? 1_555 O   ? G HOH .  ? B HOH 440 ? 1_555 177.6 ? 
35 O   ? G HOH .  ? B HOH 304 ? 1_555 CA ? E CA . ? B CA 201 ? 1_555 O   ? G HOH .  ? B HOH 440 ? 1_555 91.0  ? 
# 
loop_
_struct_mon_prot_cis.pdbx_id 
_struct_mon_prot_cis.label_comp_id 
_struct_mon_prot_cis.label_seq_id 
_struct_mon_prot_cis.label_asym_id 
_struct_mon_prot_cis.label_alt_id 
_struct_mon_prot_cis.pdbx_PDB_ins_code 
_struct_mon_prot_cis.auth_comp_id 
_struct_mon_prot_cis.auth_seq_id 
_struct_mon_prot_cis.auth_asym_id 
_struct_mon_prot_cis.pdbx_label_comp_id_2 
_struct_mon_prot_cis.pdbx_label_seq_id_2 
_struct_mon_prot_cis.pdbx_label_asym_id_2 
_struct_mon_prot_cis.pdbx_PDB_ins_code_2 
_struct_mon_prot_cis.pdbx_auth_comp_id_2 
_struct_mon_prot_cis.pdbx_auth_seq_id_2 
_struct_mon_prot_cis.pdbx_auth_asym_id_2 
_struct_mon_prot_cis.pdbx_PDB_model_num 
_struct_mon_prot_cis.pdbx_omega_angle 
1 LYS 12 A . ? LYS 31 A PRO 13 A ? PRO 32 A 1 -6.56 
2 LYS 12 B . ? LYS 31 B PRO 13 B ? PRO 32 B 1 -4.44 
# 
_struct_sheet.id               A 
_struct_sheet.type             ? 
_struct_sheet.number_strands   8 
_struct_sheet.details          ? 
# 
loop_
_struct_sheet_order.sheet_id 
_struct_sheet_order.range_id_1 
_struct_sheet_order.range_id_2 
_struct_sheet_order.offset 
_struct_sheet_order.sense 
A 1 2 ? anti-parallel 
A 2 3 ? anti-parallel 
A 3 4 ? anti-parallel 
A 4 5 ? anti-parallel 
A 5 6 ? anti-parallel 
A 6 7 ? anti-parallel 
A 7 8 ? anti-parallel 
# 
loop_
_struct_sheet_range.sheet_id 
_struct_sheet_range.id 
_struct_sheet_range.beg_label_comp_id 
_struct_sheet_range.beg_label_asym_id 
_struct_sheet_range.beg_label_seq_id 
_struct_sheet_range.pdbx_beg_PDB_ins_code 
_struct_sheet_range.end_label_comp_id 
_struct_sheet_range.end_label_asym_id 
_struct_sheet_range.end_label_seq_id 
_struct_sheet_range.pdbx_end_PDB_ins_code 
_struct_sheet_range.beg_auth_comp_id 
_struct_sheet_range.beg_auth_asym_id 
_struct_sheet_range.beg_auth_seq_id 
_struct_sheet_range.end_auth_comp_id 
_struct_sheet_range.end_auth_asym_id 
_struct_sheet_range.end_auth_seq_id 
A 1 PHE A 37 ? VAL A 43 ? PHE A 56  VAL A 62  
A 2 ALA A 46 ? ILE A 51 ? ALA A 65  ILE A 70  
A 3 TYR A 4  ? THR A 9  ? TYR A 23  THR A 28  
A 4 ILE A 82 ? GLY A 88 ? ILE A 101 GLY A 107 
A 5 ILE B 82 ? GLY B 88 ? ILE B 101 GLY B 107 
A 6 TYR B 4  ? THR B 9  ? TYR B 23  THR B 28  
A 7 ALA B 46 ? ILE B 51 ? ALA B 65  ILE B 70  
A 8 PHE B 37 ? VAL B 43 ? PHE B 56  VAL B 62  
# 
loop_
_pdbx_struct_sheet_hbond.sheet_id 
_pdbx_struct_sheet_hbond.range_id_1 
_pdbx_struct_sheet_hbond.range_id_2 
_pdbx_struct_sheet_hbond.range_1_label_atom_id 
_pdbx_struct_sheet_hbond.range_1_label_comp_id 
_pdbx_struct_sheet_hbond.range_1_label_asym_id 
_pdbx_struct_sheet_hbond.range_1_label_seq_id 
_pdbx_struct_sheet_hbond.range_1_PDB_ins_code 
_pdbx_struct_sheet_hbond.range_1_auth_atom_id 
_pdbx_struct_sheet_hbond.range_1_auth_comp_id 
_pdbx_struct_sheet_hbond.range_1_auth_asym_id 
_pdbx_struct_sheet_hbond.range_1_auth_seq_id 
_pdbx_struct_sheet_hbond.range_2_label_atom_id 
_pdbx_struct_sheet_hbond.range_2_label_comp_id 
_pdbx_struct_sheet_hbond.range_2_label_asym_id 
_pdbx_struct_sheet_hbond.range_2_label_seq_id 
_pdbx_struct_sheet_hbond.range_2_PDB_ins_code 
_pdbx_struct_sheet_hbond.range_2_auth_atom_id 
_pdbx_struct_sheet_hbond.range_2_auth_comp_id 
_pdbx_struct_sheet_hbond.range_2_auth_asym_id 
_pdbx_struct_sheet_hbond.range_2_auth_seq_id 
A 1 2 N ILE A 38 ? N ILE A 57  O ARG A 50 ? O ARG A 69  
A 2 3 O PHE A 49 ? O PHE A 68  N GLY A 5  ? N GLY A 24  
A 3 4 N VAL A 8  ? N VAL A 27  O LEU A 83 ? O LEU A 102 
A 4 5 N VAL A 87 ? N VAL A 106 O THR B 85 ? O THR B 104 
A 5 6 O GLN B 84 ? O GLN B 103 N VAL B 8  ? N VAL B 27  
A 6 7 N GLY B 5  ? N GLY B 24  O PHE B 49 ? O PHE B 68  
A 7 8 O ARG B 50 ? O ARG B 69  N ILE B 38 ? N ILE B 57  
# 
loop_
_struct_site.id 
_struct_site.pdbx_evidence_code 
_struct_site.pdbx_auth_asym_id 
_struct_site.pdbx_auth_comp_id 
_struct_site.pdbx_auth_seq_id 
_struct_site.pdbx_auth_ins_code 
_struct_site.pdbx_num_residues 
_struct_site.details 
AC1 Software A CA 202 ? 7 'BINDING SITE FOR RESIDUE CA A 202' 
AC2 Software A CA 203 ? 5 'BINDING SITE FOR RESIDUE CA A 203' 
AC3 Software B CA 201 ? 6 'BINDING SITE FOR RESIDUE CA B 201' 
# 
loop_
_struct_site_gen.id 
_struct_site_gen.site_id 
_struct_site_gen.pdbx_num_res 
_struct_site_gen.label_comp_id 
_struct_site_gen.label_asym_id 
_struct_site_gen.label_seq_id 
_struct_site_gen.pdbx_auth_ins_code 
_struct_site_gen.auth_comp_id 
_struct_site_gen.auth_asym_id 
_struct_site_gen.auth_seq_id 
_struct_site_gen.label_atom_id 
_struct_site_gen.label_alt_id 
_struct_site_gen.symmetry 
_struct_site_gen.details 
1  AC1 7 ASN A 57 ? ASN A 76  . ? 1_555 ? 
2  AC1 7 ASP A 62 ? ASP A 81  . ? 1_555 ? 
3  AC1 7 GLY A 79 ? GLY A 98  . ? 1_655 ? 
4  AC1 7 HOH F .  ? HOH A 329 . ? 1_555 ? 
5  AC1 7 HOH F .  ? HOH A 336 . ? 1_655 ? 
6  AC1 7 HOH F .  ? HOH A 359 . ? 1_555 ? 
7  AC1 7 HOH F .  ? HOH A 369 . ? 1_555 ? 
8  AC2 5 GLU A 75 ? GLU A 94  . ? 1_555 ? 
9  AC2 5 GLN A 81 ? GLN A 100 . ? 1_555 ? 
10 AC2 5 HOH F .  ? HOH A 390 . ? 1_555 ? 
11 AC2 5 HOH F .  ? HOH A 424 . ? 1_555 ? 
12 AC2 5 HOH F .  ? HOH A 425 . ? 1_555 ? 
13 AC3 6 HIS A 31 ? HIS A 50  . ? 3_655 ? 
14 AC3 6 HOH F .  ? HOH A 307 . ? 3_655 ? 
15 AC3 6 GLU B 75 ? GLU B 94  . ? 1_555 ? 
16 AC3 6 GLN B 81 ? GLN B 100 . ? 1_555 ? 
17 AC3 6 HOH G .  ? HOH B 304 . ? 1_555 ? 
18 AC3 6 HOH G .  ? HOH B 440 . ? 1_555 ? 
# 
_pdbx_database_remark.id     650 
_pdbx_database_remark.text   
;
HELIX
DETERMINATION METHOD: AUTHOR
;
# 
loop_
_pdbx_unobs_or_zero_occ_residues.id 
_pdbx_unobs_or_zero_occ_residues.PDB_model_num 
_pdbx_unobs_or_zero_occ_residues.polymer_flag 
_pdbx_unobs_or_zero_occ_residues.occupancy_flag 
_pdbx_unobs_or_zero_occ_residues.auth_asym_id 
_pdbx_unobs_or_zero_occ_residues.auth_comp_id 
_pdbx_unobs_or_zero_occ_residues.auth_seq_id 
_pdbx_unobs_or_zero_occ_residues.PDB_ins_code 
_pdbx_unobs_or_zero_occ_residues.label_asym_id 
_pdbx_unobs_or_zero_occ_residues.label_comp_id 
_pdbx_unobs_or_zero_occ_residues.label_seq_id 
1 1 Y 1 A ALA 20  ? A ALA 1  
2 1 Y 1 A GLU 110 ? A GLU 91 
# 
loop_
_chem_comp_atom.comp_id 
_chem_comp_atom.atom_id 
_chem_comp_atom.type_symbol 
_chem_comp_atom.pdbx_aromatic_flag 
_chem_comp_atom.pdbx_stereo_config 
_chem_comp_atom.pdbx_ordinal 
ALA N    N  N N 1   
ALA CA   C  N S 2   
ALA C    C  N N 3   
ALA O    O  N N 4   
ALA CB   C  N N 5   
ALA OXT  O  N N 6   
ALA H    H  N N 7   
ALA H2   H  N N 8   
ALA HA   H  N N 9   
ALA HB1  H  N N 10  
ALA HB2  H  N N 11  
ALA HB3  H  N N 12  
ALA HXT  H  N N 13  
ARG N    N  N N 14  
ARG CA   C  N S 15  
ARG C    C  N N 16  
ARG O    O  N N 17  
ARG CB   C  N N 18  
ARG CG   C  N N 19  
ARG CD   C  N N 20  
ARG NE   N  N N 21  
ARG CZ   C  N N 22  
ARG NH1  N  N N 23  
ARG NH2  N  N N 24  
ARG OXT  O  N N 25  
ARG H    H  N N 26  
ARG H2   H  N N 27  
ARG HA   H  N N 28  
ARG HB2  H  N N 29  
ARG HB3  H  N N 30  
ARG HG2  H  N N 31  
ARG HG3  H  N N 32  
ARG HD2  H  N N 33  
ARG HD3  H  N N 34  
ARG HE   H  N N 35  
ARG HH11 H  N N 36  
ARG HH12 H  N N 37  
ARG HH21 H  N N 38  
ARG HH22 H  N N 39  
ARG HXT  H  N N 40  
ASN N    N  N N 41  
ASN CA   C  N S 42  
ASN C    C  N N 43  
ASN O    O  N N 44  
ASN CB   C  N N 45  
ASN CG   C  N N 46  
ASN OD1  O  N N 47  
ASN ND2  N  N N 48  
ASN OXT  O  N N 49  
ASN H    H  N N 50  
ASN H2   H  N N 51  
ASN HA   H  N N 52  
ASN HB2  H  N N 53  
ASN HB3  H  N N 54  
ASN HD21 H  N N 55  
ASN HD22 H  N N 56  
ASN HXT  H  N N 57  
ASP N    N  N N 58  
ASP CA   C  N S 59  
ASP C    C  N N 60  
ASP O    O  N N 61  
ASP CB   C  N N 62  
ASP CG   C  N N 63  
ASP OD1  O  N N 64  
ASP OD2  O  N N 65  
ASP OXT  O  N N 66  
ASP H    H  N N 67  
ASP H2   H  N N 68  
ASP HA   H  N N 69  
ASP HB2  H  N N 70  
ASP HB3  H  N N 71  
ASP HD2  H  N N 72  
ASP HXT  H  N N 73  
CA  CA   CA N N 74  
GLN N    N  N N 75  
GLN CA   C  N S 76  
GLN C    C  N N 77  
GLN O    O  N N 78  
GLN CB   C  N N 79  
GLN CG   C  N N 80  
GLN CD   C  N N 81  
GLN OE1  O  N N 82  
GLN NE2  N  N N 83  
GLN OXT  O  N N 84  
GLN H    H  N N 85  
GLN H2   H  N N 86  
GLN HA   H  N N 87  
GLN HB2  H  N N 88  
GLN HB3  H  N N 89  
GLN HG2  H  N N 90  
GLN HG3  H  N N 91  
GLN HE21 H  N N 92  
GLN HE22 H  N N 93  
GLN HXT  H  N N 94  
GLU N    N  N N 95  
GLU CA   C  N S 96  
GLU C    C  N N 97  
GLU O    O  N N 98  
GLU CB   C  N N 99  
GLU CG   C  N N 100 
GLU CD   C  N N 101 
GLU OE1  O  N N 102 
GLU OE2  O  N N 103 
GLU OXT  O  N N 104 
GLU H    H  N N 105 
GLU H2   H  N N 106 
GLU HA   H  N N 107 
GLU HB2  H  N N 108 
GLU HB3  H  N N 109 
GLU HG2  H  N N 110 
GLU HG3  H  N N 111 
GLU HE2  H  N N 112 
GLU HXT  H  N N 113 
GLY N    N  N N 114 
GLY CA   C  N N 115 
GLY C    C  N N 116 
GLY O    O  N N 117 
GLY OXT  O  N N 118 
GLY H    H  N N 119 
GLY H2   H  N N 120 
GLY HA2  H  N N 121 
GLY HA3  H  N N 122 
GLY HXT  H  N N 123 
HIS N    N  N N 124 
HIS CA   C  N S 125 
HIS C    C  N N 126 
HIS O    O  N N 127 
HIS CB   C  N N 128 
HIS CG   C  Y N 129 
HIS ND1  N  Y N 130 
HIS CD2  C  Y N 131 
HIS CE1  C  Y N 132 
HIS NE2  N  Y N 133 
HIS OXT  O  N N 134 
HIS H    H  N N 135 
HIS H2   H  N N 136 
HIS HA   H  N N 137 
HIS HB2  H  N N 138 
HIS HB3  H  N N 139 
HIS HD1  H  N N 140 
HIS HD2  H  N N 141 
HIS HE1  H  N N 142 
HIS HE2  H  N N 143 
HIS HXT  H  N N 144 
HOH O    O  N N 145 
HOH H1   H  N N 146 
HOH H2   H  N N 147 
ILE N    N  N N 148 
ILE CA   C  N S 149 
ILE C    C  N N 150 
ILE O    O  N N 151 
ILE CB   C  N S 152 
ILE CG1  C  N N 153 
ILE CG2  C  N N 154 
ILE CD1  C  N N 155 
ILE OXT  O  N N 156 
ILE H    H  N N 157 
ILE H2   H  N N 158 
ILE HA   H  N N 159 
ILE HB   H  N N 160 
ILE HG12 H  N N 161 
ILE HG13 H  N N 162 
ILE HG21 H  N N 163 
ILE HG22 H  N N 164 
ILE HG23 H  N N 165 
ILE HD11 H  N N 166 
ILE HD12 H  N N 167 
ILE HD13 H  N N 168 
ILE HXT  H  N N 169 
LEU N    N  N N 170 
LEU CA   C  N S 171 
LEU C    C  N N 172 
LEU O    O  N N 173 
LEU CB   C  N N 174 
LEU CG   C  N N 175 
LEU CD1  C  N N 176 
LEU CD2  C  N N 177 
LEU OXT  O  N N 178 
LEU H    H  N N 179 
LEU H2   H  N N 180 
LEU HA   H  N N 181 
LEU HB2  H  N N 182 
LEU HB3  H  N N 183 
LEU HG   H  N N 184 
LEU HD11 H  N N 185 
LEU HD12 H  N N 186 
LEU HD13 H  N N 187 
LEU HD21 H  N N 188 
LEU HD22 H  N N 189 
LEU HD23 H  N N 190 
LEU HXT  H  N N 191 
LYS N    N  N N 192 
LYS CA   C  N S 193 
LYS C    C  N N 194 
LYS O    O  N N 195 
LYS CB   C  N N 196 
LYS CG   C  N N 197 
LYS CD   C  N N 198 
LYS CE   C  N N 199 
LYS NZ   N  N N 200 
LYS OXT  O  N N 201 
LYS H    H  N N 202 
LYS H2   H  N N 203 
LYS HA   H  N N 204 
LYS HB2  H  N N 205 
LYS HB3  H  N N 206 
LYS HG2  H  N N 207 
LYS HG3  H  N N 208 
LYS HD2  H  N N 209 
LYS HD3  H  N N 210 
LYS HE2  H  N N 211 
LYS HE3  H  N N 212 
LYS HZ1  H  N N 213 
LYS HZ2  H  N N 214 
LYS HZ3  H  N N 215 
LYS HXT  H  N N 216 
MET N    N  N N 217 
MET CA   C  N S 218 
MET C    C  N N 219 
MET O    O  N N 220 
MET CB   C  N N 221 
MET CG   C  N N 222 
MET SD   S  N N 223 
MET CE   C  N N 224 
MET OXT  O  N N 225 
MET H    H  N N 226 
MET H2   H  N N 227 
MET HA   H  N N 228 
MET HB2  H  N N 229 
MET HB3  H  N N 230 
MET HG2  H  N N 231 
MET HG3  H  N N 232 
MET HE1  H  N N 233 
MET HE2  H  N N 234 
MET HE3  H  N N 235 
MET HXT  H  N N 236 
PHE N    N  N N 237 
PHE CA   C  N S 238 
PHE C    C  N N 239 
PHE O    O  N N 240 
PHE CB   C  N N 241 
PHE CG   C  Y N 242 
PHE CD1  C  Y N 243 
PHE CD2  C  Y N 244 
PHE CE1  C  Y N 245 
PHE CE2  C  Y N 246 
PHE CZ   C  Y N 247 
PHE OXT  O  N N 248 
PHE H    H  N N 249 
PHE H2   H  N N 250 
PHE HA   H  N N 251 
PHE HB2  H  N N 252 
PHE HB3  H  N N 253 
PHE HD1  H  N N 254 
PHE HD2  H  N N 255 
PHE HE1  H  N N 256 
PHE HE2  H  N N 257 
PHE HZ   H  N N 258 
PHE HXT  H  N N 259 
PRO N    N  N N 260 
PRO CA   C  N S 261 
PRO C    C  N N 262 
PRO O    O  N N 263 
PRO CB   C  N N 264 
PRO CG   C  N N 265 
PRO CD   C  N N 266 
PRO OXT  O  N N 267 
PRO H    H  N N 268 
PRO HA   H  N N 269 
PRO HB2  H  N N 270 
PRO HB3  H  N N 271 
PRO HG2  H  N N 272 
PRO HG3  H  N N 273 
PRO HD2  H  N N 274 
PRO HD3  H  N N 275 
PRO HXT  H  N N 276 
SER N    N  N N 277 
SER CA   C  N S 278 
SER C    C  N N 279 
SER O    O  N N 280 
SER CB   C  N N 281 
SER OG   O  N N 282 
SER OXT  O  N N 283 
SER H    H  N N 284 
SER H2   H  N N 285 
SER HA   H  N N 286 
SER HB2  H  N N 287 
SER HB3  H  N N 288 
SER HG   H  N N 289 
SER HXT  H  N N 290 
THR N    N  N N 291 
THR CA   C  N S 292 
THR C    C  N N 293 
THR O    O  N N 294 
THR CB   C  N R 295 
THR OG1  O  N N 296 
THR CG2  C  N N 297 
THR OXT  O  N N 298 
THR H    H  N N 299 
THR H2   H  N N 300 
THR HA   H  N N 301 
THR HB   H  N N 302 
THR HG1  H  N N 303 
THR HG21 H  N N 304 
THR HG22 H  N N 305 
THR HG23 H  N N 306 
THR HXT  H  N N 307 
TYR N    N  N N 308 
TYR CA   C  N S 309 
TYR C    C  N N 310 
TYR O    O  N N 311 
TYR CB   C  N N 312 
TYR CG   C  Y N 313 
TYR CD1  C  Y N 314 
TYR CD2  C  Y N 315 
TYR CE1  C  Y N 316 
TYR CE2  C  Y N 317 
TYR CZ   C  Y N 318 
TYR OH   O  N N 319 
TYR OXT  O  N N 320 
TYR H    H  N N 321 
TYR H2   H  N N 322 
TYR HA   H  N N 323 
TYR HB2  H  N N 324 
TYR HB3  H  N N 325 
TYR HD1  H  N N 326 
TYR HD2  H  N N 327 
TYR HE1  H  N N 328 
TYR HE2  H  N N 329 
TYR HH   H  N N 330 
TYR HXT  H  N N 331 
VAL N    N  N N 332 
VAL CA   C  N S 333 
VAL C    C  N N 334 
VAL O    O  N N 335 
VAL CB   C  N N 336 
VAL CG1  C  N N 337 
VAL CG2  C  N N 338 
VAL OXT  O  N N 339 
VAL H    H  N N 340 
VAL H2   H  N N 341 
VAL HA   H  N N 342 
VAL HB   H  N N 343 
VAL HG11 H  N N 344 
VAL HG12 H  N N 345 
VAL HG13 H  N N 346 
VAL HG21 H  N N 347 
VAL HG22 H  N N 348 
VAL HG23 H  N N 349 
VAL HXT  H  N N 350 
# 
loop_
_chem_comp_bond.comp_id 
_chem_comp_bond.atom_id_1 
_chem_comp_bond.atom_id_2 
_chem_comp_bond.value_order 
_chem_comp_bond.pdbx_aromatic_flag 
_chem_comp_bond.pdbx_stereo_config 
_chem_comp_bond.pdbx_ordinal 
ALA N   CA   sing N N 1   
ALA N   H    sing N N 2   
ALA N   H2   sing N N 3   
ALA CA  C    sing N N 4   
ALA CA  CB   sing N N 5   
ALA CA  HA   sing N N 6   
ALA C   O    doub N N 7   
ALA C   OXT  sing N N 8   
ALA CB  HB1  sing N N 9   
ALA CB  HB2  sing N N 10  
ALA CB  HB3  sing N N 11  
ALA OXT HXT  sing N N 12  
ARG N   CA   sing N N 13  
ARG N   H    sing N N 14  
ARG N   H2   sing N N 15  
ARG CA  C    sing N N 16  
ARG CA  CB   sing N N 17  
ARG CA  HA   sing N N 18  
ARG C   O    doub N N 19  
ARG C   OXT  sing N N 20  
ARG CB  CG   sing N N 21  
ARG CB  HB2  sing N N 22  
ARG CB  HB3  sing N N 23  
ARG CG  CD   sing N N 24  
ARG CG  HG2  sing N N 25  
ARG CG  HG3  sing N N 26  
ARG CD  NE   sing N N 27  
ARG CD  HD2  sing N N 28  
ARG CD  HD3  sing N N 29  
ARG NE  CZ   sing N N 30  
ARG NE  HE   sing N N 31  
ARG CZ  NH1  sing N N 32  
ARG CZ  NH2  doub N N 33  
ARG NH1 HH11 sing N N 34  
ARG NH1 HH12 sing N N 35  
ARG NH2 HH21 sing N N 36  
ARG NH2 HH22 sing N N 37  
ARG OXT HXT  sing N N 38  
ASN N   CA   sing N N 39  
ASN N   H    sing N N 40  
ASN N   H2   sing N N 41  
ASN CA  C    sing N N 42  
ASN CA  CB   sing N N 43  
ASN CA  HA   sing N N 44  
ASN C   O    doub N N 45  
ASN C   OXT  sing N N 46  
ASN CB  CG   sing N N 47  
ASN CB  HB2  sing N N 48  
ASN CB  HB3  sing N N 49  
ASN CG  OD1  doub N N 50  
ASN CG  ND2  sing N N 51  
ASN ND2 HD21 sing N N 52  
ASN ND2 HD22 sing N N 53  
ASN OXT HXT  sing N N 54  
ASP N   CA   sing N N 55  
ASP N   H    sing N N 56  
ASP N   H2   sing N N 57  
ASP CA  C    sing N N 58  
ASP CA  CB   sing N N 59  
ASP CA  HA   sing N N 60  
ASP C   O    doub N N 61  
ASP C   OXT  sing N N 62  
ASP CB  CG   sing N N 63  
ASP CB  HB2  sing N N 64  
ASP CB  HB3  sing N N 65  
ASP CG  OD1  doub N N 66  
ASP CG  OD2  sing N N 67  
ASP OD2 HD2  sing N N 68  
ASP OXT HXT  sing N N 69  
GLN N   CA   sing N N 70  
GLN N   H    sing N N 71  
GLN N   H2   sing N N 72  
GLN CA  C    sing N N 73  
GLN CA  CB   sing N N 74  
GLN CA  HA   sing N N 75  
GLN C   O    doub N N 76  
GLN C   OXT  sing N N 77  
GLN CB  CG   sing N N 78  
GLN CB  HB2  sing N N 79  
GLN CB  HB3  sing N N 80  
GLN CG  CD   sing N N 81  
GLN CG  HG2  sing N N 82  
GLN CG  HG3  sing N N 83  
GLN CD  OE1  doub N N 84  
GLN CD  NE2  sing N N 85  
GLN NE2 HE21 sing N N 86  
GLN NE2 HE22 sing N N 87  
GLN OXT HXT  sing N N 88  
GLU N   CA   sing N N 89  
GLU N   H    sing N N 90  
GLU N   H2   sing N N 91  
GLU CA  C    sing N N 92  
GLU CA  CB   sing N N 93  
GLU CA  HA   sing N N 94  
GLU C   O    doub N N 95  
GLU C   OXT  sing N N 96  
GLU CB  CG   sing N N 97  
GLU CB  HB2  sing N N 98  
GLU CB  HB3  sing N N 99  
GLU CG  CD   sing N N 100 
GLU CG  HG2  sing N N 101 
GLU CG  HG3  sing N N 102 
GLU CD  OE1  doub N N 103 
GLU CD  OE2  sing N N 104 
GLU OE2 HE2  sing N N 105 
GLU OXT HXT  sing N N 106 
GLY N   CA   sing N N 107 
GLY N   H    sing N N 108 
GLY N   H2   sing N N 109 
GLY CA  C    sing N N 110 
GLY CA  HA2  sing N N 111 
GLY CA  HA3  sing N N 112 
GLY C   O    doub N N 113 
GLY C   OXT  sing N N 114 
GLY OXT HXT  sing N N 115 
HIS N   CA   sing N N 116 
HIS N   H    sing N N 117 
HIS N   H2   sing N N 118 
HIS CA  C    sing N N 119 
HIS CA  CB   sing N N 120 
HIS CA  HA   sing N N 121 
HIS C   O    doub N N 122 
HIS C   OXT  sing N N 123 
HIS CB  CG   sing N N 124 
HIS CB  HB2  sing N N 125 
HIS CB  HB3  sing N N 126 
HIS CG  ND1  sing Y N 127 
HIS CG  CD2  doub Y N 128 
HIS ND1 CE1  doub Y N 129 
HIS ND1 HD1  sing N N 130 
HIS CD2 NE2  sing Y N 131 
HIS CD2 HD2  sing N N 132 
HIS CE1 NE2  sing Y N 133 
HIS CE1 HE1  sing N N 134 
HIS NE2 HE2  sing N N 135 
HIS OXT HXT  sing N N 136 
HOH O   H1   sing N N 137 
HOH O   H2   sing N N 138 
ILE N   CA   sing N N 139 
ILE N   H    sing N N 140 
ILE N   H2   sing N N 141 
ILE CA  C    sing N N 142 
ILE CA  CB   sing N N 143 
ILE CA  HA   sing N N 144 
ILE C   O    doub N N 145 
ILE C   OXT  sing N N 146 
ILE CB  CG1  sing N N 147 
ILE CB  CG2  sing N N 148 
ILE CB  HB   sing N N 149 
ILE CG1 CD1  sing N N 150 
ILE CG1 HG12 sing N N 151 
ILE CG1 HG13 sing N N 152 
ILE CG2 HG21 sing N N 153 
ILE CG2 HG22 sing N N 154 
ILE CG2 HG23 sing N N 155 
ILE CD1 HD11 sing N N 156 
ILE CD1 HD12 sing N N 157 
ILE CD1 HD13 sing N N 158 
ILE OXT HXT  sing N N 159 
LEU N   CA   sing N N 160 
LEU N   H    sing N N 161 
LEU N   H2   sing N N 162 
LEU CA  C    sing N N 163 
LEU CA  CB   sing N N 164 
LEU CA  HA   sing N N 165 
LEU C   O    doub N N 166 
LEU C   OXT  sing N N 167 
LEU CB  CG   sing N N 168 
LEU CB  HB2  sing N N 169 
LEU CB  HB3  sing N N 170 
LEU CG  CD1  sing N N 171 
LEU CG  CD2  sing N N 172 
LEU CG  HG   sing N N 173 
LEU CD1 HD11 sing N N 174 
LEU CD1 HD12 sing N N 175 
LEU CD1 HD13 sing N N 176 
LEU CD2 HD21 sing N N 177 
LEU CD2 HD22 sing N N 178 
LEU CD2 HD23 sing N N 179 
LEU OXT HXT  sing N N 180 
LYS N   CA   sing N N 181 
LYS N   H    sing N N 182 
LYS N   H2   sing N N 183 
LYS CA  C    sing N N 184 
LYS CA  CB   sing N N 185 
LYS CA  HA   sing N N 186 
LYS C   O    doub N N 187 
LYS C   OXT  sing N N 188 
LYS CB  CG   sing N N 189 
LYS CB  HB2  sing N N 190 
LYS CB  HB3  sing N N 191 
LYS CG  CD   sing N N 192 
LYS CG  HG2  sing N N 193 
LYS CG  HG3  sing N N 194 
LYS CD  CE   sing N N 195 
LYS CD  HD2  sing N N 196 
LYS CD  HD3  sing N N 197 
LYS CE  NZ   sing N N 198 
LYS CE  HE2  sing N N 199 
LYS CE  HE3  sing N N 200 
LYS NZ  HZ1  sing N N 201 
LYS NZ  HZ2  sing N N 202 
LYS NZ  HZ3  sing N N 203 
LYS OXT HXT  sing N N 204 
MET N   CA   sing N N 205 
MET N   H    sing N N 206 
MET N   H2   sing N N 207 
MET CA  C    sing N N 208 
MET CA  CB   sing N N 209 
MET CA  HA   sing N N 210 
MET C   O    doub N N 211 
MET C   OXT  sing N N 212 
MET CB  CG   sing N N 213 
MET CB  HB2  sing N N 214 
MET CB  HB3  sing N N 215 
MET CG  SD   sing N N 216 
MET CG  HG2  sing N N 217 
MET CG  HG3  sing N N 218 
MET SD  CE   sing N N 219 
MET CE  HE1  sing N N 220 
MET CE  HE2  sing N N 221 
MET CE  HE3  sing N N 222 
MET OXT HXT  sing N N 223 
PHE N   CA   sing N N 224 
PHE N   H    sing N N 225 
PHE N   H2   sing N N 226 
PHE CA  C    sing N N 227 
PHE CA  CB   sing N N 228 
PHE CA  HA   sing N N 229 
PHE C   O    doub N N 230 
PHE C   OXT  sing N N 231 
PHE CB  CG   sing N N 232 
PHE CB  HB2  sing N N 233 
PHE CB  HB3  sing N N 234 
PHE CG  CD1  doub Y N 235 
PHE CG  CD2  sing Y N 236 
PHE CD1 CE1  sing Y N 237 
PHE CD1 HD1  sing N N 238 
PHE CD2 CE2  doub Y N 239 
PHE CD2 HD2  sing N N 240 
PHE CE1 CZ   doub Y N 241 
PHE CE1 HE1  sing N N 242 
PHE CE2 CZ   sing Y N 243 
PHE CE2 HE2  sing N N 244 
PHE CZ  HZ   sing N N 245 
PHE OXT HXT  sing N N 246 
PRO N   CA   sing N N 247 
PRO N   CD   sing N N 248 
PRO N   H    sing N N 249 
PRO CA  C    sing N N 250 
PRO CA  CB   sing N N 251 
PRO CA  HA   sing N N 252 
PRO C   O    doub N N 253 
PRO C   OXT  sing N N 254 
PRO CB  CG   sing N N 255 
PRO CB  HB2  sing N N 256 
PRO CB  HB3  sing N N 257 
PRO CG  CD   sing N N 258 
PRO CG  HG2  sing N N 259 
PRO CG  HG3  sing N N 260 
PRO CD  HD2  sing N N 261 
PRO CD  HD3  sing N N 262 
PRO OXT HXT  sing N N 263 
SER N   CA   sing N N 264 
SER N   H    sing N N 265 
SER N   H2   sing N N 266 
SER CA  C    sing N N 267 
SER CA  CB   sing N N 268 
SER CA  HA   sing N N 269 
SER C   O    doub N N 270 
SER C   OXT  sing N N 271 
SER CB  OG   sing N N 272 
SER CB  HB2  sing N N 273 
SER CB  HB3  sing N N 274 
SER OG  HG   sing N N 275 
SER OXT HXT  sing N N 276 
THR N   CA   sing N N 277 
THR N   H    sing N N 278 
THR N   H2   sing N N 279 
THR CA  C    sing N N 280 
THR CA  CB   sing N N 281 
THR CA  HA   sing N N 282 
THR C   O    doub N N 283 
THR C   OXT  sing N N 284 
THR CB  OG1  sing N N 285 
THR CB  CG2  sing N N 286 
THR CB  HB   sing N N 287 
THR OG1 HG1  sing N N 288 
THR CG2 HG21 sing N N 289 
THR CG2 HG22 sing N N 290 
THR CG2 HG23 sing N N 291 
THR OXT HXT  sing N N 292 
TYR N   CA   sing N N 293 
TYR N   H    sing N N 294 
TYR N   H2   sing N N 295 
TYR CA  C    sing N N 296 
TYR CA  CB   sing N N 297 
TYR CA  HA   sing N N 298 
TYR C   O    doub N N 299 
TYR C   OXT  sing N N 300 
TYR CB  CG   sing N N 301 
TYR CB  HB2  sing N N 302 
TYR CB  HB3  sing N N 303 
TYR CG  CD1  doub Y N 304 
TYR CG  CD2  sing Y N 305 
TYR CD1 CE1  sing Y N 306 
TYR CD1 HD1  sing N N 307 
TYR CD2 CE2  doub Y N 308 
TYR CD2 HD2  sing N N 309 
TYR CE1 CZ   doub Y N 310 
TYR CE1 HE1  sing N N 311 
TYR CE2 CZ   sing Y N 312 
TYR CE2 HE2  sing N N 313 
TYR CZ  OH   sing N N 314 
TYR OH  HH   sing N N 315 
TYR OXT HXT  sing N N 316 
VAL N   CA   sing N N 317 
VAL N   H    sing N N 318 
VAL N   H2   sing N N 319 
VAL CA  C    sing N N 320 
VAL CA  CB   sing N N 321 
VAL CA  HA   sing N N 322 
VAL C   O    doub N N 323 
VAL C   OXT  sing N N 324 
VAL CB  CG1  sing N N 325 
VAL CB  CG2  sing N N 326 
VAL CB  HB   sing N N 327 
VAL CG1 HG11 sing N N 328 
VAL CG1 HG12 sing N N 329 
VAL CG1 HG13 sing N N 330 
VAL CG2 HG21 sing N N 331 
VAL CG2 HG22 sing N N 332 
VAL CG2 HG23 sing N N 333 
VAL OXT HXT  sing N N 334 
# 
_atom_sites.entry_id                    2QT7 
_atom_sites.fract_transf_matrix[1][1]   0.01460585 
_atom_sites.fract_transf_matrix[1][2]   -0.01231947 
_atom_sites.fract_transf_matrix[1][3]   0.02503038 
_atom_sites.fract_transf_matrix[2][1]   -0.01235945 
_atom_sites.fract_transf_matrix[2][2]   0.00201354 
_atom_sites.fract_transf_matrix[2][3]   0.00820308 
_atom_sites.fract_transf_matrix[3][1]   -0.00439330 
_atom_sites.fract_transf_matrix[3][2]   -0.01244902 
_atom_sites.fract_transf_matrix[3][3]   -0.00356357 
_atom_sites.fract_transf_vector[1]      0.354687 
_atom_sites.fract_transf_vector[2]      -0.045881 
_atom_sites.fract_transf_vector[3]      0.124272 
# 
loop_
_atom_type.symbol 
C  
CA 
N  
O  
S  
# 
loop_
_atom_site.group_PDB 
_atom_site.id 
_atom_site.type_symbol 
_atom_site.label_atom_id 
_atom_site.label_alt_id 
_atom_site.label_comp_id 
_atom_site.label_asym_id 
_atom_site.label_entity_id 
_atom_site.label_seq_id 
_atom_site.pdbx_PDB_ins_code 
_atom_site.Cartn_x 
_atom_site.Cartn_y 
_atom_site.Cartn_z 
_atom_site.occupancy 
_atom_site.B_iso_or_equiv 
_atom_site.pdbx_formal_charge 
_atom_site.auth_seq_id 
_atom_site.auth_comp_id 
_atom_site.auth_asym_id 
_atom_site.auth_atom_id 
_atom_site.pdbx_PDB_model_num 
ATOM   1    N  N   . GLU A 1 2  ? -7.556  -11.895 6.823   1.00 24.06 ? 21  GLU A N   1 
ATOM   2    C  CA  . GLU A 1 2  ? -8.273  -11.716 5.528   1.00 22.95 ? 21  GLU A CA  1 
ATOM   3    C  C   . GLU A 1 2  ? -7.782  -10.474 4.774   1.00 21.78 ? 21  GLU A C   1 
ATOM   4    O  O   . GLU A 1 2  ? -8.545  -9.822  4.063   1.00 23.11 ? 21  GLU A O   1 
ATOM   5    C  CB  . GLU A 1 2  ? -9.792  -11.660 5.750   1.00 23.78 ? 21  GLU A CB  1 
ATOM   6    N  N   . GLU A 1 3  ? -6.503  -10.145 4.935   1.00 19.87 ? 22  GLU A N   1 
ATOM   7    C  CA  . GLU A 1 3  ? -5.904  -9.043  4.183   1.00 17.83 ? 22  GLU A CA  1 
ATOM   8    C  C   . GLU A 1 3  ? -5.595  -9.472  2.748   1.00 14.92 ? 22  GLU A C   1 
ATOM   9    O  O   . GLU A 1 3  ? -5.372  -10.657 2.469   1.00 14.43 ? 22  GLU A O   1 
ATOM   10   C  CB  . GLU A 1 3  ? -4.635  -8.539  4.863   1.00 17.97 ? 22  GLU A CB  1 
ATOM   11   C  CG  . GLU A 1 3  ? -4.868  -7.813  6.195   1.00 20.22 ? 22  GLU A CG  1 
ATOM   12   C  CD  . GLU A 1 3  ? -3.588  -7.232  6.777   1.00 21.25 ? 22  GLU A CD  1 
ATOM   13   O  OE1 . GLU A 1 3  ? -2.495  -7.779  6.510   1.00 26.22 ? 22  GLU A OE1 1 
ATOM   14   O  OE2 . GLU A 1 3  ? -3.684  -6.220  7.508   1.00 27.43 ? 22  GLU A OE2 1 
ATOM   15   N  N   . TYR A 1 4  ? -5.597  -8.491  1.849   1.00 11.94 ? 23  TYR A N   1 
ATOM   16   C  CA  . TYR A 1 4  ? -5.291  -8.686  0.430   1.00 11.06 ? 23  TYR A CA  1 
ATOM   17   C  C   . TYR A 1 4  ? -4.273  -7.674  -0.020  1.00 10.15 ? 23  TYR A C   1 
ATOM   18   O  O   . TYR A 1 4  ? -4.204  -6.560  0.519   1.00 9.60  ? 23  TYR A O   1 
ATOM   19   C  CB  . TYR A 1 4  ? -6.549  -8.485  -0.414  1.00 12.75 ? 23  TYR A CB  1 
ATOM   20   C  CG  . TYR A 1 4  ? -7.563  -9.544  -0.165  1.00 15.69 ? 23  TYR A CG  1 
ATOM   21   C  CD1 . TYR A 1 4  ? -7.609  -10.681 -0.959  1.00 17.25 ? 23  TYR A CD1 1 
ATOM   22   C  CD2 . TYR A 1 4  ? -8.451  -9.442  0.903   1.00 17.09 ? 23  TYR A CD2 1 
ATOM   23   C  CE1 . TYR A 1 4  ? -8.533  -11.695 -0.702  1.00 18.63 ? 23  TYR A CE1 1 
ATOM   24   C  CE2 . TYR A 1 4  ? -9.373  -10.447 1.163   1.00 18.40 ? 23  TYR A CE2 1 
ATOM   25   C  CZ  . TYR A 1 4  ? -9.403  -11.562 0.359   1.00 18.43 ? 23  TYR A CZ  1 
ATOM   26   O  OH  . TYR A 1 4  ? -10.317 -12.552 0.618   1.00 20.21 ? 23  TYR A OH  1 
ATOM   27   N  N   . GLY A 1 5  ? -3.479  -8.048  -1.011  1.00 9.16  ? 24  GLY A N   1 
ATOM   28   C  CA  . GLY A 1 5  ? -2.655  -7.107  -1.738  1.00 8.63  ? 24  GLY A CA  1 
ATOM   29   C  C   . GLY A 1 5  ? -3.494  -6.395  -2.777  1.00 8.55  ? 24  GLY A C   1 
ATOM   30   O  O   . GLY A 1 5  ? -4.449  -6.970  -3.306  1.00 8.53  ? 24  GLY A O   1 
ATOM   31   N  N   . TYR A 1 6  ? -3.151  -5.139  -3.065  1.00 8.78  ? 25  TYR A N   1 
ATOM   32   C  CA  A TYR A 1 6  ? -3.872  -4.235  -3.972  0.80 9.85  ? 25  TYR A CA  1 
ATOM   33   C  CA  B TYR A 1 6  ? -3.822  -4.510  -4.167  0.20 8.47  ? 25  TYR A CA  1 
ATOM   34   C  C   . TYR A 1 6  ? -2.915  -3.602  -4.957  1.00 9.06  ? 25  TYR A C   1 
ATOM   35   O  O   . TYR A 1 6  ? -1.909  -3.061  -4.500  1.00 10.46 ? 25  TYR A O   1 
ATOM   36   C  CB  A TYR A 1 6  ? -4.426  -3.051  -3.149  0.80 10.82 ? 25  TYR A CB  1 
ATOM   37   C  CB  B TYR A 1 6  ? -5.124  -3.823  -3.747  0.20 7.79  ? 25  TYR A CB  1 
ATOM   38   C  CG  A TYR A 1 6  ? -5.810  -3.248  -2.639  0.80 12.96 ? 25  TYR A CG  1 
ATOM   39   C  CG  B TYR A 1 6  ? -4.896  -2.684  -2.814  0.20 7.12  ? 25  TYR A CG  1 
ATOM   40   C  CD1 A TYR A 1 6  ? -6.889  -2.658  -3.289  0.80 14.17 ? 25  TYR A CD1 1 
ATOM   41   C  CD1 B TYR A 1 6  ? -4.964  -2.867  -1.439  0.20 6.43  ? 25  TYR A CD1 1 
ATOM   42   C  CD2 A TYR A 1 6  ? -6.055  -4.055  -1.535  0.80 14.22 ? 25  TYR A CD2 1 
ATOM   43   C  CD2 B TYR A 1 6  ? -4.573  -1.423  -3.304  0.20 7.09  ? 25  TYR A CD2 1 
ATOM   44   C  CE1 A TYR A 1 6  ? -8.177  -2.842  -2.839  0.80 14.98 ? 25  TYR A CE1 1 
ATOM   45   C  CE1 B TYR A 1 6  ? -4.736  -1.818  -0.579  0.20 6.96  ? 25  TYR A CE1 1 
ATOM   46   C  CE2 A TYR A 1 6  ? -7.352  -4.253  -1.070  0.80 14.16 ? 25  TYR A CE2 1 
ATOM   47   C  CE2 B TYR A 1 6  ? -4.343  -0.372  -2.454  0.20 7.35  ? 25  TYR A CE2 1 
ATOM   48   C  CZ  A TYR A 1 6  ? -8.402  -3.642  -1.733  0.80 14.57 ? 25  TYR A CZ  1 
ATOM   49   C  CZ  B TYR A 1 6  ? -4.422  -0.577  -1.094  0.20 7.44  ? 25  TYR A CZ  1 
ATOM   50   O  OH  A TYR A 1 6  ? -9.682  -3.835  -1.296  0.80 17.04 ? 25  TYR A OH  1 
ATOM   51   O  OH  B TYR A 1 6  ? -4.202  0.471   -0.243  0.20 7.86  ? 25  TYR A OH  1 
ATOM   52   N  N   . ILE A 1 7  ? -3.273  -3.545  -6.227  1.00 8.13  ? 26  ILE A N   1 
ATOM   53   C  CA  . ILE A 1 7  ? -2.611  -2.696  -7.203  1.00 8.93  ? 26  ILE A CA  1 
ATOM   54   C  C   . ILE A 1 7  ? -3.733  -1.873  -7.813  1.00 8.69  ? 26  ILE A C   1 
ATOM   55   O  O   . ILE A 1 7  ? -4.664  -2.423  -8.405  1.00 8.61  ? 26  ILE A O   1 
ATOM   56   C  CB  . ILE A 1 7  ? -1.885  -3.516  -8.275  1.00 9.16  ? 26  ILE A CB  1 
ATOM   57   C  CG1 . ILE A 1 7  ? -0.768  -4.327  -7.619  1.00 10.74 ? 26  ILE A CG1 1 
ATOM   58   C  CG2 . ILE A 1 7  ? -1.316  -2.606  -9.366  1.00 12.56 ? 26  ILE A CG2 1 
ATOM   59   C  CD1 . ILE A 1 7  ? -0.010  -5.259  -8.554  1.00 13.22 ? 26  ILE A CD1 1 
ATOM   60   N  N   . VAL A 1 8  ? -3.681  -0.560  -7.599  1.00 8.54  ? 27  VAL A N   1 
ATOM   61   C  CA  . VAL A 1 8  ? -4.719  0.333   -8.096  1.00 9.51  ? 27  VAL A CA  1 
ATOM   62   C  C   . VAL A 1 8  ? -4.236  0.996   -9.369  1.00 8.77  ? 27  VAL A C   1 
ATOM   63   O  O   . VAL A 1 8  ? -3.153  1.580   -9.393  1.00 8.42  ? 27  VAL A O   1 
ATOM   64   C  CB  . VAL A 1 8  ? -5.053  1.421   -7.068  1.00 10.58 ? 27  VAL A CB  1 
ATOM   65   C  CG1 . VAL A 1 8  ? -6.171  2.321   -7.578  1.00 12.89 ? 27  VAL A CG1 1 
ATOM   66   C  CG2 . VAL A 1 8  ? -5.388  0.789   -5.726  1.00 12.02 ? 27  VAL A CG2 1 
ATOM   67   N  N   . THR A 1 9  ? -5.057  0.901   -10.408 1.00 9.56  ? 28  THR A N   1 
ATOM   68   C  CA  . THR A 1 9  ? -4.705  1.385   -11.726 1.00 10.52 ? 28  THR A CA  1 
ATOM   69   C  C   . THR A 1 9  ? -5.565  2.579   -12.139 1.00 10.54 ? 28  THR A C   1 
ATOM   70   O  O   . THR A 1 9  ? -6.443  3.009   -11.392 1.00 11.10 ? 28  THR A O   1 
ATOM   71   C  CB  . THR A 1 9  ? -4.871  0.275   -12.793 1.00 9.73  ? 28  THR A CB  1 
ATOM   72   O  OG1 . THR A 1 9  ? -6.273  0.041   -13.036 1.00 10.69 ? 28  THR A OG1 1 
ATOM   73   C  CG2 . THR A 1 9  ? -4.200  -1.020  -12.350 1.00 10.13 ? 28  THR A CG2 1 
ATOM   74   N  N   . ASP A 1 10 ? -5.307  3.082   -13.340 1.00 11.32 ? 29  ASP A N   1 
ATOM   75   C  CA  . ASP A 1 10 ? -6.138  4.143   -13.928 1.00 12.97 ? 29  ASP A CA  1 
ATOM   76   C  C   . ASP A 1 10 ? -7.258  3.576   -14.812 1.00 13.78 ? 29  ASP A C   1 
ATOM   77   O  O   . ASP A 1 10 ? -7.776  4.295   -15.681 1.00 14.19 ? 29  ASP A O   1 
ATOM   78   C  CB  . ASP A 1 10 ? -5.252  5.061   -14.762 1.00 13.84 ? 29  ASP A CB  1 
ATOM   79   C  CG  . ASP A 1 10 ? -4.681  4.358   -15.981 1.00 15.00 ? 29  ASP A CG  1 
ATOM   80   O  OD1 . ASP A 1 10 ? -4.642  3.104   -15.983 1.00 14.26 ? 29  ASP A OD1 1 
ATOM   81   O  OD2 . ASP A 1 10 ? -4.264  5.059   -16.927 1.00 16.67 ? 29  ASP A OD2 1 
ATOM   82   N  N   . GLN A 1 11 ? -7.646  2.316   -14.596 1.00 14.21 ? 30  GLN A N   1 
ATOM   83   C  CA  . GLN A 1 11 ? -8.601  1.617   -15.473 1.00 15.11 ? 30  GLN A CA  1 
ATOM   84   C  C   . GLN A 1 11 ? -10.040 1.717   -15.008 1.00 16.27 ? 30  GLN A C   1 
ATOM   85   O  O   . GLN A 1 11 ? -10.322 1.750   -13.806 1.00 16.53 ? 30  GLN A O   1 
ATOM   86   C  CB  . GLN A 1 11 ? -8.195  0.146   -15.594 1.00 14.89 ? 30  GLN A CB  1 
ATOM   87   C  CG  . GLN A 1 11 ? -6.810  -0.039  -16.166 1.00 15.10 ? 30  GLN A CG  1 
ATOM   88   C  CD  . GLN A 1 11 ? -6.723  0.429   -17.599 1.00 15.36 ? 30  GLN A CD  1 
ATOM   89   O  OE1 . GLN A 1 11 ? -6.155  1.481   -17.894 1.00 16.27 ? 30  GLN A OE1 1 
ATOM   90   N  NE2 . GLN A 1 11 ? -7.305  -0.347  -18.495 1.00 16.74 ? 30  GLN A NE2 1 
ATOM   91   N  N   . LYS A 1 12 ? -10.951 1.746   -15.981 1.00 17.24 ? 31  LYS A N   1 
ATOM   92   C  CA  . LYS A 1 12 ? -12.379 1.857   -15.709 1.00 18.36 ? 31  LYS A CA  1 
ATOM   93   C  C   . LYS A 1 12 ? -13.213 1.023   -16.672 1.00 18.55 ? 31  LYS A C   1 
ATOM   94   O  O   . LYS A 1 12 ? -13.629 1.523   -17.720 1.00 19.35 ? 31  LYS A O   1 
ATOM   95   C  CB  . LYS A 1 12 ? -12.818 3.313   -15.815 1.00 18.87 ? 31  LYS A CB  1 
ATOM   96   C  CG  . LYS A 1 12 ? -14.266 3.489   -15.417 1.00 20.39 ? 31  LYS A CG  1 
ATOM   97   C  CD  . LYS A 1 12 ? -14.799 4.849   -15.746 1.00 22.47 ? 31  LYS A CD  1 
ATOM   98   C  CE  . LYS A 1 12 ? -16.278 4.888   -15.419 1.00 23.60 ? 31  LYS A CE  1 
ATOM   99   N  NZ  . LYS A 1 12 ? -16.834 6.263   -15.424 1.00 24.29 ? 31  LYS A NZ  1 
ATOM   100  N  N   . PRO A 1 13 ? -13.456 -0.250  -16.338 1.00 18.38 ? 32  PRO A N   1 
ATOM   101  C  CA  . PRO A 1 13 ? -12.891 -0.963  -15.206 1.00 17.38 ? 32  PRO A CA  1 
ATOM   102  C  C   . PRO A 1 13 ? -11.578 -1.621  -15.619 1.00 16.06 ? 32  PRO A C   1 
ATOM   103  O  O   . PRO A 1 13 ? -11.247 -1.671  -16.811 1.00 15.29 ? 32  PRO A O   1 
ATOM   104  C  CB  . PRO A 1 13 ? -13.936 -2.040  -14.933 1.00 18.75 ? 32  PRO A CB  1 
ATOM   105  C  CG  . PRO A 1 13 ? -14.430 -2.376  -16.291 1.00 18.91 ? 32  PRO A CG  1 
ATOM   106  C  CD  . PRO A 1 13 ? -14.380 -1.109  -17.104 1.00 19.03 ? 32  PRO A CD  1 
ATOM   107  N  N   . LEU A 1 14 ? -10.843 -2.127  -14.640 1.00 14.75 ? 33  LEU A N   1 
ATOM   108  C  CA  . LEU A 1 14 ? -9.676  -2.938  -14.918 1.00 13.92 ? 33  LEU A CA  1 
ATOM   109  C  C   . LEU A 1 14 ? -10.139 -4.279  -15.456 1.00 13.01 ? 33  LEU A C   1 
ATOM   110  O  O   . LEU A 1 14 ? -10.970 -4.956  -14.862 1.00 11.96 ? 33  LEU A O   1 
ATOM   111  C  CB  . LEU A 1 14 ? -8.845  -3.118  -13.652 1.00 14.05 ? 33  LEU A CB  1 
ATOM   112  C  CG  . LEU A 1 14 ? -7.656  -4.079  -13.731 1.00 13.29 ? 33  LEU A CG  1 
ATOM   113  C  CD1 . LEU A 1 14 ? -6.606  -3.600  -14.708 1.00 13.86 ? 33  LEU A CD1 1 
ATOM   114  C  CD2 . LEU A 1 14 ? -7.063  -4.211  -12.344 1.00 12.32 ? 33  LEU A CD2 1 
ATOM   115  N  N   . SER A 1 15 ? -9.590  -4.660  -16.599 1.00 13.09 ? 34  SER A N   1 
ATOM   116  C  CA  . SER A 1 15 ? -9.926  -5.960  -17.140 1.00 13.85 ? 34  SER A CA  1 
ATOM   117  C  C   . SER A 1 15 ? -9.206  -7.067  -16.354 1.00 13.10 ? 34  SER A C   1 
ATOM   118  O  O   . SER A 1 15 ? -8.073  -6.899  -15.872 1.00 12.49 ? 34  SER A O   1 
ATOM   119  C  CB  . SER A 1 15 ? -9.626  -6.018  -18.636 1.00 15.58 ? 34  SER A CB  1 
ATOM   120  O  OG  . SER A 1 15 ? -8.442  -6.719  -18.925 1.00 17.90 ? 34  SER A OG  1 
ATOM   121  N  N   . LEU A 1 16 ? -9.898  -8.182  -16.184 1.00 12.79 ? 35  LEU A N   1 
ATOM   122  C  CA  . LEU A 1 16 ? -9.333  -9.347  -15.509 1.00 13.05 ? 35  LEU A CA  1 
ATOM   123  C  C   . LEU A 1 16 ? -8.058  -9.851  -16.191 1.00 12.64 ? 35  LEU A C   1 
ATOM   124  O  O   . LEU A 1 16 ? -7.057  -10.167 -15.530 1.00 11.63 ? 35  LEU A O   1 
ATOM   125  C  CB  . LEU A 1 16 ? -10.387 -10.445 -15.458 1.00 14.79 ? 35  LEU A CB  1 
ATOM   126  C  CG  . LEU A 1 16 ? -10.049 -11.714 -14.684 1.00 15.35 ? 35  LEU A CG  1 
ATOM   127  C  CD1 . LEU A 1 16 ? -9.758  -11.436 -13.199 1.00 16.14 ? 35  LEU A CD1 1 
ATOM   128  C  CD2 . LEU A 1 16 ? -11.195 -12.699 -14.859 1.00 16.67 ? 35  LEU A CD2 1 
ATOM   129  N  N   . ALA A 1 17 ? -8.082  -9.930  -17.512 1.00 11.68 ? 36  ALA A N   1 
ATOM   130  C  CA  . ALA A 1 17 ? -6.919  -10.368 -18.259 1.00 11.93 ? 36  ALA A CA  1 
ATOM   131  C  C   . ALA A 1 17 ? -5.735  -9.453  -18.009 1.00 11.60 ? 36  ALA A C   1 
ATOM   132  O  O   . ALA A 1 17 ? -4.608  -9.924  -17.794 1.00 12.07 ? 36  ALA A O   1 
ATOM   133  C  CB  . ALA A 1 17 ? -7.229  -10.433 -19.737 1.00 12.13 ? 36  ALA A CB  1 
ATOM   134  N  N   . ALA A 1 18 ? -5.970  -8.140  -18.024 1.00 11.83 ? 37  ALA A N   1 
ATOM   135  C  CA  . ALA A 1 18 ? -4.893  -7.202  -17.757 1.00 11.28 ? 37  ALA A CA  1 
ATOM   136  C  C   . ALA A 1 18 ? -4.387  -7.333  -16.323 1.00 10.57 ? 37  ALA A C   1 
ATOM   137  O  O   . ALA A 1 18 ? -3.190  -7.263  -16.087 1.00 10.94 ? 37  ALA A O   1 
ATOM   138  C  CB  . ALA A 1 18 ? -5.332  -5.769  -18.046 1.00 12.50 ? 37  ALA A CB  1 
ATOM   139  N  N   . GLY A 1 19 ? -5.292  -7.527  -15.375 1.00 10.46 ? 38  GLY A N   1 
ATOM   140  C  CA  . GLY A 1 19 ? -4.896  -7.723  -13.981 1.00 10.82 ? 38  GLY A CA  1 
ATOM   141  C  C   . GLY A 1 19 ? -3.970  -8.913  -13.814 1.00 10.78 ? 38  GLY A C   1 
ATOM   142  O  O   . GLY A 1 19 ? -2.933  -8.796  -13.167 1.00 10.54 ? 38  GLY A O   1 
ATOM   143  N  N   . VAL A 1 20 ? -4.306  -10.054 -14.409 1.00 11.17 ? 39  VAL A N   1 
ATOM   144  C  CA  . VAL A 1 20 ? -3.434  -11.223 -14.233 1.00 11.98 ? 39  VAL A CA  1 
ATOM   145  C  C   . VAL A 1 20 ? -2.168  -11.127 -15.076 1.00 11.74 ? 39  VAL A C   1 
ATOM   146  O  O   . VAL A 1 20 ? -1.158  -11.751 -14.743 1.00 11.24 ? 39  VAL A O   1 
ATOM   147  C  CB  . VAL A 1 20 ? -4.158  -12.583 -14.385 1.00 13.04 ? 39  VAL A CB  1 
ATOM   148  C  CG1 . VAL A 1 20 ? -5.338  -12.649 -13.435 1.00 14.27 ? 39  VAL A CG1 1 
ATOM   149  C  CG2 . VAL A 1 20 ? -4.569  -12.838 -15.828 1.00 13.97 ? 39  VAL A CG2 1 
ATOM   150  N  N   . LYS A 1 21 ? -2.186  -10.317 -16.132 1.00 11.51 ? 40  LYS A N   1 
ATOM   151  C  CA  . LYS A 1 21 ? -0.955  -10.035 -16.840 1.00 11.98 ? 40  LYS A CA  1 
ATOM   152  C  C   . LYS A 1 21 ? 0.003   -9.236  -15.944 1.00 12.03 ? 40  LYS A C   1 
ATOM   153  O  O   . LYS A 1 21 ? 1.219   -9.485  -15.941 1.00 12.02 ? 40  LYS A O   1 
ATOM   154  C  CB  . LYS A 1 21 ? -1.226  -9.322  -18.161 1.00 13.53 ? 40  LYS A CB  1 
ATOM   155  C  CG  . LYS A 1 21 ? -0.012  -9.206  -19.041 1.00 15.36 ? 40  LYS A CG  1 
ATOM   156  C  CD  . LYS A 1 21 ? -0.388  -8.667  -20.397 1.00 18.21 ? 40  LYS A CD  1 
ATOM   157  C  CE  . LYS A 1 21 ? 0.824   -8.617  -21.295 1.00 20.88 ? 40  LYS A CE  1 
ATOM   158  N  NZ  . LYS A 1 21 ? 0.475   -8.033  -22.619 1.00 22.25 ? 40  LYS A NZ  1 
ATOM   159  N  N   . LEU A 1 22 ? -0.532  -8.299  -15.159 1.00 11.29 ? 41  LEU A N   1 
ATOM   160  C  CA  . LEU A 1 22 ? 0.291   -7.576  -14.180 1.00 10.85 ? 41  LEU A CA  1 
ATOM   161  C  C   . LEU A 1 22 ? 0.932   -8.582  -13.243 1.00 9.97  ? 41  LEU A C   1 
ATOM   162  O  O   . LEU A 1 22 ? 2.130   -8.505  -12.938 1.00 10.36 ? 41  LEU A O   1 
ATOM   163  C  CB  . LEU A 1 22 ? -0.553  -6.606  -13.336 1.00 11.66 ? 41  LEU A CB  1 
ATOM   164  C  CG  . LEU A 1 22 ? -1.061  -5.322  -13.997 1.00 11.31 ? 41  LEU A CG  1 
ATOM   165  C  CD1 . LEU A 1 22 ? -2.025  -4.608  -13.070 1.00 12.21 ? 41  LEU A CD1 1 
ATOM   166  C  CD2 . LEU A 1 22 ? 0.096   -4.401  -14.386 1.00 13.85 ? 41  LEU A CD2 1 
ATOM   167  N  N   . LEU A 1 23 ? 0.135   -9.528  -12.766 1.00 8.53  ? 42  LEU A N   1 
ATOM   168  C  CA  . LEU A 1 23 ? 0.644   -10.542 -11.858 1.00 8.80  ? 42  LEU A CA  1 
ATOM   169  C  C   . LEU A 1 23 ? 1.698   -11.428 -12.509 1.00 9.18  ? 42  LEU A C   1 
ATOM   170  O  O   . LEU A 1 23 ? 2.656   -11.831 -11.841 1.00 9.34  ? 42  LEU A O   1 
ATOM   171  C  CB  . LEU A 1 23 ? -0.488  -11.384 -11.282 1.00 8.87  ? 42  LEU A CB  1 
ATOM   172  C  CG  . LEU A 1 23 ? -1.490  -10.635 -10.399 1.00 9.80  ? 42  LEU A CG  1 
ATOM   173  C  CD1 . LEU A 1 23 ? -2.592  -11.547 -9.952  1.00 10.59 ? 42  LEU A CD1 1 
ATOM   174  C  CD2 . LEU A 1 23 ? -0.825  -10.006 -9.189  1.00 11.87 ? 42  LEU A CD2 1 
ATOM   175  N  N   . GLU A 1 24 ? 1.545   -11.737 -13.794 1.00 9.19  ? 43  GLU A N   1 
ATOM   176  C  CA  . GLU A 1 24 ? 2.527   -12.562 -14.490 1.00 10.13 ? 43  GLU A CA  1 
ATOM   177  C  C   . GLU A 1 24 ? 3.893   -11.879 -14.521 1.00 10.63 ? 43  GLU A C   1 
ATOM   178  O  O   . GLU A 1 24 ? 4.928   -12.501 -14.241 1.00 10.30 ? 43  GLU A O   1 
ATOM   179  C  CB  . GLU A 1 24 ? 2.067   -12.849 -15.925 1.00 10.73 ? 43  GLU A CB  1 
ATOM   180  C  CG  . GLU A 1 24 ? 2.786   -14.065 -16.537 1.00 12.08 ? 43  GLU A CG  1 
ATOM   181  C  CD  . GLU A 1 24 ? 2.533   -15.340 -15.741 1.00 13.46 ? 43  GLU A CD  1 
ATOM   182  O  OE1 . GLU A 1 24 ? 1.364   -15.569 -15.372 1.00 12.83 ? 43  GLU A OE1 1 
ATOM   183  O  OE2 . GLU A 1 24 ? 3.495   -16.107 -15.470 1.00 13.99 ? 43  GLU A OE2 1 
ATOM   184  N  N   A ILE A 1 25 ? 3.896   -10.600 -14.872 0.50 10.62 ? 44  ILE A N   1 
ATOM   185  N  N   B ILE A 1 25 ? 3.899   -10.600 -14.868 0.50 10.53 ? 44  ILE A N   1 
ATOM   186  C  CA  A ILE A 1 25 ? 5.135   -9.838  -14.962 0.50 11.75 ? 44  ILE A CA  1 
ATOM   187  C  CA  B ILE A 1 25 ? 5.141   -9.845  -14.972 0.50 11.61 ? 44  ILE A CA  1 
ATOM   188  C  C   A ILE A 1 25 ? 5.761   -9.705  -13.581 0.50 11.20 ? 44  ILE A C   1 
ATOM   189  C  C   B ILE A 1 25 ? 5.766   -9.660  -13.591 0.50 11.11 ? 44  ILE A C   1 
ATOM   190  O  O   A ILE A 1 25 ? 6.975   -9.860  -13.415 0.50 11.57 ? 44  ILE A O   1 
ATOM   191  O  O   B ILE A 1 25 ? 6.989   -9.733  -13.433 0.50 11.56 ? 44  ILE A O   1 
ATOM   192  C  CB  A ILE A 1 25 ? 4.891   -8.451  -15.596 0.50 12.31 ? 44  ILE A CB  1 
ATOM   193  C  CB  B ILE A 1 25 ? 4.906   -8.491  -15.659 0.50 12.02 ? 44  ILE A CB  1 
ATOM   194  C  CG1 A ILE A 1 25 ? 4.425   -8.600  -17.049 0.50 14.43 ? 44  ILE A CG1 1 
ATOM   195  C  CG1 B ILE A 1 25 ? 4.308   -8.715  -17.046 0.50 13.76 ? 44  ILE A CG1 1 
ATOM   196  C  CG2 A ILE A 1 25 ? 6.136   -7.563  -15.507 0.50 13.67 ? 44  ILE A CG2 1 
ATOM   197  C  CG2 B ILE A 1 25 ? 6.210   -7.699  -15.780 0.50 13.72 ? 44  ILE A CG2 1 
ATOM   198  C  CD1 A ILE A 1 25 ? 5.193   -9.638  -17.867 0.50 16.38 ? 44  ILE A CD1 1 
ATOM   199  C  CD1 B ILE A 1 25 ? 3.531   -7.533  -17.567 0.50 13.18 ? 44  ILE A CD1 1 
ATOM   200  N  N   . LEU A 1 26 ? 4.918   -9.445  -12.587 1.00 10.30 ? 45  LEU A N   1 
ATOM   201  C  CA  . LEU A 1 26 ? 5.358   -9.330  -11.207 1.00 9.87  ? 45  LEU A CA  1 
ATOM   202  C  C   . LEU A 1 26 ? 5.948   -10.651 -10.710 1.00 9.30  ? 45  LEU A C   1 
ATOM   203  O  O   . LEU A 1 26 ? 6.999   -10.671 -10.064 1.00 9.43  ? 45  LEU A O   1 
ATOM   204  C  CB  . LEU A 1 26 ? 4.193   -8.900  -10.319 1.00 9.62  ? 45  LEU A CB  1 
ATOM   205  C  CG  . LEU A 1 26 ? 4.509   -8.668  -8.849  1.00 10.03 ? 45  LEU A CG  1 
ATOM   206  C  CD1 . LEU A 1 26 ? 5.635   -7.632  -8.665  1.00 11.05 ? 45  LEU A CD1 1 
ATOM   207  C  CD2 . LEU A 1 26 ? 3.231   -8.212  -8.155  1.00 11.17 ? 45  LEU A CD2 1 
ATOM   208  N  N   . ALA A 1 27 ? 5.276   -11.756 -11.018 1.00 8.92  ? 46  ALA A N   1 
ATOM   209  C  CA  . ALA A 1 27 ? 5.749   -13.095 -10.634 1.00 9.17  ? 46  ALA A CA  1 
ATOM   210  C  C   . ALA A 1 27 ? 7.129   -13.371 -11.231 1.00 9.58  ? 46  ALA A C   1 
ATOM   211  O  O   . ALA A 1 27 ? 8.029   -13.876 -10.543 1.00 9.30  ? 46  ALA A O   1 
ATOM   212  C  CB  . ALA A 1 27 ? 4.745   -14.144 -11.079 1.00 9.54  ? 46  ALA A CB  1 
ATOM   213  N  N   . GLU A 1 28 ? 7.307   -13.029 -12.500 1.00 9.14  ? 47  GLU A N   1 
ATOM   214  C  CA  . GLU A 1 28 ? 8.607   -13.227 -13.132 1.00 10.93 ? 47  GLU A CA  1 
ATOM   215  C  C   . GLU A 1 28 ? 9.680   -12.430 -12.414 1.00 10.82 ? 47  GLU A C   1 
ATOM   216  O  O   . GLU A 1 28 ? 10.786  -12.934 -12.176 1.00 11.26 ? 47  GLU A O   1 
ATOM   217  C  CB  . GLU A 1 28 ? 8.569   -12.825 -14.604 1.00 11.18 ? 47  GLU A CB  1 
ATOM   218  C  CG  . GLU A 1 28 ? 7.738   -13.747 -15.466 1.00 13.00 ? 47  GLU A CG  1 
ATOM   219  C  CD  . GLU A 1 28 ? 7.767   -13.377 -16.934 1.00 15.55 ? 47  GLU A CD  1 
ATOM   220  O  OE1 . GLU A 1 28 ? 8.798   -12.840 -17.406 1.00 20.96 ? 47  GLU A OE1 1 
ATOM   221  O  OE2 . GLU A 1 28 ? 6.763   -13.661 -17.627 1.00 18.36 ? 47  GLU A OE2 1 
ATOM   222  N  N   . HIS A 1 29 ? 9.356   -11.189 -12.050 1.00 10.77 ? 48  HIS A N   1 
ATOM   223  C  CA  . HIS A 1 29 ? 10.321  -10.320 -11.383 1.00 10.80 ? 48  HIS A CA  1 
ATOM   224  C  C   . HIS A 1 29 ? 10.718  -10.823 -9.998  1.00 11.14 ? 48  HIS A C   1 
ATOM   225  O  O   . HIS A 1 29 ? 11.894  -10.736 -9.631  1.00 11.78 ? 48  HIS A O   1 
ATOM   226  C  CB  . HIS A 1 29 ? 9.746   -8.902  -11.293 1.00 11.16 ? 48  HIS A CB  1 
ATOM   227  C  CG  . HIS A 1 29 ? 10.506  -8.006  -10.377 1.00 13.66 ? 48  HIS A CG  1 
ATOM   228  N  ND1 . HIS A 1 29 ? 11.728  -7.464  -10.708 1.00 15.70 ? 48  HIS A ND1 1 
ATOM   229  C  CD2 . HIS A 1 29 ? 10.223  -7.571  -9.129  1.00 15.79 ? 48  HIS A CD2 1 
ATOM   230  C  CE1 . HIS A 1 29 ? 12.170  -6.733  -9.699  1.00 15.95 ? 48  HIS A CE1 1 
ATOM   231  N  NE2 . HIS A 1 29 ? 11.273  -6.779  -8.729  1.00 17.08 ? 48  HIS A NE2 1 
ATOM   232  N  N   . VAL A 1 30 ? 9.775   -11.364 -9.236  1.00 10.70 ? 49  VAL A N   1 
ATOM   233  C  CA  . VAL A 1 30 ? 10.060  -11.816 -7.869  1.00 11.42 ? 49  VAL A CA  1 
ATOM   234  C  C   . VAL A 1 30 ? 10.445  -13.295 -7.793  1.00 11.32 ? 49  VAL A C   1 
ATOM   235  O  O   . VAL A 1 30 ? 10.695  -13.814 -6.706  1.00 11.66 ? 49  VAL A O   1 
ATOM   236  C  CB  . VAL A 1 30 ? 8.899   -11.523 -6.883  1.00 12.00 ? 49  VAL A CB  1 
ATOM   237  C  CG1 . VAL A 1 30 ? 8.565   -10.026 -6.840  1.00 12.44 ? 49  VAL A CG1 1 
ATOM   238  C  CG2 . VAL A 1 30 ? 7.645   -12.352 -7.203  1.00 12.23 ? 49  VAL A CG2 1 
ATOM   239  N  N   . HIS A 1 31 ? 10.470  -13.963 -8.945  1.00 9.86  ? 50  HIS A N   1 
ATOM   240  C  CA  . HIS A 1 31 ? 10.844  -15.384 -9.052  1.00 10.40 ? 50  HIS A CA  1 
ATOM   241  C  C   . HIS A 1 31 ? 9.916   -16.283 -8.266  1.00 10.36 ? 50  HIS A C   1 
ATOM   242  O  O   . HIS A 1 31 ? 10.313  -17.108 -7.459  1.00 10.41 ? 50  HIS A O   1 
ATOM   243  C  CB  . HIS A 1 31 ? 12.327  -15.582 -8.714  1.00 10.58 ? 50  HIS A CB  1 
ATOM   244  C  CG  . HIS A 1 31 ? 13.222  -14.836 -9.645  1.00 11.55 ? 50  HIS A CG  1 
ATOM   245  N  ND1 . HIS A 1 31 ? 13.510  -15.283 -10.914 1.00 12.31 ? 50  HIS A ND1 1 
ATOM   246  C  CD2 . HIS A 1 31 ? 13.835  -13.631 -9.524  1.00 14.22 ? 50  HIS A CD2 1 
ATOM   247  C  CE1 . HIS A 1 31 ? 14.275  -14.399 -11.530 1.00 12.72 ? 50  HIS A CE1 1 
ATOM   248  N  NE2 . HIS A 1 31 ? 14.482  -13.384 -10.709 1.00 15.18 ? 50  HIS A NE2 1 
ATOM   249  N  N   . MET A 1 32 ? 8.629   -16.121 -8.552  1.00 10.85 ? 51  MET A N   1 
ATOM   250  C  CA  . MET A 1 32 ? 7.593   -16.974 -8.019  1.00 11.63 ? 51  MET A CA  1 
ATOM   251  C  C   . MET A 1 32 ? 6.672   -17.371 -9.170  1.00 10.61 ? 51  MET A C   1 
ATOM   252  O  O   . MET A 1 32 ? 6.575   -16.661 -10.158 1.00 10.56 ? 51  MET A O   1 
ATOM   253  C  CB  . MET A 1 32 ? 6.813   -16.196 -6.952  1.00 13.20 ? 51  MET A CB  1 
ATOM   254  C  CG  . MET A 1 32 ? 5.783   -16.985 -6.149  1.00 15.08 ? 51  MET A CG  1 
ATOM   255  S  SD  . MET A 1 32 ? 4.892   -15.974 -4.921  1.00 17.33 ? 51  MET A SD  1 
ATOM   256  C  CE  . MET A 1 32 ? 3.835   -14.979 -5.977  1.00 19.37 ? 51  MET A CE  1 
ATOM   257  N  N   . SER A 1 33 ? 6.020   -18.521 -9.069  1.00 10.46 ? 52  SER A N   1 
ATOM   258  C  CA  . SER A 1 33 ? 4.988   -18.860 -10.054 1.00 10.40 ? 52  SER A CA  1 
ATOM   259  C  C   . SER A 1 33 ? 3.803   -17.920 -9.886  1.00 9.91  ? 52  SER A C   1 
ATOM   260  O  O   . SER A 1 33 ? 3.376   -17.645 -8.759  1.00 9.97  ? 52  SER A O   1 
ATOM   261  C  CB  . SER A 1 33 ? 4.497   -20.285 -9.869  1.00 10.85 ? 52  SER A CB  1 
ATOM   262  O  OG  . SER A 1 33 ? 3.349   -20.535 -10.676 1.00 12.13 ? 52  SER A OG  1 
ATOM   263  N  N   . SER A 1 34 ? 3.224   -17.470 -10.989 1.00 9.84  ? 53  SER A N   1 
ATOM   264  C  CA  . SER A 1 34 ? 2.061   -16.597 -10.860 1.00 10.50 ? 53  SER A CA  1 
ATOM   265  C  C   . SER A 1 34 ? 0.868   -17.362 -10.277 1.00 10.03 ? 53  SER A C   1 
ATOM   266  O  O   . SER A 1 34 ? -0.064  -16.756 -9.764  1.00 10.22 ? 53  SER A O   1 
ATOM   267  C  CB  . SER A 1 34 ? 1.691   -15.941 -12.176 1.00 11.05 ? 53  SER A CB  1 
ATOM   268  O  OG  . SER A 1 34 ? 1.272   -16.930 -13.092 1.00 10.96 ? 53  SER A OG  1 
ATOM   269  N  N   . GLY A 1 35 ? 0.902   -18.694 -10.339 1.00 9.75  ? 54  GLY A N   1 
ATOM   270  C  CA  . GLY A 1 35 ? -0.137  -19.506 -9.702  1.00 10.02 ? 54  GLY A CA  1 
ATOM   271  C  C   . GLY A 1 35 ? -0.158  -19.351 -8.196  1.00 9.27  ? 54  GLY A C   1 
ATOM   272  O  O   . GLY A 1 35 ? -1.115  -19.754 -7.551  1.00 10.27 ? 54  GLY A O   1 
ATOM   273  N  N   . SER A 1 36 ? 0.909   -18.780 -7.632  1.00 9.49  ? 55  SER A N   1 
ATOM   274  C  CA  . SER A 1 36 ? 0.948   -18.485 -6.197  1.00 10.91 ? 55  SER A CA  1 
ATOM   275  C  C   . SER A 1 36 ? 0.120   -17.255 -5.792  1.00 10.06 ? 55  SER A C   1 
ATOM   276  O  O   . SER A 1 36 ? -0.091  -17.017 -4.598  1.00 10.62 ? 55  SER A O   1 
ATOM   277  C  CB  . SER A 1 36 ? 2.386   -18.316 -5.734  1.00 12.57 ? 55  SER A CB  1 
ATOM   278  O  OG  . SER A 1 36 ? 3.093   -19.539 -5.840  1.00 16.96 ? 55  SER A OG  1 
ATOM   279  N  N   . PHE A 1 37 ? -0.327  -16.481 -6.774  1.00 8.46  ? 56  PHE A N   1 
ATOM   280  C  CA  . PHE A 1 37 ? -1.272  -15.413 -6.515  1.00 9.25  ? 56  PHE A CA  1 
ATOM   281  C  C   . PHE A 1 37 ? -2.642  -16.048 -6.574  1.00 9.56  ? 56  PHE A C   1 
ATOM   282  O  O   . PHE A 1 37 ? -3.034  -16.589 -7.617  1.00 10.16 ? 56  PHE A O   1 
ATOM   283  C  CB  . PHE A 1 37 ? -1.168  -14.328 -7.570  1.00 10.16 ? 56  PHE A CB  1 
ATOM   284  C  CG  . PHE A 1 37 ? 0.074   -13.500 -7.481  1.00 9.49  ? 56  PHE A CG  1 
ATOM   285  C  CD1 . PHE A 1 37 ? 0.294   -12.674 -6.377  1.00 12.49 ? 56  PHE A CD1 1 
ATOM   286  C  CD2 . PHE A 1 37 ? 1.002   -13.508 -8.511  1.00 10.00 ? 56  PHE A CD2 1 
ATOM   287  C  CE1 . PHE A 1 37 ? 1.436   -11.876 -6.293  1.00 13.64 ? 56  PHE A CE1 1 
ATOM   288  C  CE2 . PHE A 1 37 ? 2.150   -12.721 -8.439  1.00 11.31 ? 56  PHE A CE2 1 
ATOM   289  C  CZ  . PHE A 1 37 ? 2.357   -11.896 -7.316  1.00 12.27 ? 56  PHE A CZ  1 
ATOM   290  N  N   . ILE A 1 38 ? -3.373  -15.969 -5.467  1.00 8.84  ? 57  ILE A N   1 
ATOM   291  C  CA  . ILE A 1 38 ? -4.641  -16.675 -5.312  1.00 10.12 ? 57  ILE A CA  1 
ATOM   292  C  C   . ILE A 1 38 ? -5.742  -15.715 -4.883  1.00 9.89  ? 57  ILE A C   1 
ATOM   293  O  O   . ILE A 1 38 ? -5.466  -14.570 -4.501  1.00 9.54  ? 57  ILE A O   1 
ATOM   294  C  CB  . ILE A 1 38 ? -4.514  -17.809 -4.276  1.00 10.69 ? 57  ILE A CB  1 
ATOM   295  C  CG1 . ILE A 1 38 ? -3.982  -17.262 -2.943  1.00 12.59 ? 57  ILE A CG1 1 
ATOM   296  C  CG2 . ILE A 1 38 ? -3.649  -18.943 -4.859  1.00 11.29 ? 57  ILE A CG2 1 
ATOM   297  C  CD1 . ILE A 1 38 ? -4.067  -18.244 -1.794  1.00 16.64 ? 57  ILE A CD1 1 
ATOM   298  N  N   . ASN A 1 39 ? -6.991  -16.169 -4.936  1.00 9.10  ? 58  ASN A N   1 
ATOM   299  C  CA  . ASN A 1 39 ? -8.127  -15.354 -4.491  1.00 10.29 ? 58  ASN A CA  1 
ATOM   300  C  C   . ASN A 1 39 ? -8.152  -14.019 -5.216  1.00 9.36  ? 58  ASN A C   1 
ATOM   301  O  O   . ASN A 1 39 ? -8.349  -12.973 -4.576  1.00 9.95  ? 58  ASN A O   1 
ATOM   302  C  CB  . ASN A 1 39 ? -8.061  -15.115 -2.984  1.00 11.65 ? 58  ASN A CB  1 
ATOM   303  C  CG  . ASN A 1 39 ? -7.970  -16.386 -2.206  1.00 15.30 ? 58  ASN A CG  1 
ATOM   304  O  OD1 . ASN A 1 39 ? -8.719  -17.331 -2.448  1.00 19.29 ? 58  ASN A OD1 1 
ATOM   305  N  ND2 . ASN A 1 39 ? -7.040  -16.431 -1.267  1.00 19.62 ? 58  ASN A ND2 1 
ATOM   306  N  N   . ILE A 1 40 ? -7.965  -14.040 -6.525  1.00 8.44  ? 59  ILE A N   1 
ATOM   307  C  CA  . ILE A 1 40 ? -7.812  -12.842 -7.336  1.00 9.17  ? 59  ILE A CA  1 
ATOM   308  C  C   . ILE A 1 40 ? -9.158  -12.257 -7.746  1.00 9.82  ? 59  ILE A C   1 
ATOM   309  O  O   . ILE A 1 40 ? -10.060 -12.968 -8.193  1.00 9.33  ? 59  ILE A O   1 
ATOM   310  C  CB  . ILE A 1 40 ? -7.004  -13.162 -8.607  1.00 9.21  ? 59  ILE A CB  1 
ATOM   311  C  CG1 . ILE A 1 40 ? -5.585  -13.621 -8.248  1.00 9.56  ? 59  ILE A CG1 1 
ATOM   312  C  CG2 . ILE A 1 40 ? -6.963  -11.963 -9.555  1.00 11.18 ? 59  ILE A CG2 1 
ATOM   313  C  CD1 . ILE A 1 40 ? -4.949  -14.407 -9.375  1.00 11.22 ? 59  ILE A CD1 1 
ATOM   314  N  N   . SER A 1 41 ? -9.300  -10.943 -7.594  1.00 10.75 ? 60  SER A N   1 
ATOM   315  C  CA  . SER A 1 41 ? -10.483 -10.237 -8.093  1.00 12.10 ? 60  SER A CA  1 
ATOM   316  C  C   . SER A 1 41 ? -10.069 -8.882  -8.631  1.00 12.89 ? 60  SER A C   1 
ATOM   317  O  O   . SER A 1 41 ? -9.137  -8.255  -8.093  1.00 14.05 ? 60  SER A O   1 
ATOM   318  C  CB  . SER A 1 41 ? -11.523 -10.002 -6.988  1.00 12.41 ? 60  SER A CB  1 
ATOM   319  O  OG  . SER A 1 41 ? -11.872 -11.187 -6.296  1.00 12.08 ? 60  SER A OG  1 
ATOM   320  N  N   . VAL A 1 42 ? -10.736 -8.426  -9.681  1.00 13.00 ? 61  VAL A N   1 
ATOM   321  C  CA  . VAL A 1 42 ? -10.592 -7.047  -10.124 1.00 14.20 ? 61  VAL A CA  1 
ATOM   322  C  C   . VAL A 1 42 ? -11.866 -6.335  -9.714  1.00 15.01 ? 61  VAL A C   1 
ATOM   323  O  O   . VAL A 1 42 ? -12.973 -6.826  -9.985  1.00 15.65 ? 61  VAL A O   1 
ATOM   324  C  CB  . VAL A 1 42 ? -10.270 -6.909  -11.648 1.00 13.86 ? 61  VAL A CB  1 
ATOM   325  C  CG1 . VAL A 1 42 ? -8.866  -7.448  -11.959 1.00 15.44 ? 61  VAL A CG1 1 
ATOM   326  C  CG2 . VAL A 1 42 ? -11.336 -7.584  -12.536 1.00 14.91 ? 61  VAL A CG2 1 
ATOM   327  N  N   . VAL A 1 43 ? -11.690 -5.225  -8.995  1.00 16.33 ? 62  VAL A N   1 
ATOM   328  C  CA  . VAL A 1 43 ? -12.792 -4.437  -8.441  1.00 17.09 ? 62  VAL A CA  1 
ATOM   329  C  C   . VAL A 1 43 ? -12.554 -2.983  -8.828  1.00 16.55 ? 62  VAL A C   1 
ATOM   330  O  O   . VAL A 1 43 ? -11.605 -2.356  -8.355  1.00 16.76 ? 62  VAL A O   1 
ATOM   331  C  CB  . VAL A 1 43 ? -12.838 -4.535  -6.899  1.00 17.01 ? 62  VAL A CB  1 
ATOM   332  C  CG1 . VAL A 1 43 ? -14.043 -3.770  -6.357  1.00 18.99 ? 62  VAL A CG1 1 
ATOM   333  C  CG2 . VAL A 1 43 ? -12.868 -5.992  -6.434  1.00 19.36 ? 62  VAL A CG2 1 
ATOM   334  N  N   . GLY A 1 44 ? -13.410 -2.458  -9.687  1.00 15.88 ? 63  GLY A N   1 
ATOM   335  C  CA  . GLY A 1 44 ? -13.218 -1.122  -10.225 1.00 15.26 ? 63  GLY A CA  1 
ATOM   336  C  C   . GLY A 1 44 ? -11.835 -1.040  -10.853 1.00 14.23 ? 63  GLY A C   1 
ATOM   337  O  O   . GLY A 1 44 ? -11.502 -1.848  -11.736 1.00 14.94 ? 63  GLY A O   1 
ATOM   338  N  N   . PRO A 1 45 ? -11.014 -0.065  -10.416 1.00 13.13 ? 64  PRO A N   1 
ATOM   339  C  CA  . PRO A 1 45 ? -9.681  0.100   -10.964 1.00 12.21 ? 64  PRO A CA  1 
ATOM   340  C  C   . PRO A 1 45 ? -8.627  -0.784  -10.289 1.00 11.11 ? 64  PRO A C   1 
ATOM   341  O  O   . PRO A 1 45 ? -7.467  -0.725  -10.675 1.00 10.87 ? 64  PRO A O   1 
ATOM   342  C  CB  . PRO A 1 45 ? -9.392  1.574   -10.670 1.00 12.48 ? 64  PRO A CB  1 
ATOM   343  C  CG  . PRO A 1 45 ? -10.028 1.805   -9.379  1.00 13.21 ? 64  PRO A CG  1 
ATOM   344  C  CD  . PRO A 1 45 ? -11.313 0.985   -9.416  1.00 13.35 ? 64  PRO A CD  1 
ATOM   345  N  N   . ALA A 1 46 ? -9.016  -1.559  -9.291  1.00 10.24 ? 65  ALA A N   1 
ATOM   346  C  CA  . ALA A 1 46 ? -8.068  -2.294  -8.465  1.00 10.63 ? 65  ALA A CA  1 
ATOM   347  C  C   . ALA A 1 46 ? -8.007  -3.800  -8.734  1.00 10.04 ? 65  ALA A C   1 
ATOM   348  O  O   . ALA A 1 46 ? -9.026  -4.469  -8.969  1.00 11.53 ? 65  ALA A O   1 
ATOM   349  C  CB  . ALA A 1 46 ? -8.357  -2.052  -6.984  1.00 11.43 ? 65  ALA A CB  1 
ATOM   350  N  N   . LEU A 1 47 ? -6.786  -4.311  -8.693  1.00 9.00  ? 66  LEU A N   1 
ATOM   351  C  CA  . LEU A 1 47 ? -6.503  -5.736  -8.691  1.00 9.42  ? 66  LEU A CA  1 
ATOM   352  C  C   . LEU A 1 47 ? -6.233  -6.117  -7.248  1.00 9.03  ? 66  LEU A C   1 
ATOM   353  O  O   . LEU A 1 47 ? -5.397  -5.494  -6.599  1.00 9.36  ? 66  LEU A O   1 
ATOM   354  C  CB  . LEU A 1 47 ? -5.251  -5.976  -9.520  1.00 10.25 ? 66  LEU A CB  1 
ATOM   355  C  CG  . LEU A 1 47 ? -4.577  -7.333  -9.426  1.00 12.02 ? 66  LEU A CG  1 
ATOM   356  C  CD1 . LEU A 1 47 ? -5.485  -8.400  -10.011 1.00 12.69 ? 66  LEU A CD1 1 
ATOM   357  C  CD2 . LEU A 1 47 ? -3.253  -7.266  -10.163 1.00 14.16 ? 66  LEU A CD2 1 
ATOM   358  N  N   . THR A 1 48 ? -6.925  -7.138  -6.755  1.00 8.35  ? 67  THR A N   1 
ATOM   359  C  CA  . THR A 1 48 ? -6.736  -7.639  -5.393  1.00 8.74  ? 67  THR A CA  1 
ATOM   360  C  C   . THR A 1 48 ? -6.395  -9.117  -5.416  1.00 8.11  ? 67  THR A C   1 
ATOM   361  O  O   . THR A 1 48 ? -6.815  -9.835  -6.321  1.00 8.71  ? 67  THR A O   1 
ATOM   362  C  CB  . THR A 1 48 ? -7.985  -7.421  -4.512  1.00 9.58  ? 67  THR A CB  1 
ATOM   363  O  OG1 . THR A 1 48 ? -9.071  -8.181  -5.040  1.00 10.68 ? 67  THR A OG1 1 
ATOM   364  C  CG2 . THR A 1 48 ? -8.377  -5.956  -4.459  1.00 11.35 ? 67  THR A CG2 1 
ATOM   365  N  N   . PHE A 1 49 ? -5.636  -9.567  -4.431  1.00 7.04  ? 68  PHE A N   1 
ATOM   366  C  CA  . PHE A 1 49 ? -5.143  -10.951 -4.425  1.00 7.94  ? 68  PHE A CA  1 
ATOM   367  C  C   . PHE A 1 49 ? -4.573  -11.308 -3.065  1.00 8.79  ? 68  PHE A C   1 
ATOM   368  O  O   . PHE A 1 49 ? -4.265  -10.431 -2.241  1.00 9.18  ? 68  PHE A O   1 
ATOM   369  C  CB  . PHE A 1 49 ? -4.040  -11.142 -5.477  1.00 8.22  ? 68  PHE A CB  1 
ATOM   370  C  CG  . PHE A 1 49 ? -2.923  -10.151 -5.336  1.00 8.54  ? 68  PHE A CG  1 
ATOM   371  C  CD1 . PHE A 1 49 ? -1.850  -10.407 -4.496  1.00 10.28 ? 68  PHE A CD1 1 
ATOM   372  C  CD2 . PHE A 1 49 ? -2.961  -8.932  -6.013  1.00 9.04  ? 68  PHE A CD2 1 
ATOM   373  C  CE1 . PHE A 1 49 ? -0.826  -9.469  -4.334  1.00 11.23 ? 68  PHE A CE1 1 
ATOM   374  C  CE2 . PHE A 1 49 ? -1.939  -7.991  -5.844  1.00 11.07 ? 68  PHE A CE2 1 
ATOM   375  C  CZ  . PHE A 1 49 ? -0.879  -8.271  -5.008  1.00 11.51 ? 68  PHE A CZ  1 
ATOM   376  N  N   . ARG A 1 50 ? -4.415  -12.607 -2.838  1.00 9.43  ? 69  ARG A N   1 
ATOM   377  C  CA  . ARG A 1 50 ? -3.664  -13.130 -1.717  1.00 10.34 ? 69  ARG A CA  1 
ATOM   378  C  C   . ARG A 1 50 ? -2.488  -13.917 -2.284  1.00 9.94  ? 69  ARG A C   1 
ATOM   379  O  O   . ARG A 1 50 ? -2.336  -14.038 -3.511  1.00 9.13  ? 69  ARG A O   1 
ATOM   380  C  CB  . ARG A 1 50 ? -4.561  -13.981 -0.827  1.00 10.70 ? 69  ARG A CB  1 
ATOM   381  C  CG  . ARG A 1 50 ? -5.623  -13.171 -0.108  1.00 14.09 ? 69  ARG A CG  1 
ATOM   382  C  CD  . ARG A 1 50 ? -6.321  -14.004 0.969   1.00 19.25 ? 69  ARG A CD  1 
ATOM   383  N  NE  . ARG A 1 50 ? -5.379  -14.393 2.021   1.00 23.69 ? 69  ARG A NE  1 
ATOM   384  C  CZ  . ARG A 1 50 ? -5.615  -15.267 2.999   1.00 26.91 ? 69  ARG A CZ  1 
ATOM   385  N  NH1 . ARG A 1 50 ? -6.786  -15.893 3.095   1.00 28.22 ? 69  ARG A NH1 1 
ATOM   386  N  NH2 . ARG A 1 50 ? -4.665  -15.519 3.889   1.00 27.29 ? 69  ARG A NH2 1 
ATOM   387  N  N   A ILE A 1 51 ? -1.659  -14.459 -1.401  0.70 11.04 ? 70  ILE A N   1 
ATOM   388  N  N   B ILE A 1 51 ? -1.621  -14.402 -1.400  0.30 11.17 ? 70  ILE A N   1 
ATOM   389  C  CA  A ILE A 1 51 ? -0.460  -15.146 -1.831  0.70 12.74 ? 70  ILE A CA  1 
ATOM   390  C  CA  B ILE A 1 51 ? -0.449  -15.160 -1.819  0.30 12.53 ? 70  ILE A CA  1 
ATOM   391  C  C   A ILE A 1 51 ? -0.295  -16.479 -1.098  0.70 13.79 ? 70  ILE A C   1 
ATOM   392  C  C   B ILE A 1 51 ? -0.412  -16.504 -1.102  0.30 13.65 ? 70  ILE A C   1 
ATOM   393  O  O   A ILE A 1 51 ? -0.310  -16.530 0.141   0.70 13.64 ? 70  ILE A O   1 
ATOM   394  O  O   B ILE A 1 51 ? -0.619  -16.586 0.114   0.30 13.58 ? 70  ILE A O   1 
ATOM   395  C  CB  A ILE A 1 51 ? 0.791   -14.220 -1.689  0.70 12.74 ? 70  ILE A CB  1 
ATOM   396  C  CB  B ILE A 1 51 ? 0.877   -14.382 -1.571  0.30 12.53 ? 70  ILE A CB  1 
ATOM   397  C  CG1 A ILE A 1 51 ? 2.009   -14.842 -2.370  0.70 13.52 ? 70  ILE A CG1 1 
ATOM   398  C  CG1 B ILE A 1 51 ? 0.885   -13.059 -2.338  0.30 12.46 ? 70  ILE A CG1 1 
ATOM   399  C  CG2 A ILE A 1 51 ? 1.062   -13.846 -0.224  0.70 14.16 ? 70  ILE A CG2 1 
ATOM   400  C  CG2 B ILE A 1 51 ? 2.090   -15.212 -1.994  0.30 12.94 ? 70  ILE A CG2 1 
ATOM   401  C  CD1 A ILE A 1 51 ? 3.129   -13.860 -2.608  0.70 15.27 ? 70  ILE A CD1 1 
ATOM   402  C  CD1 B ILE A 1 51 ? 2.044   -12.167 -1.986  0.30 14.14 ? 70  ILE A CD1 1 
ATOM   403  N  N   . ARG A 1 52 ? -0.160  -17.552 -1.879  1.00 14.52 ? 71  ARG A N   1 
ATOM   404  C  CA  . ARG A 1 52 ? 0.023   -18.909 -1.359  1.00 17.48 ? 71  ARG A CA  1 
ATOM   405  C  C   . ARG A 1 52 ? 1.419   -19.006 -0.738  1.00 18.00 ? 71  ARG A C   1 
ATOM   406  O  O   . ARG A 1 52 ? 2.304   -18.214 -1.063  1.00 18.59 ? 71  ARG A O   1 
ATOM   407  C  CB  . ARG A 1 52 ? -0.102  -19.894 -2.531  1.00 17.73 ? 71  ARG A CB  1 
ATOM   408  C  CG  . ARG A 1 52 ? 0.011   -21.374 -2.203  1.00 21.01 ? 71  ARG A CG  1 
ATOM   409  C  CD  . ARG A 1 52 ? -0.015  -22.200 -3.482  1.00 20.94 ? 71  ARG A CD  1 
ATOM   410  N  NE  . ARG A 1 52 ? -1.144  -21.842 -4.341  1.00 25.42 ? 71  ARG A NE  1 
ATOM   411  C  CZ  . ARG A 1 52 ? -1.382  -22.355 -5.548  1.00 26.56 ? 71  ARG A CZ  1 
ATOM   412  N  NH1 . ARG A 1 52 ? -0.579  -23.276 -6.069  1.00 29.28 ? 71  ARG A NH1 1 
ATOM   413  N  NH2 . ARG A 1 52 ? -2.437  -21.949 -6.236  1.00 25.98 ? 71  ARG A NH2 1 
ATOM   414  N  N   . HIS A 1 53 ? 1.625   -19.977 0.154   1.00 19.71 ? 72  HIS A N   1 
ATOM   415  C  CA  . HIS A 1 53 ? 2.958   -20.186 0.729   1.00 20.37 ? 72  HIS A CA  1 
ATOM   416  C  C   . HIS A 1 53 ? 3.981   -20.378 -0.393  1.00 20.28 ? 72  HIS A C   1 
ATOM   417  O  O   . HIS A 1 53 ? 3.700   -21.068 -1.371  1.00 21.39 ? 72  HIS A O   1 
ATOM   418  C  CB  . HIS A 1 53 ? 2.964   -21.396 1.660   1.00 21.18 ? 72  HIS A CB  1 
ATOM   419  N  N   . ASN A 1 54 ? 5.143   -19.742 -0.258  1.00 20.45 ? 73  ASN A N   1 
ATOM   420  C  CA  . ASN A 1 54 ? 6.189   -19.812 -1.278  1.00 20.20 ? 73  ASN A CA  1 
ATOM   421  C  C   . ASN A 1 54 ? 7.602   -19.877 -0.682  1.00 20.87 ? 73  ASN A C   1 
ATOM   422  O  O   . ASN A 1 54 ? 7.847   -19.375 0.423   1.00 20.38 ? 73  ASN A O   1 
ATOM   423  C  CB  . ASN A 1 54 ? 6.063   -18.639 -2.262  1.00 19.79 ? 73  ASN A CB  1 
ATOM   424  C  CG  . ASN A 1 54 ? 6.118   -17.297 -1.573  1.00 17.75 ? 73  ASN A CG  1 
ATOM   425  O  OD1 . ASN A 1 54 ? 5.086   -16.747 -1.150  1.00 19.73 ? 73  ASN A OD1 1 
ATOM   426  N  ND2 . ASN A 1 54 ? 7.306   -16.753 -1.463  1.00 14.69 ? 73  ASN A ND2 1 
ATOM   427  N  N   . GLU A 1 55 ? 8.528   -20.460 -1.443  1.00 21.42 ? 74  GLU A N   1 
ATOM   428  C  CA  . GLU A 1 55 ? 9.877   -20.780 -0.940  1.00 21.90 ? 74  GLU A CA  1 
ATOM   429  C  C   . GLU A 1 55 ? 10.692  -19.572 -0.464  1.00 21.65 ? 74  GLU A C   1 
ATOM   430  O  O   . GLU A 1 55 ? 11.474  -19.679 0.484   1.00 22.40 ? 74  GLU A O   1 
ATOM   431  C  CB  . GLU A 1 55 ? 10.678  -21.595 -1.965  1.00 22.51 ? 74  GLU A CB  1 
ATOM   432  C  CG  . GLU A 1 55 ? 10.152  -23.010 -2.187  1.00 24.53 ? 74  GLU A CG  1 
ATOM   433  C  CD  . GLU A 1 55 ? 10.171  -23.859 -0.920  1.00 26.90 ? 74  GLU A CD  1 
ATOM   434  O  OE1 . GLU A 1 55 ? 11.184  -23.840 -0.184  1.00 28.80 ? 74  GLU A OE1 1 
ATOM   435  O  OE2 . GLU A 1 55 ? 9.165   -24.556 -0.666  1.00 28.83 ? 74  GLU A OE2 1 
ATOM   436  N  N   . GLN A 1 56 ? 10.495  -18.423 -1.101  1.00 21.09 ? 75  GLN A N   1 
ATOM   437  C  CA  . GLN A 1 56 ? 11.242  -17.219 -0.736  1.00 20.50 ? 75  GLN A CA  1 
ATOM   438  C  C   . GLN A 1 56 ? 10.621  -16.417 0.402   1.00 19.45 ? 75  GLN A C   1 
ATOM   439  O  O   . GLN A 1 56 ? 11.172  -15.382 0.817   1.00 19.64 ? 75  GLN A O   1 
ATOM   440  C  CB  . GLN A 1 56 ? 11.389  -16.310 -1.947  1.00 20.58 ? 75  GLN A CB  1 
ATOM   441  C  CG  . GLN A 1 56 ? 12.232  -16.896 -3.051  1.00 21.18 ? 75  GLN A CG  1 
ATOM   442  C  CD  . GLN A 1 56 ? 12.253  -15.999 -4.250  1.00 21.77 ? 75  GLN A CD  1 
ATOM   443  O  OE1 . GLN A 1 56 ? 11.237  -15.813 -4.923  1.00 21.88 ? 75  GLN A OE1 1 
ATOM   444  N  NE2 . GLN A 1 56 ? 13.414  -15.427 -4.531  1.00 24.00 ? 75  GLN A NE2 1 
ATOM   445  N  N   . ASN A 1 57 ? 9.476   -16.886 0.896   1.00 18.64 ? 76  ASN A N   1 
ATOM   446  C  CA  . ASN A 1 57 ? 8.749   -16.210 1.969   1.00 17.60 ? 76  ASN A CA  1 
ATOM   447  C  C   . ASN A 1 57 ? 8.360   -14.774 1.590   1.00 17.26 ? 76  ASN A C   1 
ATOM   448  O  O   . ASN A 1 57 ? 8.597   -13.829 2.340   1.00 16.69 ? 76  ASN A O   1 
ATOM   449  C  CB  . ASN A 1 57 ? 9.558   -16.264 3.281   1.00 17.62 ? 76  ASN A CB  1 
ATOM   450  C  CG  . ASN A 1 57 ? 8.762   -15.795 4.481   1.00 16.67 ? 76  ASN A CG  1 
ATOM   451  O  OD1 . ASN A 1 57 ? 7.559   -16.048 4.588   1.00 17.60 ? 76  ASN A OD1 1 
ATOM   452  N  ND2 . ASN A 1 57 ? 9.441   -15.125 5.404   1.00 16.44 ? 76  ASN A ND2 1 
ATOM   453  N  N   . LEU A 1 58 ? 7.771   -14.627 0.403   1.00 16.58 ? 77  LEU A N   1 
ATOM   454  C  CA  . LEU A 1 58 ? 7.286   -13.330 -0.068  1.00 16.38 ? 77  LEU A CA  1 
ATOM   455  C  C   . LEU A 1 58 ? 5.913   -13.064 0.508   1.00 15.68 ? 77  LEU A C   1 
ATOM   456  O  O   . LEU A 1 58 ? 4.992   -13.865 0.334   1.00 15.75 ? 77  LEU A O   1 
ATOM   457  C  CB  . LEU A 1 58 ? 7.244   -13.285 -1.598  1.00 16.58 ? 77  LEU A CB  1 
ATOM   458  C  CG  . LEU A 1 58 ? 8.617   -13.369 -2.255  1.00 17.22 ? 77  LEU A CG  1 
ATOM   459  C  CD1 . LEU A 1 58 ? 8.459   -13.658 -3.737  1.00 16.55 ? 77  LEU A CD1 1 
ATOM   460  C  CD2 . LEU A 1 58 ? 9.402   -12.087 -2.039  1.00 18.40 ? 77  LEU A CD2 1 
ATOM   461  N  N   . SER A 1 59 ? 5.799   -11.943 1.214   1.00 14.83 ? 78  SER A N   1 
ATOM   462  C  CA  . SER A 1 59 ? 4.548   -11.530 1.831   1.00 14.09 ? 78  SER A CA  1 
ATOM   463  C  C   . SER A 1 59 ? 3.768   -10.626 0.882   1.00 13.39 ? 78  SER A C   1 
ATOM   464  O  O   . SER A 1 59 ? 4.265   -10.240 -0.173  1.00 12.45 ? 78  SER A O   1 
ATOM   465  C  CB  . SER A 1 59 ? 4.856   -10.747 3.098   1.00 14.30 ? 78  SER A CB  1 
ATOM   466  O  OG  . SER A 1 59 ? 5.487   -9.532  2.754   1.00 14.77 ? 78  SER A OG  1 
ATOM   467  N  N   . LEU A 1 60 ? 2.549   -10.275 1.279   1.00 12.62 ? 79  LEU A N   1 
ATOM   468  C  CA  . LEU A 1 60 ? 1.790   -9.248  0.572   1.00 12.71 ? 79  LEU A CA  1 
ATOM   469  C  C   . LEU A 1 60 ? 2.539   -7.935  0.561   1.00 12.53 ? 79  LEU A C   1 
ATOM   470  O  O   . LEU A 1 60 ? 2.567   -7.255  -0.458  1.00 12.49 ? 79  LEU A O   1 
ATOM   471  C  CB  . LEU A 1 60 ? 0.410   -9.064  1.204   1.00 12.92 ? 79  LEU A CB  1 
ATOM   472  C  CG  . LEU A 1 60 ? -0.550  -10.244 1.107   1.00 13.55 ? 79  LEU A CG  1 
ATOM   473  C  CD1 . LEU A 1 60 ? -1.827  -9.974  1.900   1.00 14.08 ? 79  LEU A CD1 1 
ATOM   474  C  CD2 . LEU A 1 60 ? -0.873  -10.545 -0.353  1.00 15.04 ? 79  LEU A CD2 1 
ATOM   475  N  N   . ALA A 1 61 ? 3.150   -7.565  1.690   1.00 12.43 ? 80  ALA A N   1 
ATOM   476  C  CA  . ALA A 1 61 ? 3.941   -6.340  1.739   1.00 12.67 ? 80  ALA A CA  1 
ATOM   477  C  C   . ALA A 1 61 ? 5.101   -6.407  0.751   1.00 11.67 ? 80  ALA A C   1 
ATOM   478  O  O   . ALA A 1 61 ? 5.357   -5.441  0.033   1.00 11.52 ? 80  ALA A O   1 
ATOM   479  C  CB  . ALA A 1 61 ? 4.456   -6.066  3.162   1.00 13.62 ? 80  ALA A CB  1 
ATOM   480  N  N   . ASP A 1 62 ? 5.813   -7.537  0.730   1.00 12.55 ? 81  ASP A N   1 
ATOM   481  C  CA  . ASP A 1 62 ? 6.937   -7.736  -0.187  1.00 12.56 ? 81  ASP A CA  1 
ATOM   482  C  C   . ASP A 1 62 ? 6.535   -7.537  -1.639  1.00 11.46 ? 81  ASP A C   1 
ATOM   483  O  O   . ASP A 1 62 ? 7.188   -6.787  -2.368  1.00 11.53 ? 81  ASP A O   1 
ATOM   484  C  CB  . ASP A 1 62 ? 7.527   -9.143  -0.066  1.00 13.19 ? 81  ASP A CB  1 
ATOM   485  C  CG  . ASP A 1 62 ? 8.305   -9.357  1.218   1.00 15.09 ? 81  ASP A CG  1 
ATOM   486  O  OD1 . ASP A 1 62 ? 8.946   -8.403  1.704   1.00 18.00 ? 81  ASP A OD1 1 
ATOM   487  O  OD2 . ASP A 1 62 ? 8.292   -10.502 1.726   1.00 18.02 ? 81  ASP A OD2 1 
ATOM   488  N  N   . VAL A 1 63 ? 5.477   -8.224  -2.070  1.00 11.43 ? 82  VAL A N   1 
ATOM   489  C  CA  . VAL A 1 63 ? 5.128   -8.206  -3.494  1.00 11.78 ? 82  VAL A CA  1 
ATOM   490  C  C   . VAL A 1 63 ? 4.524   -6.868  -3.920  1.00 10.88 ? 82  VAL A C   1 
ATOM   491  O  O   . VAL A 1 63 ? 4.779   -6.409  -5.017  1.00 10.74 ? 82  VAL A O   1 
ATOM   492  C  CB  . VAL A 1 63 ? 4.241   -9.396  -3.941  1.00 12.08 ? 82  VAL A CB  1 
ATOM   493  C  CG1 . VAL A 1 63 ? 4.963   -10.731 -3.692  1.00 13.28 ? 82  VAL A CG1 1 
ATOM   494  C  CG2 . VAL A 1 63 ? 2.882   -9.350  -3.285  1.00 14.39 ? 82  VAL A CG2 1 
ATOM   495  N  N   . THR A 1 64 ? 3.756   -6.219  -3.038  1.00 10.44 ? 83  THR A N   1 
ATOM   496  C  CA  . THR A 1 64 ? 3.190   -4.899  -3.359  1.00 11.47 ? 83  THR A CA  1 
ATOM   497  C  C   . THR A 1 64 ? 4.280   -3.827  -3.385  1.00 11.28 ? 83  THR A C   1 
ATOM   498  O  O   . THR A 1 64 ? 4.233   -2.931  -4.236  1.00 12.19 ? 83  THR A O   1 
ATOM   499  C  CB  . THR A 1 64 ? 2.022   -4.506  -2.433  1.00 11.64 ? 83  THR A CB  1 
ATOM   500  O  OG1 . THR A 1 64 ? 2.467   -4.520  -1.074  1.00 12.22 ? 83  THR A OG1 1 
ATOM   501  C  CG2 . THR A 1 64 ? 0.850   -5.474  -2.626  1.00 13.27 ? 83  THR A CG2 1 
ATOM   502  N  N   . GLN A 1 65 ? 5.285   -3.955  -2.506  1.00 12.11 ? 84  GLN A N   1 
ATOM   503  C  CA  A GLN A 1 65 ? 6.451   -3.076  -2.541  0.50 12.97 ? 84  GLN A CA  1 
ATOM   504  C  CA  B GLN A 1 65 ? 6.456   -3.077  -2.539  0.50 12.84 ? 84  GLN A CA  1 
ATOM   505  C  C   . GLN A 1 65 ? 7.195   -3.259  -3.862  1.00 12.37 ? 84  GLN A C   1 
ATOM   506  O  O   . GLN A 1 65 ? 7.567   -2.284  -4.520  1.00 12.59 ? 84  GLN A O   1 
ATOM   507  C  CB  A GLN A 1 65 ? 7.387   -3.350  -1.356  0.50 13.14 ? 84  GLN A CB  1 
ATOM   508  C  CB  B GLN A 1 65 ? 7.403   -3.364  -1.364  0.50 13.03 ? 84  GLN A CB  1 
ATOM   509  C  CG  A GLN A 1 65 ? 8.627   -2.467  -1.331  0.50 14.80 ? 84  GLN A CG  1 
ATOM   510  C  CG  B GLN A 1 65 ? 6.941   -2.820  -0.014  0.50 14.39 ? 84  GLN A CG  1 
ATOM   511  C  CD  A GLN A 1 65 ? 9.611   -2.847  -0.238  0.50 14.85 ? 84  GLN A CD  1 
ATOM   512  C  CD  B GLN A 1 65 ? 7.708   -3.426  1.160   0.50 14.34 ? 84  GLN A CD  1 
ATOM   513  O  OE1 A GLN A 1 65 ? 9.239   -3.412  0.792   0.50 18.47 ? 84  GLN A OE1 1 
ATOM   514  O  OE1 B GLN A 1 65 ? 8.723   -4.102  0.979   0.50 16.04 ? 84  GLN A OE1 1 
ATOM   515  N  NE2 A GLN A 1 65 ? 10.877  -2.524  -0.455  0.50 18.19 ? 84  GLN A NE2 1 
ATOM   516  N  NE2 B GLN A 1 65 ? 7.212   -3.194  2.374   0.50 15.95 ? 84  GLN A NE2 1 
ATOM   517  N  N   . GLN A 1 66 ? 7.389   -4.520  -4.266  1.00 12.52 ? 85  GLN A N   1 
ATOM   518  C  CA  . GLN A 1 66 ? 8.076   -4.797  -5.524  1.00 12.51 ? 85  GLN A CA  1 
ATOM   519  C  C   . GLN A 1 66 ? 7.285   -4.292  -6.725  1.00 11.44 ? 85  GLN A C   1 
ATOM   520  O  O   . GLN A 1 66 ? 7.873   -3.765  -7.677  1.00 11.50 ? 85  GLN A O   1 
ATOM   521  C  CB  . GLN A 1 66 ? 8.415   -6.289  -5.673  1.00 13.02 ? 85  GLN A CB  1 
ATOM   522  C  CG  . GLN A 1 66 ? 9.517   -6.764  -4.712  1.00 15.26 ? 85  GLN A CG  1 
ATOM   523  C  CD  . GLN A 1 66 ? 10.831  -5.999  -4.871  1.00 18.05 ? 85  GLN A CD  1 
ATOM   524  O  OE1 . GLN A 1 66 ? 11.426  -5.560  -3.887  1.00 21.45 ? 85  GLN A OE1 1 
ATOM   525  N  NE2 . GLN A 1 66 ? 11.285  -5.845  -6.102  1.00 19.09 ? 85  GLN A NE2 1 
ATOM   526  N  N   . ALA A 1 67 ? 5.958   -4.448  -6.683  1.00 11.56 ? 86  ALA A N   1 
ATOM   527  C  CA  . ALA A 1 67 ? 5.089   -3.924  -7.742  1.00 12.08 ? 86  ALA A CA  1 
ATOM   528  C  C   . ALA A 1 67 ? 5.291   -2.417  -7.902  1.00 12.68 ? 86  ALA A C   1 
ATOM   529  O  O   . ALA A 1 67 ? 5.345   -1.917  -9.026  1.00 13.49 ? 86  ALA A O   1 
ATOM   530  C  CB  . ALA A 1 67 ? 3.637   -4.235  -7.452  1.00 11.94 ? 86  ALA A CB  1 
ATOM   531  N  N   . GLY A 1 68 ? 5.425   -1.707  -6.778  1.00 14.23 ? 87  GLY A N   1 
ATOM   532  C  CA  . GLY A 1 68 ? 5.715   -0.278  -6.802  1.00 15.23 ? 87  GLY A CA  1 
ATOM   533  C  C   . GLY A 1 68 ? 7.046   0.031   -7.461  1.00 15.72 ? 87  GLY A C   1 
ATOM   534  O  O   . GLY A 1 68 ? 7.140   0.929   -8.302  1.00 16.78 ? 87  GLY A O   1 
ATOM   535  N  N   . LEU A 1 69 ? 8.068   -0.743  -7.102  1.00 16.16 ? 88  LEU A N   1 
ATOM   536  C  CA  . LEU A 1 69 ? 9.418   -0.563  -7.637  1.00 17.26 ? 88  LEU A CA  1 
ATOM   537  C  C   . LEU A 1 69 ? 9.515   -0.784  -9.149  1.00 17.11 ? 88  LEU A C   1 
ATOM   538  O  O   . LEU A 1 69 ? 10.223  -0.047  -9.833  1.00 17.79 ? 88  LEU A O   1 
ATOM   539  C  CB  . LEU A 1 69 ? 10.421  -1.471  -6.903  1.00 17.66 ? 88  LEU A CB  1 
ATOM   540  C  CG  . LEU A 1 69 ? 10.677  -1.246  -5.405  1.00 19.75 ? 88  LEU A CG  1 
ATOM   541  C  CD1 . LEU A 1 69 ? 11.586  -2.339  -4.857  1.00 20.90 ? 88  LEU A CD1 1 
ATOM   542  C  CD2 . LEU A 1 69 ? 11.258  0.138   -5.117  1.00 22.18 ? 88  LEU A CD2 1 
ATOM   543  N  N   . VAL A 1 70 ? 8.820   -1.795  -9.668  1.00 16.76 ? 89  VAL A N   1 
ATOM   544  C  CA  . VAL A 1 70 ? 8.869   -2.092  -11.102 1.00 16.73 ? 89  VAL A CA  1 
ATOM   545  C  C   . VAL A 1 70 ? 7.610   -1.657  -11.855 1.00 15.80 ? 89  VAL A C   1 
ATOM   546  O  O   . VAL A 1 70 ? 7.290   -2.198  -12.911 1.00 15.09 ? 89  VAL A O   1 
ATOM   547  C  CB  . VAL A 1 70 ? 9.176   -3.596  -11.387 1.00 16.92 ? 89  VAL A CB  1 
ATOM   548  C  CG1 . VAL A 1 70 ? 10.522  -3.984  -10.787 1.00 19.05 ? 89  VAL A CG1 1 
ATOM   549  C  CG2 . VAL A 1 70 ? 8.061   -4.514  -10.871 1.00 17.34 ? 89  VAL A CG2 1 
ATOM   550  N  N   . LYS A 1 71 ? 6.899   -0.668  -11.319 1.00 16.25 ? 90  LYS A N   1 
ATOM   551  C  CA  . LYS A 1 71 ? 5.612   -0.292  -11.920 1.00 17.44 ? 90  LYS A CA  1 
ATOM   552  C  C   . LYS A 1 71 ? 5.714   0.127   -13.393 1.00 17.86 ? 90  LYS A C   1 
ATOM   553  O  O   . LYS A 1 71 ? 4.829   -0.187  -14.177 1.00 17.42 ? 90  LYS A O   1 
ATOM   554  C  CB  . LYS A 1 71 ? 4.863   0.746   -11.081 1.00 18.25 ? 90  LYS A CB  1 
ATOM   555  C  CG  . LYS A 1 71 ? 5.535   2.074   -11.001 1.00 19.86 ? 90  LYS A CG  1 
ATOM   556  C  CD  . LYS A 1 71 ? 4.755   3.013   -10.119 1.00 22.92 ? 90  LYS A CD  1 
ATOM   557  C  CE  . LYS A 1 71 ? 5.470   4.336   -10.040 1.00 24.80 ? 90  LYS A CE  1 
ATOM   558  N  NZ  . LYS A 1 71 ? 4.903   5.170   -8.956  1.00 26.49 ? 90  LYS A NZ  1 
ATOM   559  N  N   . SER A 1 72 ? 6.804   0.791   -13.771 1.00 18.79 ? 91  SER A N   1 
ATOM   560  C  CA  . SER A 1 72 ? 6.993   1.225   -15.159 1.00 20.14 ? 91  SER A CA  1 
ATOM   561  C  C   . SER A 1 72 ? 7.104   0.045   -16.117 1.00 20.07 ? 91  SER A C   1 
ATOM   562  O  O   . SER A 1 72 ? 6.548   0.077   -17.219 1.00 20.50 ? 91  SER A O   1 
ATOM   563  C  CB  . SER A 1 72 ? 8.206   2.136   -15.275 1.00 20.60 ? 91  SER A CB  1 
ATOM   564  O  OG  . SER A 1 72 ? 7.972   3.341   -14.580 1.00 22.92 ? 91  SER A OG  1 
ATOM   565  N  N   . GLU A 1 73 ? 7.798   -1.003  -15.679 1.00 19.70 ? 92  GLU A N   1 
ATOM   566  C  CA  . GLU A 1 73 ? 7.867   -2.262  -16.411 1.00 20.39 ? 92  GLU A CA  1 
ATOM   567  C  C   . GLU A 1 73 ? 6.475   -2.877  -16.539 1.00 19.63 ? 92  GLU A C   1 
ATOM   568  O  O   . GLU A 1 73 ? 6.072   -3.290  -17.632 1.00 20.17 ? 92  GLU A O   1 
ATOM   569  C  CB  . GLU A 1 73 ? 8.814   -3.238  -15.706 1.00 19.91 ? 92  GLU A CB  1 
ATOM   570  C  CG  . GLU A 1 73 ? 8.938   -4.597  -16.386 1.00 21.52 ? 92  GLU A CG  1 
ATOM   571  C  CD  . GLU A 1 73 ? 9.905   -5.527  -15.678 1.00 22.52 ? 92  GLU A CD  1 
ATOM   572  O  OE1 . GLU A 1 73 ? 10.708  -5.046  -14.844 1.00 25.85 ? 92  GLU A OE1 1 
ATOM   573  O  OE2 . GLU A 1 73 ? 9.864   -6.742  -15.962 1.00 25.25 ? 92  GLU A OE2 1 
ATOM   574  N  N   . LEU A 1 74 ? 5.745   -2.920  -15.419 1.00 18.72 ? 93  LEU A N   1 
ATOM   575  C  CA  . LEU A 1 74 ? 4.387   -3.472  -15.390 1.00 18.53 ? 93  LEU A CA  1 
ATOM   576  C  C   . LEU A 1 74 ? 3.461   -2.740  -16.364 1.00 18.73 ? 93  LEU A C   1 
ATOM   577  O  O   . LEU A 1 74 ? 2.739   -3.368  -17.142 1.00 18.83 ? 93  LEU A O   1 
ATOM   578  C  CB  . LEU A 1 74 ? 3.810   -3.423  -13.965 1.00 18.49 ? 93  LEU A CB  1 
ATOM   579  C  CG  . LEU A 1 74 ? 4.503   -4.281  -12.900 1.00 18.75 ? 93  LEU A CG  1 
ATOM   580  C  CD1 . LEU A 1 74 ? 3.938   -4.029  -11.512 1.00 19.21 ? 93  LEU A CD1 1 
ATOM   581  C  CD2 . LEU A 1 74 ? 4.368   -5.738  -13.238 1.00 21.55 ? 93  LEU A CD2 1 
ATOM   582  N  N   . GLU A 1 75 ? 3.501   -1.417  -16.315 1.00 19.02 ? 94  GLU A N   1 
ATOM   583  C  CA  . GLU A 1 75 ? 2.661   -0.577  -17.168 1.00 19.64 ? 94  GLU A CA  1 
ATOM   584  C  C   . GLU A 1 75 ? 2.960   -0.727  -18.651 1.00 20.48 ? 94  GLU A C   1 
ATOM   585  O  O   . GLU A 1 75 ? 2.043   -0.897  -19.455 1.00 20.18 ? 94  GLU A O   1 
ATOM   586  C  CB  . GLU A 1 75 ? 2.837   0.873   -16.788 1.00 19.33 ? 94  GLU A CB  1 
ATOM   587  C  CG  . GLU A 1 75 ? 2.408   1.187   -15.383 1.00 19.08 ? 94  GLU A CG  1 
ATOM   588  C  CD  . GLU A 1 75 ? 2.894   2.538   -14.961 1.00 19.45 ? 94  GLU A CD  1 
ATOM   589  O  OE1 . GLU A 1 75 ? 3.822   3.070   -15.617 1.00 20.92 ? 94  GLU A OE1 1 
ATOM   590  O  OE2 . GLU A 1 75 ? 2.357   3.097   -13.990 1.00 19.71 ? 94  GLU A OE2 1 
ATOM   591  N  N   . ALA A 1 76 ? 4.245   -0.679  -18.999 1.00 21.30 ? 95  ALA A N   1 
ATOM   592  C  CA  . ALA A 1 76 ? 4.685   -0.757  -20.394 1.00 22.02 ? 95  ALA A CA  1 
ATOM   593  C  C   . ALA A 1 76 ? 4.116   -1.975  -21.115 1.00 22.37 ? 95  ALA A C   1 
ATOM   594  O  O   . ALA A 1 76 ? 3.875   -1.934  -22.320 1.00 22.75 ? 95  ALA A O   1 
ATOM   595  C  CB  . ALA A 1 76 ? 6.202   -0.763  -20.471 1.00 22.36 ? 95  ALA A CB  1 
ATOM   596  N  N   . GLN A 1 77 ? 3.878   -3.050  -20.371 1.00 22.17 ? 96  GLN A N   1 
ATOM   597  C  CA  . GLN A 1 77 ? 3.421   -4.302  -20.961 1.00 21.75 ? 96  GLN A CA  1 
ATOM   598  C  C   . GLN A 1 77 ? 1.910   -4.555  -20.889 1.00 21.02 ? 96  GLN A C   1 
ATOM   599  O  O   . GLN A 1 77 ? 1.402   -5.439  -21.569 1.00 21.52 ? 96  GLN A O   1 
ATOM   600  C  CB  . GLN A 1 77 ? 4.189   -5.471  -20.340 1.00 22.16 ? 96  GLN A CB  1 
ATOM   601  C  CG  . GLN A 1 77 ? 5.699   -5.355  -20.526 1.00 23.83 ? 96  GLN A CG  1 
ATOM   602  C  CD  . GLN A 1 77 ? 6.476   -6.395  -19.753 1.00 26.32 ? 96  GLN A CD  1 
ATOM   603  O  OE1 . GLN A 1 77 ? 6.229   -7.593  -19.885 1.00 28.39 ? 96  GLN A OE1 1 
ATOM   604  N  NE2 . GLN A 1 77 ? 7.431   -5.943  -18.949 1.00 25.46 ? 96  GLN A NE2 1 
ATOM   605  N  N   . THR A 1 78 ? 1.189   -3.775  -20.083 1.00 19.56 ? 97  THR A N   1 
ATOM   606  C  CA  . THR A 1 78 ? -0.222  -4.073  -19.816 1.00 18.38 ? 97  THR A CA  1 
ATOM   607  C  C   . THR A 1 78 ? -1.211  -2.982  -20.238 1.00 17.81 ? 97  THR A C   1 
ATOM   608  O  O   . THR A 1 78 ? -2.425  -3.140  -20.059 1.00 17.39 ? 97  THR A O   1 
ATOM   609  C  CB  . THR A 1 78 ? -0.454  -4.384  -18.329 1.00 17.81 ? 97  THR A CB  1 
ATOM   610  O  OG1 . THR A 1 78 ? -0.008  -3.275  -17.542 1.00 16.95 ? 97  THR A OG1 1 
ATOM   611  C  CG2 . THR A 1 78 ? 0.298   -5.640  -17.914 1.00 18.21 ? 97  THR A CG2 1 
ATOM   612  N  N   . GLY A 1 79 ? -0.693  -1.881  -20.776 1.00 16.87 ? 98  GLY A N   1 
ATOM   613  C  CA  . GLY A 1 79 ? -1.529  -0.799  -21.282 1.00 17.04 ? 98  GLY A CA  1 
ATOM   614  C  C   . GLY A 1 79 ? -2.401  -0.150  -20.228 1.00 16.23 ? 98  GLY A C   1 
ATOM   615  O  O   . GLY A 1 79 ? -3.618  0.016   -20.424 1.00 16.86 ? 98  GLY A O   1 
ATOM   616  N  N   . LEU A 1 80 ? -1.773  0.209   -19.108 1.00 15.57 ? 99  LEU A N   1 
ATOM   617  C  CA  . LEU A 1 80 ? -2.441  0.867   -17.992 1.00 14.94 ? 99  LEU A CA  1 
ATOM   618  C  C   . LEU A 1 80 ? -1.403  1.613   -17.153 1.00 14.10 ? 99  LEU A C   1 
ATOM   619  O  O   . LEU A 1 80 ? -0.194  1.444   -17.358 1.00 14.71 ? 99  LEU A O   1 
ATOM   620  C  CB  . LEU A 1 80 ? -3.215  -0.160  -17.149 1.00 14.98 ? 99  LEU A CB  1 
ATOM   621  C  CG  . LEU A 1 80 ? -2.472  -1.371  -16.570 1.00 13.63 ? 99  LEU A CG  1 
ATOM   622  C  CD1 . LEU A 1 80 ? -1.663  -1.010  -15.322 1.00 14.18 ? 99  LEU A CD1 1 
ATOM   623  C  CD2 . LEU A 1 80 ? -3.430  -2.492  -16.255 1.00 15.06 ? 99  LEU A CD2 1 
ATOM   624  N  N   . GLN A 1 81 ? -1.876  2.442   -16.225 1.00 13.65 ? 100 GLN A N   1 
ATOM   625  C  CA  . GLN A 1 81 ? -1.005  3.094   -15.255 1.00 13.41 ? 100 GLN A CA  1 
ATOM   626  C  C   . GLN A 1 81 ? -1.283  2.567   -13.854 1.00 12.72 ? 100 GLN A C   1 
ATOM   627  O  O   . GLN A 1 81 ? -2.431  2.315   -13.509 1.00 12.21 ? 100 GLN A O   1 
ATOM   628  C  CB  . GLN A 1 81 ? -1.247  4.600   -15.253 1.00 13.95 ? 100 GLN A CB  1 
ATOM   629  C  CG  . GLN A 1 81 ? -0.817  5.297   -16.534 1.00 17.08 ? 100 GLN A CG  1 
ATOM   630  C  CD  . GLN A 1 81 ? 0.677   5.230   -16.743 1.00 18.97 ? 100 GLN A CD  1 
ATOM   631  O  OE1 . GLN A 1 81 ? 1.450   5.699   -15.902 1.00 20.47 ? 100 GLN A OE1 1 
ATOM   632  N  NE2 . GLN A 1 81 ? 1.101   4.633   -17.850 1.00 20.39 ? 100 GLN A NE2 1 
ATOM   633  N  N   . ILE A 1 82 ? -0.230  2.418   -13.054 1.00 11.87 ? 101 ILE A N   1 
ATOM   634  C  CA  . ILE A 1 82 ? -0.360  2.006   -11.645 1.00 11.52 ? 101 ILE A CA  1 
ATOM   635  C  C   . ILE A 1 82 ? -0.251  3.239   -10.758 1.00 11.61 ? 101 ILE A C   1 
ATOM   636  O  O   . ILE A 1 82 ? 0.734   3.983   -10.847 1.00 12.81 ? 101 ILE A O   1 
ATOM   637  C  CB  . ILE A 1 82 ? 0.714   0.961   -11.271 1.00 11.41 ? 101 ILE A CB  1 
ATOM   638  C  CG1 . ILE A 1 82 ? 0.463   -0.326  -12.068 1.00 11.93 ? 101 ILE A CG1 1 
ATOM   639  C  CG2 . ILE A 1 82 ? 0.723   0.711   -9.761  1.00 11.78 ? 101 ILE A CG2 1 
ATOM   640  C  CD1 . ILE A 1 82 ? 1.540   -1.375  -11.951 1.00 14.59 ? 101 ILE A CD1 1 
ATOM   641  N  N   . LEU A 1 83 ? -1.264  3.462   -9.924  1.00 10.70 ? 102 LEU A N   1 
ATOM   642  C  CA  . LEU A 1 83 ? -1.351  4.664   -9.111  1.00 10.83 ? 102 LEU A CA  1 
ATOM   643  C  C   . LEU A 1 83 ? -1.033  4.418   -7.648  1.00 10.59 ? 102 LEU A C   1 
ATOM   644  O  O   . LEU A 1 83 ? -0.511  5.304   -6.979  1.00 10.79 ? 102 LEU A O   1 
ATOM   645  C  CB  . LEU A 1 83 ? -2.737  5.299   -9.262  1.00 11.43 ? 102 LEU A CB  1 
ATOM   646  C  CG  . LEU A 1 83 ? -3.159  5.618   -10.709 1.00 14.02 ? 102 LEU A CG  1 
ATOM   647  C  CD1 . LEU A 1 83 ? -4.593  6.152   -10.755 1.00 16.38 ? 102 LEU A CD1 1 
ATOM   648  C  CD2 . LEU A 1 83 ? -2.183  6.577   -11.393 1.00 15.81 ? 102 LEU A CD2 1 
ATOM   649  N  N   . GLN A 1 84 ? -1.369  3.229   -7.153  1.00 8.79  ? 103 GLN A N   1 
ATOM   650  C  CA  . GLN A 1 84 ? -1.114  2.850   -5.765  1.00 9.55  ? 103 GLN A CA  1 
ATOM   651  C  C   . GLN A 1 84 ? -0.873  1.362   -5.664  1.00 8.42  ? 103 GLN A C   1 
ATOM   652  O  O   . GLN A 1 84 ? -1.415  0.587   -6.442  1.00 8.59  ? 103 GLN A O   1 
ATOM   653  C  CB  . GLN A 1 84 ? -2.276  3.188   -4.849  1.00 10.53 ? 103 GLN A CB  1 
ATOM   654  C  CG  . GLN A 1 84 ? -2.661  4.657   -4.895  1.00 13.51 ? 103 GLN A CG  1 
ATOM   655  C  CD  . GLN A 1 84 ? -3.942  4.948   -4.196  1.00 16.21 ? 103 GLN A CD  1 
ATOM   656  O  OE1 . GLN A 1 84 ? -4.919  4.203   -4.324  1.00 17.13 ? 103 GLN A OE1 1 
ATOM   657  N  NE2 . GLN A 1 84 ? -3.975  6.055   -3.457  1.00 17.25 ? 103 GLN A NE2 1 
ATOM   658  N  N   . THR A 1 85 ? -0.073  0.974   -4.683  1.00 7.69  ? 104 THR A N   1 
ATOM   659  C  CA  . THR A 1 85 ? 0.034   -0.433  -4.300  1.00 8.89  ? 104 THR A CA  1 
ATOM   660  C  C   . THR A 1 85 ? -0.014  -0.497  -2.780  1.00 8.20  ? 104 THR A C   1 
ATOM   661  O  O   . THR A 1 85 ? 0.495   0.413   -2.104  1.00 9.69  ? 104 THR A O   1 
ATOM   662  C  CB  . THR A 1 85 ? 1.335   -1.095  -4.816  1.00 8.83  ? 104 THR A CB  1 
ATOM   663  O  OG1 . THR A 1 85 ? 2.475   -0.565  -4.123  1.00 12.96 ? 104 THR A OG1 1 
ATOM   664  C  CG2 . THR A 1 85 ? 1.522   -0.899  -6.328  1.00 9.99  ? 104 THR A CG2 1 
ATOM   665  N  N   . GLY A 1 86 ? -0.639  -1.529  -2.232  1.00 8.12  ? 105 GLY A N   1 
ATOM   666  C  CA  . GLY A 1 86 ? -0.772  -1.613  -0.788  1.00 8.27  ? 105 GLY A CA  1 
ATOM   667  C  C   . GLY A 1 86 ? -1.450  -2.876  -0.329  1.00 8.14  ? 105 GLY A C   1 
ATOM   668  O  O   . GLY A 1 86 ? -1.581  -3.844  -1.094  1.00 8.60  ? 105 GLY A O   1 
ATOM   669  N  N   . VAL A 1 87 ? -1.868  -2.876  0.926   1.00 8.06  ? 106 VAL A N   1 
ATOM   670  C  CA  . VAL A 1 87 ? -2.476  -4.047  1.544   1.00 9.04  ? 106 VAL A CA  1 
ATOM   671  C  C   . VAL A 1 87 ? -3.705  -3.584  2.285   1.00 9.44  ? 106 VAL A C   1 
ATOM   672  O  O   . VAL A 1 87 ? -3.703  -2.509  2.902   1.00 9.22  ? 106 VAL A O   1 
ATOM   673  C  CB  . VAL A 1 87 ? -1.480  -4.722  2.516   1.00 9.99  ? 106 VAL A CB  1 
ATOM   674  C  CG1 . VAL A 1 87 ? -2.114  -5.897  3.248   1.00 12.07 ? 106 VAL A CG1 1 
ATOM   675  C  CG2 . VAL A 1 87 ? -0.230  -5.164  1.770   1.00 11.99 ? 106 VAL A CG2 1 
ATOM   676  N  N   . GLY A 1 88 ? -4.780  -4.344  2.204   1.00 10.31 ? 107 GLY A N   1 
ATOM   677  C  CA  . GLY A 1 88 ? -5.964  -3.961  2.940   1.00 13.06 ? 107 GLY A CA  1 
ATOM   678  C  C   . GLY A 1 88 ? -7.065  -4.977  2.866   1.00 14.78 ? 107 GLY A C   1 
ATOM   679  O  O   . GLY A 1 88 ? -6.946  -5.999  2.170   1.00 15.56 ? 107 GLY A O   1 
ATOM   680  N  N   . GLN A 1 89 ? -8.148  -4.684  3.575   1.00 16.12 ? 108 GLN A N   1 
ATOM   681  C  CA  . GLN A 1 89 ? -9.390  -5.443  3.428   1.00 18.34 ? 108 GLN A CA  1 
ATOM   682  C  C   . GLN A 1 89 ? -10.027 -5.282  2.042   1.00 19.58 ? 108 GLN A C   1 
ATOM   683  O  O   . GLN A 1 89 ? -9.737  -4.330  1.312   1.00 19.87 ? 108 GLN A O   1 
ATOM   684  C  CB  . GLN A 1 89 ? -10.393 -4.995  4.489   1.00 17.90 ? 108 GLN A CB  1 
ATOM   685  N  N   . ARG A 1 90 ? -10.907 -6.215  1.680   1.00 21.46 ? 109 ARG A N   1 
ATOM   686  C  CA  . ARG A 1 90 ? -11.767 -6.022  0.514   1.00 22.63 ? 109 ARG A CA  1 
ATOM   687  C  C   . ARG A 1 90 ? -13.196 -6.497  0.796   1.00 23.47 ? 109 ARG A C   1 
ATOM   688  O  O   . ARG A 1 90 ? -13.424 -7.301  1.703   1.00 25.01 ? 109 ARG A O   1 
ATOM   689  C  CB  . ARG A 1 90 ? -11.164 -6.683  -0.736  1.00 23.22 ? 109 ARG A CB  1 
ATOM   690  C  CG  . ARG A 1 90 ? -11.797 -7.985  -1.147  1.00 23.12 ? 109 ARG A CG  1 
ATOM   691  C  CD  . ARG A 1 90 ? -11.026 -8.643  -2.269  1.00 23.01 ? 109 ARG A CD  1 
ATOM   692  N  NE  . ARG A 1 90 ? -11.260 -10.077 -2.207  1.00 22.26 ? 109 ARG A NE  1 
ATOM   693  C  CZ  . ARG A 1 90 ? -10.728 -11.000 -3.005  1.00 21.40 ? 109 ARG A CZ  1 
ATOM   694  N  NH1 . ARG A 1 90 ? -9.882  -10.690 -3.994  1.00 19.54 ? 109 ARG A NH1 1 
ATOM   695  N  NH2 . ARG A 1 90 ? -11.064 -12.264 -2.803  1.00 20.28 ? 109 ARG A NH2 1 
ATOM   696  N  N   . ALA B 1 1  ? 5.618   14.198  -9.771  1.00 26.64 ? 20  ALA B N   1 
ATOM   697  C  CA  . ALA B 1 1  ? 5.240   14.098  -8.334  1.00 26.16 ? 20  ALA B CA  1 
ATOM   698  C  C   . ALA B 1 1  ? 5.916   12.906  -7.664  1.00 25.50 ? 20  ALA B C   1 
ATOM   699  O  O   . ALA B 1 1  ? 6.092   11.855  -8.274  1.00 26.13 ? 20  ALA B O   1 
ATOM   700  C  CB  . ALA B 1 1  ? 3.732   14.007  -8.187  1.00 26.73 ? 20  ALA B CB  1 
ATOM   701  N  N   . GLU B 1 2  ? 6.291   13.082  -6.403  1.00 24.52 ? 21  GLU B N   1 
ATOM   702  C  CA  . GLU B 1 2  ? 6.968   12.030  -5.656  1.00 22.74 ? 21  GLU B CA  1 
ATOM   703  C  C   . GLU B 1 2  ? 5.966   11.069  -5.024  1.00 21.35 ? 21  GLU B C   1 
ATOM   704  O  O   . GLU B 1 2  ? 4.776   11.371  -4.926  1.00 21.13 ? 21  GLU B O   1 
ATOM   705  C  CB  . GLU B 1 2  ? 7.864   12.639  -4.579  1.00 23.21 ? 21  GLU B CB  1 
ATOM   706  N  N   . GLU B 1 3  ? 6.470   9.912   -4.611  1.00 19.37 ? 22  GLU B N   1 
ATOM   707  C  CA  . GLU B 1 3  ? 5.678   8.930   -3.875  1.00 17.58 ? 22  GLU B CA  1 
ATOM   708  C  C   . GLU B 1 3  ? 5.130   9.531   -2.577  1.00 15.00 ? 22  GLU B C   1 
ATOM   709  O  O   . GLU B 1 3  ? 5.722   10.453  -2.000  1.00 15.11 ? 22  GLU B O   1 
ATOM   710  C  CB  . GLU B 1 3  ? 6.517   7.695   -3.545  1.00 17.70 ? 22  GLU B CB  1 
ATOM   711  C  CG  . GLU B 1 3  ? 6.918   6.823   -4.736  1.00 19.22 ? 22  GLU B CG  1 
ATOM   712  C  CD  . GLU B 1 3  ? 7.541   5.506   -4.298  1.00 20.31 ? 22  GLU B CD  1 
ATOM   713  O  OE1 . GLU B 1 3  ? 8.237   5.472   -3.258  1.00 24.68 ? 22  GLU B OE1 1 
ATOM   714  O  OE2 . GLU B 1 3  ? 7.319   4.497   -4.997  1.00 24.71 ? 22  GLU B OE2 1 
ATOM   715  N  N   . TYR B 1 4  ? 3.983   9.024   -2.139  1.00 12.93 ? 23  TYR B N   1 
ATOM   716  C  CA  . TYR B 1 4  ? 3.415   9.368   -0.832  1.00 11.44 ? 23  TYR B CA  1 
ATOM   717  C  C   . TYR B 1 4  ? 2.909   8.084   -0.189  1.00 10.76 ? 23  TYR B C   1 
ATOM   718  O  O   . TYR B 1 4  ? 2.538   7.114   -0.884  1.00 11.19 ? 23  TYR B O   1 
ATOM   719  C  CB  . TYR B 1 4  ? 2.261   10.372  -0.981  1.00 11.92 ? 23  TYR B CB  1 
ATOM   720  C  CG  . TYR B 1 4  ? 1.144   9.844   -1.843  1.00 12.11 ? 23  TYR B CG  1 
ATOM   721  C  CD1 . TYR B 1 4  ? 1.173   10.006  -3.235  1.00 13.93 ? 23  TYR B CD1 1 
ATOM   722  C  CD2 . TYR B 1 4  ? 0.069   9.155   -1.283  1.00 12.86 ? 23  TYR B CD2 1 
ATOM   723  C  CE1 . TYR B 1 4  ? 0.158   9.490   -4.045  1.00 13.76 ? 23  TYR B CE1 1 
ATOM   724  C  CE2 . TYR B 1 4  ? -0.945  8.633   -2.079  1.00 13.21 ? 23  TYR B CE2 1 
ATOM   725  C  CZ  . TYR B 1 4  ? -0.899  8.801   -3.455  1.00 13.42 ? 23  TYR B CZ  1 
ATOM   726  O  OH  . TYR B 1 4  ? -1.908  8.269   -4.232  1.00 14.89 ? 23  TYR B OH  1 
ATOM   727  N  N   . GLY B 1 5  ? 2.893   8.069   1.131   1.00 9.53  ? 24  GLY B N   1 
ATOM   728  C  CA  . GLY B 1 5  ? 2.272   6.980   1.876   1.00 8.77  ? 24  GLY B CA  1 
ATOM   729  C  C   . GLY B 1 5  ? 0.835   7.352   2.168   1.00 8.24  ? 24  GLY B C   1 
ATOM   730  O  O   . GLY B 1 5  ? 0.481   8.540   2.200   1.00 8.30  ? 24  GLY B O   1 
ATOM   731  N  N   . TYR B 1 6  ? -0.014  6.350   2.359   1.00 8.02  ? 25  TYR B N   1 
ATOM   732  C  CA  . TYR B 1 6  ? -1.393  6.635   2.678   1.00 8.77  ? 25  TYR B CA  1 
ATOM   733  C  C   . TYR B 1 6  ? -1.981  5.571   3.583   1.00 8.13  ? 25  TYR B C   1 
ATOM   734  O  O   . TYR B 1 6  ? -1.545  4.415   3.595   1.00 8.09  ? 25  TYR B O   1 
ATOM   735  C  CB  . TYR B 1 6  ? -2.256  6.809   1.414   1.00 10.35 ? 25  TYR B CB  1 
ATOM   736  C  CG  . TYR B 1 6  ? -2.403  5.526   0.633   1.00 10.37 ? 25  TYR B CG  1 
ATOM   737  C  CD1 . TYR B 1 6  ? -1.513  5.199   -0.391  1.00 11.63 ? 25  TYR B CD1 1 
ATOM   738  C  CD2 . TYR B 1 6  ? -3.417  4.606   0.942   1.00 11.92 ? 25  TYR B CD2 1 
ATOM   739  C  CE1 . TYR B 1 6  ? -1.631  4.005   -1.099  1.00 11.22 ? 25  TYR B CE1 1 
ATOM   740  C  CE2 . TYR B 1 6  ? -3.536  3.409   0.239   1.00 13.31 ? 25  TYR B CE2 1 
ATOM   741  C  CZ  . TYR B 1 6  ? -2.630  3.115   -0.779  1.00 12.31 ? 25  TYR B CZ  1 
ATOM   742  O  OH  . TYR B 1 6  ? -2.732  1.925   -1.486  1.00 13.72 ? 25  TYR B OH  1 
ATOM   743  N  N   . ILE B 1 7  ? -3.001  5.975   4.329   1.00 7.94  ? 26  ILE B N   1 
ATOM   744  C  CA  . ILE B 1 7  ? -3.798  5.076   5.157   1.00 8.99  ? 26  ILE B CA  1 
ATOM   745  C  C   . ILE B 1 7  ? -5.246  5.426   4.878   1.00 8.93  ? 26  ILE B C   1 
ATOM   746  O  O   . ILE B 1 7  ? -5.661  6.569   5.083   1.00 9.61  ? 26  ILE B O   1 
ATOM   747  C  CB  . ILE B 1 7  ? -3.501  5.251   6.661   1.00 8.58  ? 26  ILE B CB  1 
ATOM   748  C  CG1 . ILE B 1 7  ? -2.029  4.926   6.939   1.00 9.88  ? 26  ILE B CG1 1 
ATOM   749  C  CG2 . ILE B 1 7  ? -4.413  4.363   7.496   1.00 10.45 ? 26  ILE B CG2 1 
ATOM   750  C  CD1 . ILE B 1 7  ? -1.571  5.183   8.366   1.00 10.99 ? 26  ILE B CD1 1 
ATOM   751  N  N   . VAL B 1 8  ? -6.010  4.458   4.371   1.00 9.61  ? 27  VAL B N   1 
ATOM   752  C  CA  . VAL B 1 8  ? -7.438  4.644   4.160   1.00 10.31 ? 27  VAL B CA  1 
ATOM   753  C  C   . VAL B 1 8  ? -8.176  4.118   5.382   1.00 10.10 ? 27  VAL B C   1 
ATOM   754  O  O   . VAL B 1 8  ? -7.967  2.972   5.789   1.00 10.31 ? 27  VAL B O   1 
ATOM   755  C  CB  . VAL B 1 8  ? -7.925  3.924   2.887   1.00 10.72 ? 27  VAL B CB  1 
ATOM   756  C  CG1 . VAL B 1 8  ? -9.423  4.106   2.691   1.00 12.33 ? 27  VAL B CG1 1 
ATOM   757  C  CG2 . VAL B 1 8  ? -7.153  4.399   1.655   1.00 12.17 ? 27  VAL B CG2 1 
ATOM   758  N  N   . THR B 1 9  ? -9.048  4.945   5.950   1.00 9.99  ? 28  THR B N   1 
ATOM   759  C  CA  . THR B 1 9  ? -9.800  4.587   7.130   1.00 9.87  ? 28  THR B CA  1 
ATOM   760  C  C   . THR B 1 9  ? -11.273 4.412   6.771   1.00 10.45 ? 28  THR B C   1 
ATOM   761  O  O   . THR B 1 9  ? -11.658 4.611   5.626   1.00 11.00 ? 28  THR B O   1 
ATOM   762  C  CB  . THR B 1 9  ? -9.650  5.646   8.260   1.00 9.32  ? 28  THR B CB  1 
ATOM   763  O  OG1 . THR B 1 9  ? -10.407 6.826   7.940   1.00 10.05 ? 28  THR B OG1 1 
ATOM   764  C  CG2 . THR B 1 9  ? -8.185  6.020   8.477   1.00 9.24  ? 28  THR B CG2 1 
ATOM   765  N  N   . ASP B 1 10 ? -12.074 4.079   7.775   1.00 10.90 ? 29  ASP B N   1 
ATOM   766  C  CA  . ASP B 1 10 ? -13.526 3.981   7.617   1.00 11.95 ? 29  ASP B CA  1 
ATOM   767  C  C   . ASP B 1 10 ? -14.236 5.301   7.954   1.00 13.32 ? 29  ASP B C   1 
ATOM   768  O  O   . ASP B 1 10 ? -15.458 5.337   8.041   1.00 14.26 ? 29  ASP B O   1 
ATOM   769  C  CB  . ASP B 1 10 ? -14.098 2.846   8.486   1.00 12.43 ? 29  ASP B CB  1 
ATOM   770  C  CG  . ASP B 1 10 ? -13.946 3.100   9.971   1.00 12.91 ? 29  ASP B CG  1 
ATOM   771  O  OD1 . ASP B 1 10 ? -13.078 3.899   10.375  1.00 11.87 ? 29  ASP B OD1 1 
ATOM   772  O  OD2 . ASP B 1 10 ? -14.684 2.465   10.762  1.00 14.53 ? 29  ASP B OD2 1 
ATOM   773  N  N   . GLN B 1 11 ? -13.473 6.380   8.132   1.00 13.41 ? 30  GLN B N   1 
ATOM   774  C  CA  . GLN B 1 11 ? -14.030 7.677   8.543   1.00 14.56 ? 30  GLN B CA  1 
ATOM   775  C  C   . GLN B 1 11 ? -14.521 8.492   7.347   1.00 14.93 ? 30  GLN B C   1 
ATOM   776  O  O   . GLN B 1 11 ? -13.882 8.537   6.293   1.00 16.99 ? 30  GLN B O   1 
ATOM   777  C  CB  . GLN B 1 11 ? -12.984 8.463   9.322   1.00 14.73 ? 30  GLN B CB  1 
ATOM   778  C  CG  . GLN B 1 11 ? -12.503 7.739   10.548  1.00 16.65 ? 30  GLN B CG  1 
ATOM   779  C  CD  . GLN B 1 11 ? -13.615 7.498   11.525  1.00 18.65 ? 30  GLN B CD  1 
ATOM   780  O  OE1 . GLN B 1 11 ? -14.095 6.369   11.696  1.00 18.59 ? 30  GLN B OE1 1 
ATOM   781  N  NE2 . GLN B 1 11 ? -14.073 8.568   12.152  1.00 19.60 ? 30  GLN B NE2 1 
ATOM   782  N  N   . LYS B 1 12 ? -15.676 9.137   7.513   1.00 15.31 ? 31  LYS B N   1 
ATOM   783  C  CA  . LYS B 1 12 ? -16.287 9.867   6.419   1.00 15.52 ? 31  LYS B CA  1 
ATOM   784  C  C   . LYS B 1 12 ? -16.701 11.262  6.877   1.00 14.75 ? 31  LYS B C   1 
ATOM   785  O  O   . LYS B 1 12 ? -17.847 11.476  7.277   1.00 15.55 ? 31  LYS B O   1 
ATOM   786  C  CB  . LYS B 1 12 ? -17.498 9.099   5.882   1.00 16.32 ? 31  LYS B CB  1 
ATOM   787  N  N   . PRO B 1 13 ? -15.779 12.233  6.824   1.00 13.14 ? 32  PRO B N   1 
ATOM   788  C  CA  . PRO B 1 13 ? -14.378 12.140  6.463   1.00 12.86 ? 32  PRO B CA  1 
ATOM   789  C  C   . PRO B 1 13 ? -13.466 11.917  7.663   1.00 11.74 ? 32  PRO B C   1 
ATOM   790  O  O   . PRO B 1 13 ? -13.882 12.031  8.823   1.00 11.50 ? 32  PRO B O   1 
ATOM   791  C  CB  . PRO B 1 13 ? -14.111 13.522  5.865   1.00 13.26 ? 32  PRO B CB  1 
ATOM   792  C  CG  . PRO B 1 13 ? -14.927 14.428  6.730   1.00 13.86 ? 32  PRO B CG  1 
ATOM   793  C  CD  . PRO B 1 13 ? -16.161 13.636  7.089   1.00 13.57 ? 32  PRO B CD  1 
ATOM   794  N  N   . LEU B 1 14 ? -12.196 11.624  7.371   1.00 10.53 ? 33  LEU B N   1 
ATOM   795  C  CA  . LEU B 1 14 ? -11.205 11.491  8.419   1.00 10.20 ? 33  LEU B CA  1 
ATOM   796  C  C   . LEU B 1 14 ? -10.846 12.870  8.985   1.00 9.91  ? 33  LEU B C   1 
ATOM   797  O  O   . LEU B 1 14 ? -10.546 13.798  8.228   1.00 9.77  ? 33  LEU B O   1 
ATOM   798  C  CB  . LEU B 1 14 ? -9.950  10.808  7.860   1.00 10.46 ? 33  LEU B CB  1 
ATOM   799  C  CG  . LEU B 1 14 ? -8.760  10.653  8.807   1.00 9.19  ? 33  LEU B CG  1 
ATOM   800  C  CD1 . LEU B 1 14 ? -9.076  9.775   9.992   1.00 9.80  ? 33  LEU B CD1 1 
ATOM   801  C  CD2 . LEU B 1 14 ? -7.578  10.078  8.030   1.00 9.69  ? 33  LEU B CD2 1 
ATOM   802  N  N   . SER B 1 15 ? -10.831 12.990  10.304  1.00 10.60 ? 34  SER B N   1 
ATOM   803  C  CA  . SER B 1 15 ? -10.458 14.257  10.916  1.00 11.45 ? 34  SER B CA  1 
ATOM   804  C  C   . SER B 1 15 ? -8.951  14.438  10.873  1.00 11.63 ? 34  SER B C   1 
ATOM   805  O  O   . SER B 1 15 ? -8.186  13.472  10.923  1.00 10.71 ? 34  SER B O   1 
ATOM   806  C  CB  . SER B 1 15 ? -10.960 14.332  12.350  1.00 12.21 ? 34  SER B CB  1 
ATOM   807  O  OG  . SER B 1 15 ? -10.199 13.496  13.197  1.00 13.44 ? 34  SER B OG  1 
ATOM   808  N  N   . LEU B 1 16 ? -8.519  15.692  10.801  1.00 11.27 ? 35  LEU B N   1 
ATOM   809  C  CA  . LEU B 1 16 ? -7.103  15.985  10.815  1.00 11.44 ? 35  LEU B CA  1 
ATOM   810  C  C   . LEU B 1 16 ? -6.468  15.510  12.118  1.00 11.48 ? 35  LEU B C   1 
ATOM   811  O  O   . LEU B 1 16 ? -5.377  14.936  12.125  1.00 11.23 ? 35  LEU B O   1 
ATOM   812  C  CB  . LEU B 1 16 ? -6.871  17.477  10.575  1.00 11.55 ? 35  LEU B CB  1 
ATOM   813  C  CG  . LEU B 1 16 ? -5.414  17.944  10.534  1.00 10.69 ? 35  LEU B CG  1 
ATOM   814  C  CD1 . LEU B 1 16 ? -4.646  17.281  9.408   1.00 11.32 ? 35  LEU B CD1 1 
ATOM   815  C  CD2 . LEU B 1 16 ? -5.359  19.454  10.425  1.00 11.61 ? 35  LEU B CD2 1 
ATOM   816  N  N   . ALA B 1 17 ? -7.174  15.697  13.223  1.00 11.72 ? 36  ALA B N   1 
ATOM   817  C  CA  . ALA B 1 17 ? -6.671  15.260  14.522  1.00 12.12 ? 36  ALA B CA  1 
ATOM   818  C  C   . ALA B 1 17 ? -6.416  13.745  14.591  1.00 11.30 ? 36  ALA B C   1 
ATOM   819  O  O   . ALA B 1 17 ? -5.382  13.303  15.103  1.00 11.37 ? 36  ALA B O   1 
ATOM   820  C  CB  . ALA B 1 17 ? -7.623  15.692  15.635  1.00 12.57 ? 36  ALA B CB  1 
ATOM   821  N  N   . ALA B 1 18 ? -7.350  12.959  14.063  1.00 10.83 ? 37  ALA B N   1 
ATOM   822  C  CA  . ALA B 1 18 ? -7.207  11.503  14.054  1.00 10.82 ? 37  ALA B CA  1 
ATOM   823  C  C   . ALA B 1 18 ? -6.099  11.024  13.119  1.00 10.10 ? 37  ALA B C   1 
ATOM   824  O  O   . ALA B 1 18 ? -5.345  10.113  13.454  1.00 10.56 ? 37  ALA B O   1 
ATOM   825  C  CB  . ALA B 1 18 ? -8.531  10.866  13.680  1.00 11.00 ? 37  ALA B CB  1 
ATOM   826  N  N   . GLY B 1 19 ? -6.007  11.657  11.952  1.00 10.37 ? 38  GLY B N   1 
ATOM   827  C  CA  . GLY B 1 19 ? -4.944  11.336  10.991  1.00 11.49 ? 38  GLY B CA  1 
ATOM   828  C  C   . GLY B 1 19 ? -3.578  11.549  11.621  1.00 11.73 ? 38  GLY B C   1 
ATOM   829  O  O   . GLY B 1 19 ? -2.691  10.694  11.523  1.00 11.84 ? 38  GLY B O   1 
ATOM   830  N  N   . VAL B 1 20 ? -3.408  12.678  12.300  1.00 12.15 ? 39  VAL B N   1 
ATOM   831  C  CA  . VAL B 1 20 ? -2.138  12.966  12.946  1.00 13.07 ? 39  VAL B CA  1 
ATOM   832  C  C   . VAL B 1 20 ? -1.906  12.028  14.135  1.00 12.48 ? 39  VAL B C   1 
ATOM   833  O  O   . VAL B 1 20 ? -0.775  11.620  14.420  1.00 12.85 ? 39  VAL B O   1 
ATOM   834  C  CB  . VAL B 1 20 ? -2.016  14.469  13.321  1.00 13.94 ? 39  VAL B CB  1 
ATOM   835  C  CG1 . VAL B 1 20 ? -0.864  14.704  14.278  1.00 15.83 ? 39  VAL B CG1 1 
ATOM   836  C  CG2 . VAL B 1 20 ? -1.828  15.303  12.047  1.00 15.40 ? 39  VAL B CG2 1 
ATOM   837  N  N   . LYS B 1 21 ? -2.971  11.655  14.833  1.00 11.58 ? 40  LYS B N   1 
ATOM   838  C  CA  . LYS B 1 21 ? -2.783  10.675  15.896  1.00 11.87 ? 40  LYS B CA  1 
ATOM   839  C  C   . LYS B 1 21 ? -2.234  9.338   15.381  1.00 11.26 ? 40  LYS B C   1 
ATOM   840  O  O   . LYS B 1 21 ? -1.373  8.726   16.029  1.00 11.22 ? 40  LYS B O   1 
ATOM   841  C  CB  . LYS B 1 21 ? -4.058  10.458  16.712  1.00 12.75 ? 40  LYS B CB  1 
ATOM   842  C  CG  . LYS B 1 21 ? -3.827  9.500   17.854  1.00 15.64 ? 40  LYS B CG  1 
ATOM   843  C  CD  . LYS B 1 21 ? -4.906  9.578   18.897  1.00 16.95 ? 40  LYS B CD  1 
ATOM   844  C  CE  . LYS B 1 21 ? -4.545  8.669   20.057  1.00 20.01 ? 40  LYS B CE  1 
ATOM   845  N  NZ  . LYS B 1 21 ? -5.483  8.839   21.182  1.00 24.16 ? 40  LYS B NZ  1 
ATOM   846  N  N   . LEU B 1 22 ? -2.728  8.877   14.231  1.00 10.47 ? 41  LEU B N   1 
ATOM   847  C  CA  . LEU B 1 22 ? -2.146  7.681   13.607  1.00 10.35 ? 41  LEU B CA  1 
ATOM   848  C  C   . LEU B 1 22 ? -0.635  7.825   13.413  1.00 10.05 ? 41  LEU B C   1 
ATOM   849  O  O   . LEU B 1 22 ? 0.141   6.902   13.677  1.00 10.07 ? 41  LEU B O   1 
ATOM   850  C  CB  . LEU B 1 22 ? -2.814  7.382   12.262  1.00 10.41 ? 41  LEU B CB  1 
ATOM   851  C  CG  . LEU B 1 22 ? -4.270  6.934   12.305  1.00 9.64  ? 41  LEU B CG  1 
ATOM   852  C  CD1 . LEU B 1 22 ? -4.857  6.968   10.892  1.00 10.54 ? 41  LEU B CD1 1 
ATOM   853  C  CD2 . LEU B 1 22 ? -4.371  5.524   12.911  1.00 10.74 ? 41  LEU B CD2 1 
ATOM   854  N  N   . LEU B 1 23 ? -0.237  8.990   12.916  1.00 9.96  ? 42  LEU B N   1 
ATOM   855  C  CA  . LEU B 1 23 ? 1.178   9.256   12.694  1.00 10.95 ? 42  LEU B CA  1 
ATOM   856  C  C   . LEU B 1 23 ? 1.987   9.319   13.986  1.00 11.52 ? 42  LEU B C   1 
ATOM   857  O  O   . LEU B 1 23 ? 3.124   8.853   14.014  1.00 11.86 ? 42  LEU B O   1 
ATOM   858  C  CB  . LEU B 1 23 ? 1.368   10.530  11.880  1.00 11.13 ? 42  LEU B CB  1 
ATOM   859  C  CG  . LEU B 1 23 ? 0.779   10.450  10.469  1.00 10.16 ? 42  LEU B CG  1 
ATOM   860  C  CD1 . LEU B 1 23 ? 0.947   11.777  9.727   1.00 11.40 ? 42  LEU B CD1 1 
ATOM   861  C  CD2 . LEU B 1 23 ? 1.405   9.300   9.690   1.00 11.89 ? 42  LEU B CD2 1 
ATOM   862  N  N   . GLU B 1 24 ? 1.406   9.891   15.041  1.00 12.71 ? 43  GLU B N   1 
ATOM   863  C  CA  A GLU B 1 24 ? 2.077   9.958   16.334  0.50 14.08 ? 43  GLU B CA  1 
ATOM   864  C  CA  B GLU B 1 24 ? 2.065   9.947   16.340  0.50 13.98 ? 43  GLU B CA  1 
ATOM   865  C  C   . GLU B 1 24 ? 2.369   8.548   16.837  1.00 14.50 ? 43  GLU B C   1 
ATOM   866  O  O   . GLU B 1 24 ? 3.481   8.252   17.296  1.00 15.37 ? 43  GLU B O   1 
ATOM   867  C  CB  A GLU B 1 24 ? 1.220   10.738  17.338  0.50 14.55 ? 43  GLU B CB  1 
ATOM   868  C  CB  B GLU B 1 24 ? 1.164   10.641  17.349  0.50 14.48 ? 43  GLU B CB  1 
ATOM   869  C  CG  A GLU B 1 24 ? 2.015   11.473  18.414  0.50 16.55 ? 43  GLU B CG  1 
ATOM   870  C  CG  B GLU B 1 24 ? 1.200   12.143  17.322  0.50 15.80 ? 43  GLU B CG  1 
ATOM   871  C  CD  A GLU B 1 24 ? 2.800   12.657  17.857  0.50 18.54 ? 43  GLU B CD  1 
ATOM   872  C  CD  B GLU B 1 24 ? 0.670   12.712  18.618  0.50 17.73 ? 43  GLU B CD  1 
ATOM   873  O  OE1 A GLU B 1 24 ? 2.237   13.437  17.062  0.50 20.74 ? 43  GLU B OE1 1 
ATOM   874  O  OE1 B GLU B 1 24 ? 1.343   13.568  19.217  0.50 18.46 ? 43  GLU B OE1 1 
ATOM   875  O  OE2 A GLU B 1 24 ? 3.981   12.813  18.216  0.50 20.36 ? 43  GLU B OE2 1 
ATOM   876  O  OE2 B GLU B 1 24 ? -0.411  12.270  19.058  0.50 19.38 ? 43  GLU B OE2 1 
ATOM   877  N  N   . ILE B 1 25 ? 1.374   7.674   16.738  1.00 14.36 ? 44  ILE B N   1 
ATOM   878  C  CA  . ILE B 1 25 ? 1.516   6.302   17.182  1.00 14.98 ? 44  ILE B CA  1 
ATOM   879  C  C   . ILE B 1 25 ? 2.550   5.570   16.333  1.00 15.08 ? 44  ILE B C   1 
ATOM   880  O  O   . ILE B 1 25 ? 3.410   4.844   16.848  1.00 15.96 ? 44  ILE B O   1 
ATOM   881  C  CB  . ILE B 1 25 ? 0.177   5.551   17.102  1.00 14.98 ? 44  ILE B CB  1 
ATOM   882  C  CG1 . ILE B 1 25 ? -0.845  6.141   18.076  1.00 15.49 ? 44  ILE B CG1 1 
ATOM   883  C  CG2 . ILE B 1 25 ? 0.378   4.069   17.393  1.00 16.25 ? 44  ILE B CG2 1 
ATOM   884  C  CD1 . ILE B 1 25 ? -2.278  5.741   17.759  1.00 15.50 ? 44  ILE B CD1 1 
ATOM   885  N  N   . LEU B 1 26 ? 2.472   5.772   15.022  1.00 14.44 ? 45  LEU B N   1 
ATOM   886  C  CA  . LEU B 1 26 ? 3.396   5.147   14.098  1.00 14.82 ? 45  LEU B CA  1 
ATOM   887  C  C   . LEU B 1 26 ? 4.838   5.605   14.337  1.00 15.75 ? 45  LEU B C   1 
ATOM   888  O  O   . LEU B 1 26 ? 5.765   4.790   14.321  1.00 16.03 ? 45  LEU B O   1 
ATOM   889  C  CB  . LEU B 1 26 ? 2.963   5.440   12.663  1.00 15.11 ? 45  LEU B CB  1 
ATOM   890  C  CG  . LEU B 1 26 ? 3.688   4.681   11.561  1.00 15.68 ? 45  LEU B CG  1 
ATOM   891  C  CD1 . LEU B 1 26 ? 3.540   3.158   11.706  1.00 16.12 ? 45  LEU B CD1 1 
ATOM   892  C  CD2 . LEU B 1 26 ? 3.123   5.133   10.230  1.00 16.86 ? 45  LEU B CD2 1 
ATOM   893  N  N   . ALA B 1 27 ? 5.012   6.904   14.566  1.00 16.01 ? 46  ALA B N   1 
ATOM   894  C  CA  . ALA B 1 27 ? 6.314   7.504   14.881  1.00 17.84 ? 46  ALA B CA  1 
ATOM   895  C  C   . ALA B 1 27 ? 6.945   6.890   16.136  1.00 19.44 ? 46  ALA B C   1 
ATOM   896  O  O   . ALA B 1 27 ? 8.132   6.530   16.132  1.00 20.43 ? 46  ALA B O   1 
ATOM   897  C  CB  . ALA B 1 27 ? 6.170   8.991   15.049  1.00 17.44 ? 46  ALA B CB  1 
ATOM   898  N  N   . GLU B 1 28 ? 6.156   6.781   17.206  1.00 20.55 ? 47  GLU B N   1 
ATOM   899  C  CA  . GLU B 1 28 ? 6.642   6.209   18.471  1.00 22.32 ? 47  GLU B CA  1 
ATOM   900  C  C   . GLU B 1 28 ? 7.049   4.755   18.282  1.00 22.40 ? 47  GLU B C   1 
ATOM   901  O  O   . GLU B 1 28 ? 8.020   4.284   18.887  1.00 22.68 ? 47  GLU B O   1 
ATOM   902  C  CB  . GLU B 1 28 ? 5.585   6.332   19.573  1.00 22.00 ? 47  GLU B CB  1 
ATOM   903  C  CG  . GLU B 1 28 ? 5.509   7.711   20.218  1.00 24.38 ? 47  GLU B CG  1 
ATOM   904  C  CD  . GLU B 1 28 ? 4.389   7.831   21.244  1.00 24.57 ? 47  GLU B CD  1 
ATOM   905  O  OE1 . GLU B 1 28 ? 4.258   6.936   22.108  1.00 28.66 ? 47  GLU B OE1 1 
ATOM   906  O  OE2 . GLU B 1 28 ? 3.640   8.833   21.185  1.00 29.05 ? 47  GLU B OE2 1 
ATOM   907  N  N   . HIS B 1 29 ? 6.308   4.047   17.434  1.00 22.71 ? 48  HIS B N   1 
ATOM   908  C  CA  . HIS B 1 29 ? 6.642   2.670   17.111  1.00 23.39 ? 48  HIS B CA  1 
ATOM   909  C  C   . HIS B 1 29 ? 7.980   2.556   16.380  1.00 23.94 ? 48  HIS B C   1 
ATOM   910  O  O   . HIS B 1 29 ? 8.807   1.714   16.738  1.00 23.95 ? 48  HIS B O   1 
ATOM   911  C  CB  . HIS B 1 29 ? 5.534   1.987   16.303  1.00 23.50 ? 48  HIS B CB  1 
ATOM   912  C  CG  . HIS B 1 29 ? 5.887   0.599   15.881  1.00 24.44 ? 48  HIS B CG  1 
ATOM   913  N  ND1 . HIS B 1 29 ? 5.962   -0.452  16.771  1.00 24.93 ? 48  HIS B ND1 1 
ATOM   914  C  CD2 . HIS B 1 29 ? 6.226   0.095   14.671  1.00 25.53 ? 48  HIS B CD2 1 
ATOM   915  C  CE1 . HIS B 1 29 ? 6.319   -1.548  16.124  1.00 25.62 ? 48  HIS B CE1 1 
ATOM   916  N  NE2 . HIS B 1 29 ? 6.483   -1.243  14.848  1.00 25.81 ? 48  HIS B NE2 1 
ATOM   917  N  N   . VAL B 1 30 ? 8.192   3.401   15.369  1.00 24.50 ? 49  VAL B N   1 
ATOM   918  C  CA  . VAL B 1 30 ? 9.420   3.355   14.558  1.00 25.07 ? 49  VAL B CA  1 
ATOM   919  C  C   . VAL B 1 30 ? 10.581  4.148   15.178  1.00 25.40 ? 49  VAL B C   1 
ATOM   920  O  O   . VAL B 1 30 ? 11.658  4.248   14.580  1.00 25.85 ? 49  VAL B O   1 
ATOM   921  C  CB  . VAL B 1 30 ? 9.184   3.803   13.073  1.00 24.92 ? 49  VAL B CB  1 
ATOM   922  C  CG1 . VAL B 1 30 ? 8.147   2.912   12.385  1.00 25.16 ? 49  VAL B CG1 1 
ATOM   923  C  CG2 . VAL B 1 30 ? 8.779   5.270   12.988  1.00 25.36 ? 49  VAL B CG2 1 
ATOM   924  N  N   . HIS B 1 31 ? 10.355  4.689   16.376  1.00 25.86 ? 50  HIS B N   1 
ATOM   925  C  CA  . HIS B 1 31 ? 11.335  5.523   17.093  1.00 26.28 ? 50  HIS B CA  1 
ATOM   926  C  C   . HIS B 1 31 ? 11.872  6.668   16.232  1.00 26.11 ? 50  HIS B C   1 
ATOM   927  O  O   . HIS B 1 31 ? 13.086  6.882   16.118  1.00 26.31 ? 50  HIS B O   1 
ATOM   928  C  CB  . HIS B 1 31 ? 12.463  4.673   17.695  1.00 26.78 ? 50  HIS B CB  1 
ATOM   929  C  CG  . HIS B 1 31 ? 12.006  3.747   18.777  1.00 28.37 ? 50  HIS B CG  1 
ATOM   930  N  ND1 . HIS B 1 31 ? 11.969  4.120   20.109  1.00 30.88 ? 50  HIS B ND1 1 
ATOM   931  C  CD2 . HIS B 1 31 ? 11.567  2.462   18.726  1.00 30.27 ? 50  HIS B CD2 1 
ATOM   932  C  CE1 . HIS B 1 31 ? 11.525  3.106   20.831  1.00 30.11 ? 50  HIS B CE1 1 
ATOM   933  N  NE2 . HIS B 1 31 ? 11.274  2.088   20.016  1.00 30.86 ? 50  HIS B NE2 1 
ATOM   934  N  N   . MET B 1 32 ? 10.940  7.392   15.622  1.00 25.54 ? 51  MET B N   1 
ATOM   935  C  CA  . MET B 1 32 ? 11.249  8.551   14.803  1.00 25.34 ? 51  MET B CA  1 
ATOM   936  C  C   . MET B 1 32 ? 10.367  9.678   15.317  1.00 24.25 ? 51  MET B C   1 
ATOM   937  O  O   . MET B 1 32 ? 9.271   9.425   15.816  1.00 24.17 ? 51  MET B O   1 
ATOM   938  C  CB  . MET B 1 32 ? 10.932  8.241   13.338  1.00 25.47 ? 51  MET B CB  1 
ATOM   939  C  CG  . MET B 1 32 ? 11.268  9.342   12.347  1.00 26.46 ? 51  MET B CG  1 
ATOM   940  S  SD  . MET B 1 32 ? 10.745  8.930   10.667  1.00 27.41 ? 51  MET B SD  1 
ATOM   941  C  CE  . MET B 1 32 ? 8.968   9.112   10.793  1.00 26.44 ? 51  MET B CE  1 
ATOM   942  N  N   . SER B 1 33 ? 10.843  10.915  15.220  1.00 22.90 ? 52  SER B N   1 
ATOM   943  C  CA  . SER B 1 33 ? 10.012  12.061  15.545  1.00 21.91 ? 52  SER B CA  1 
ATOM   944  C  C   . SER B 1 33 ? 8.833   12.102  14.580  1.00 20.58 ? 52  SER B C   1 
ATOM   945  O  O   . SER B 1 33 ? 9.007   11.951  13.373  1.00 20.14 ? 52  SER B O   1 
ATOM   946  C  CB  . SER B 1 33 ? 10.811  13.356  15.425  1.00 22.10 ? 52  SER B CB  1 
ATOM   947  O  OG  . SER B 1 33 ? 9.964   14.470  15.624  1.00 23.29 ? 52  SER B OG  1 
ATOM   948  N  N   . SER B 1 34 ? 7.632   12.296  15.105  1.00 19.16 ? 53  SER B N   1 
ATOM   949  C  CA  . SER B 1 34 ? 6.460   12.457  14.249  1.00 17.85 ? 53  SER B CA  1 
ATOM   950  C  C   . SER B 1 34 ? 6.555   13.690  13.344  1.00 16.68 ? 53  SER B C   1 
ATOM   951  O  O   . SER B 1 34 ? 5.875   13.763  12.311  1.00 14.97 ? 53  SER B O   1 
ATOM   952  C  CB  . SER B 1 34 ? 5.188   12.474  15.088  1.00 18.01 ? 53  SER B CB  1 
ATOM   953  O  OG  . SER B 1 34 ? 5.187   13.589  15.951  1.00 18.99 ? 53  SER B OG  1 
ATOM   954  N  N   . GLY B 1 35 ? 7.430   14.633  13.703  1.00 15.97 ? 54  GLY B N   1 
ATOM   955  C  CA  . GLY B 1 35 ? 7.698   15.788  12.853  1.00 15.61 ? 54  GLY B CA  1 
ATOM   956  C  C   . GLY B 1 35 ? 8.359   15.417  11.531  1.00 14.39 ? 54  GLY B C   1 
ATOM   957  O  O   . GLY B 1 35 ? 8.410   16.217  10.586  1.00 14.57 ? 54  GLY B O   1 
ATOM   958  N  N   . SER B 1 36 ? 8.873   14.192  11.469  1.00 13.80 ? 55  SER B N   1 
ATOM   959  C  CA  . SER B 1 36 ? 9.469   13.666  10.251  1.00 13.45 ? 55  SER B CA  1 
ATOM   960  C  C   . SER B 1 36 ? 8.433   13.198  9.242   1.00 12.39 ? 55  SER B C   1 
ATOM   961  O  O   . SER B 1 36 ? 8.769   12.894  8.110   1.00 11.95 ? 55  SER B O   1 
ATOM   962  C  CB  . SER B 1 36 ? 10.406  12.519  10.567  1.00 14.05 ? 55  SER B CB  1 
ATOM   963  O  OG  . SER B 1 36 ? 11.472  12.960  11.383  1.00 17.87 ? 55  SER B OG  1 
ATOM   964  N  N   . PHE B 1 37 ? 7.174   13.108  9.665   1.00 11.24 ? 56  PHE B N   1 
ATOM   965  C  CA  . PHE B 1 37 ? 6.077   12.931  8.722   1.00 10.23 ? 56  PHE B CA  1 
ATOM   966  C  C   . PHE B 1 37 ? 5.677   14.304  8.213   1.00 10.12 ? 56  PHE B C   1 
ATOM   967  O  O   . PHE B 1 37 ? 5.264   15.163  9.004   1.00 10.56 ? 56  PHE B O   1 
ATOM   968  C  CB  . PHE B 1 37 ? 4.893   12.243  9.390   1.00 10.87 ? 56  PHE B CB  1 
ATOM   969  C  CG  . PHE B 1 37 ? 5.115   10.785  9.664   1.00 11.31 ? 56  PHE B CG  1 
ATOM   970  C  CD1 . PHE B 1 37 ? 5.254   9.889   8.604   1.00 13.52 ? 56  PHE B CD1 1 
ATOM   971  C  CD2 . PHE B 1 37 ? 5.143   10.297  10.964  1.00 13.70 ? 56  PHE B CD2 1 
ATOM   972  C  CE1 . PHE B 1 37 ? 5.452   8.528   8.840   1.00 14.58 ? 56  PHE B CE1 1 
ATOM   973  C  CE2 . PHE B 1 37 ? 5.329   8.934   11.216  1.00 13.99 ? 56  PHE B CE2 1 
ATOM   974  C  CZ  . PHE B 1 37 ? 5.490   8.049   10.146  1.00 13.31 ? 56  PHE B CZ  1 
ATOM   975  N  N   . ILE B 1 38 ? 5.794   14.504  6.907   1.00 9.29  ? 57  ILE B N   1 
ATOM   976  C  CA  . ILE B 1 38 ? 5.657   15.821  6.302   1.00 9.76  ? 57  ILE B CA  1 
ATOM   977  C  C   . ILE B 1 38 ? 4.621   15.785  5.197   1.00 9.51  ? 57  ILE B C   1 
ATOM   978  O  O   . ILE B 1 38 ? 4.201   14.703  4.746   1.00 10.04 ? 57  ILE B O   1 
ATOM   979  C  CB  . ILE B 1 38 ? 7.019   16.340  5.758   1.00 9.61  ? 57  ILE B CB  1 
ATOM   980  C  CG1 . ILE B 1 38 ? 7.583   15.354  4.728   1.00 10.90 ? 57  ILE B CG1 1 
ATOM   981  C  CG2 . ILE B 1 38 ? 8.001   16.551  6.921   1.00 11.19 ? 57  ILE B CG2 1 
ATOM   982  C  CD1 . ILE B 1 38 ? 8.857   15.844  4.021   1.00 11.80 ? 57  ILE B CD1 1 
ATOM   983  N  N   . ASN B 1 39 ? 4.226   16.968  4.727   1.00 9.35  ? 58  ASN B N   1 
ATOM   984  C  CA  A ASN B 1 39 ? 3.270   17.099  3.637   0.70 10.43 ? 58  ASN B CA  1 
ATOM   985  C  CA  B ASN B 1 39 ? 3.271   17.079  3.618   0.30 10.16 ? 58  ASN B CA  1 
ATOM   986  C  C   . ASN B 1 39 ? 1.992   16.295  3.910   1.00 10.20 ? 58  ASN B C   1 
ATOM   987  O  O   . ASN B 1 39 ? 1.504   15.557  3.061   1.00 11.42 ? 58  ASN B O   1 
ATOM   988  C  CB  A ASN B 1 39 ? 3.918   16.716  2.297   0.70 11.52 ? 58  ASN B CB  1 
ATOM   989  C  CB  B ASN B 1 39 ? 3.868   16.584  2.283   0.30 10.71 ? 58  ASN B CB  1 
ATOM   990  C  CG  A ASN B 1 39 ? 3.231   17.361  1.107   0.70 12.99 ? 58  ASN B CG  1 
ATOM   991  C  CG  B ASN B 1 39 ? 5.260   17.125  2.002   0.30 11.62 ? 58  ASN B CG  1 
ATOM   992  O  OD1 A ASN B 1 39 ? 2.964   16.693  0.100   0.70 17.00 ? 58  ASN B OD1 1 
ATOM   993  O  OD1 B ASN B 1 39 ? 5.560   18.289  2.248   0.30 13.93 ? 58  ASN B OD1 1 
ATOM   994  N  ND2 A ASN B 1 39 ? 2.973   18.665  1.193   0.70 13.95 ? 58  ASN B ND2 1 
ATOM   995  N  ND2 B ASN B 1 39 ? 6.115   16.268  1.462   0.30 12.91 ? 58  ASN B ND2 1 
ATOM   996  N  N   . ILE B 1 40 ? 1.444   16.466  5.102   1.00 8.75  ? 59  ILE B N   1 
ATOM   997  C  CA  . ILE B 1 40 ? 0.299   15.680  5.562   1.00 9.99  ? 59  ILE B CA  1 
ATOM   998  C  C   . ILE B 1 40 ? -1.003  16.289  5.087   1.00 10.32 ? 59  ILE B C   1 
ATOM   999  O  O   . ILE B 1 40 ? -1.188  17.505  5.153   1.00 10.08 ? 59  ILE B O   1 
ATOM   1000 C  CB  . ILE B 1 40 ? 0.309   15.630  7.097   1.00 10.59 ? 59  ILE B CB  1 
ATOM   1001 C  CG1 . ILE B 1 40 ? 1.583   14.929  7.585   1.00 12.43 ? 59  ILE B CG1 1 
ATOM   1002 C  CG2 . ILE B 1 40 ? -0.941  14.929  7.641   1.00 13.20 ? 59  ILE B CG2 1 
ATOM   1003 C  CD1 . ILE B 1 40 ? 1.962   15.289  9.008   1.00 15.87 ? 59  ILE B CD1 1 
ATOM   1004 N  N   . SER B 1 41 ? -1.931  15.446  4.642   1.00 9.77  ? 60  SER B N   1 
ATOM   1005 C  CA  . SER B 1 41 ? -3.298  15.868  4.339   1.00 10.30 ? 60  SER B CA  1 
ATOM   1006 C  C   . SER B 1 41 ? -4.245  14.763  4.720   1.00 9.47  ? 60  SER B C   1 
ATOM   1007 O  O   . SER B 1 41 ? -3.871  13.577  4.737   1.00 9.77  ? 60  SER B O   1 
ATOM   1008 C  CB  . SER B 1 41 ? -3.498  16.123  2.854   1.00 10.09 ? 60  SER B CB  1 
ATOM   1009 O  OG  . SER B 1 41 ? -2.551  17.055  2.349   1.00 11.51 ? 60  SER B OG  1 
ATOM   1010 N  N   . VAL B 1 42 ? -5.462  15.159  5.061   1.00 9.82  ? 61  VAL B N   1 
ATOM   1011 C  CA  . VAL B 1 42 ? -6.570  14.213  5.139   1.00 9.96  ? 61  VAL B CA  1 
ATOM   1012 C  C   . VAL B 1 42 ? -7.533  14.608  4.055   1.00 10.97 ? 61  VAL B C   1 
ATOM   1013 O  O   . VAL B 1 42 ? -7.848  15.795  3.905   1.00 11.99 ? 61  VAL B O   1 
ATOM   1014 C  CB  . VAL B 1 42 ? -7.241  14.184  6.536   1.00 9.69  ? 61  VAL B CB  1 
ATOM   1015 C  CG1 . VAL B 1 42 ? -6.279  13.647  7.585   1.00 10.68 ? 61  VAL B CG1 1 
ATOM   1016 C  CG2 . VAL B 1 42 ? -7.801  15.566  6.938   1.00 10.13 ? 61  VAL B CG2 1 
ATOM   1017 N  N   . VAL B 1 43 ? -7.947  13.632  3.256   1.00 11.39 ? 62  VAL B N   1 
ATOM   1018 C  CA  . VAL B 1 43 ? -8.850  13.855  2.127   1.00 13.65 ? 62  VAL B CA  1 
ATOM   1019 C  C   . VAL B 1 43 ? -9.844  12.700  2.131   1.00 12.97 ? 62  VAL B C   1 
ATOM   1020 O  O   . VAL B 1 43 ? -9.455  11.532  1.990   1.00 12.69 ? 62  VAL B O   1 
ATOM   1021 C  CB  . VAL B 1 43 ? -8.111  13.900  0.768   1.00 14.34 ? 62  VAL B CB  1 
ATOM   1022 C  CG1 . VAL B 1 43 ? -9.103  14.080  -0.386  1.00 16.74 ? 62  VAL B CG1 1 
ATOM   1023 C  CG2 . VAL B 1 43 ? -7.081  15.031  0.744   1.00 15.95 ? 62  VAL B CG2 1 
ATOM   1024 N  N   . GLY B 1 44 ? -11.117 13.015  2.327   1.00 13.17 ? 63  GLY B N   1 
ATOM   1025 C  CA  . GLY B 1 44 ? -12.130 11.972  2.479   1.00 12.87 ? 63  GLY B CA  1 
ATOM   1026 C  C   . GLY B 1 44 ? -11.713 11.048  3.607   1.00 12.10 ? 63  GLY B C   1 
ATOM   1027 O  O   . GLY B 1 44 ? -11.375 11.511  4.692   1.00 11.74 ? 63  GLY B O   1 
ATOM   1028 N  N   . PRO B 1 45 ? -11.728 9.723   3.368   1.00 12.03 ? 64  PRO B N   1 
ATOM   1029 C  CA  . PRO B 1 45 ? -11.363 8.790   4.436   1.00 11.24 ? 64  PRO B CA  1 
ATOM   1030 C  C   . PRO B 1 45 ? -9.853  8.578   4.624   1.00 10.33 ? 64  PRO B C   1 
ATOM   1031 O  O   . PRO B 1 45 ? -9.453  7.797   5.493   1.00 10.22 ? 64  PRO B O   1 
ATOM   1032 C  CB  . PRO B 1 45 ? -11.994 7.481   3.960   1.00 12.32 ? 64  PRO B CB  1 
ATOM   1033 C  CG  . PRO B 1 45 ? -11.885 7.559   2.476   1.00 12.14 ? 64  PRO B CG  1 
ATOM   1034 C  CD  . PRO B 1 45 ? -12.109 9.024   2.125   1.00 12.48 ? 64  PRO B CD  1 
ATOM   1035 N  N   . ALA B 1 46 ? -9.034  9.234   3.811   1.00 9.62  ? 65  ALA B N   1 
ATOM   1036 C  CA  . ALA B 1 46 ? -7.612  8.904   3.744   1.00 9.78  ? 65  ALA B CA  1 
ATOM   1037 C  C   . ALA B 1 46 ? -6.676  9.953   4.304   1.00 9.08  ? 65  ALA B C   1 
ATOM   1038 O  O   . ALA B 1 46 ? -6.915  11.161  4.204   1.00 10.59 ? 65  ALA B O   1 
ATOM   1039 C  CB  . ALA B 1 46 ? -7.210  8.597   2.315   1.00 10.23 ? 65  ALA B CB  1 
ATOM   1040 N  N   . LEU B 1 47 ? -5.599  9.448   4.887   1.00 8.20  ? 66  LEU B N   1 
ATOM   1041 C  CA  . LEU B 1 47 ? -4.456  10.222  5.342   1.00 8.51  ? 66  LEU B CA  1 
ATOM   1042 C  C   . LEU B 1 47 ? -3.329  10.012  4.339   1.00 8.88  ? 66  LEU B C   1 
ATOM   1043 O  O   . LEU B 1 47 ? -3.039  8.860   3.971   1.00 9.02  ? 66  LEU B O   1 
ATOM   1044 C  CB  . LEU B 1 47 ? -4.022  9.683   6.693   1.00 8.69  ? 66  LEU B CB  1 
ATOM   1045 C  CG  . LEU B 1 47 ? -2.662  10.162  7.217   1.00 8.89  ? 66  LEU B CG  1 
ATOM   1046 C  CD1 . LEU B 1 47 ? -2.681  11.632  7.586   1.00 11.18 ? 66  LEU B CD1 1 
ATOM   1047 C  CD2 . LEU B 1 47 ? -2.243  9.343   8.417   1.00 10.54 ? 66  LEU B CD2 1 
ATOM   1048 N  N   . THR B 1 48 ? -2.691  11.083  3.874   1.00 8.49  ? 67  THR B N   1 
ATOM   1049 C  CA  . THR B 1 48 ? -1.516  10.972  2.999   1.00 9.69  ? 67  THR B CA  1 
ATOM   1050 C  C   . THR B 1 48 ? -0.375  11.754  3.622   1.00 9.40  ? 67  THR B C   1 
ATOM   1051 O  O   . THR B 1 48 ? -0.588  12.734  4.348   1.00 10.00 ? 67  THR B O   1 
ATOM   1052 C  CB  . THR B 1 48 ? -1.777  11.502  1.591   1.00 9.80  ? 67  THR B CB  1 
ATOM   1053 O  OG1 . THR B 1 48 ? -2.236  12.862  1.670   1.00 11.62 ? 67  THR B OG1 1 
ATOM   1054 C  CG2 . THR B 1 48 ? -2.808  10.651  0.859   1.00 12.12 ? 67  THR B CG2 1 
ATOM   1055 N  N   . PHE B 1 49 ? 0.846   11.306  3.358   1.00 9.34  ? 68  PHE B N   1 
ATOM   1056 C  CA  . PHE B 1 49 ? 2.026   11.885  3.992   1.00 9.48  ? 68  PHE B CA  1 
ATOM   1057 C  C   . PHE B 1 49 ? 3.282   11.487  3.215   1.00 9.74  ? 68  PHE B C   1 
ATOM   1058 O  O   . PHE B 1 49 ? 3.273   10.557  2.390   1.00 9.77  ? 68  PHE B O   1 
ATOM   1059 C  CB  . PHE B 1 49 ? 2.137   11.408  5.449   1.00 10.06 ? 68  PHE B CB  1 
ATOM   1060 C  CG  . PHE B 1 49 ? 2.219   9.919   5.575   1.00 9.86  ? 68  PHE B CG  1 
ATOM   1061 C  CD1 . PHE B 1 49 ? 3.452   9.271   5.532   1.00 12.07 ? 68  PHE B CD1 1 
ATOM   1062 C  CD2 . PHE B 1 49 ? 1.067   9.147   5.712   1.00 11.16 ? 68  PHE B CD2 1 
ATOM   1063 C  CE1 . PHE B 1 49 ? 3.544   7.901   5.619   1.00 13.88 ? 68  PHE B CE1 1 
ATOM   1064 C  CE2 . PHE B 1 49 ? 1.157   7.768   5.797   1.00 12.21 ? 68  PHE B CE2 1 
ATOM   1065 C  CZ  . PHE B 1 49 ? 2.398   7.144   5.755   1.00 12.15 ? 68  PHE B CZ  1 
ATOM   1066 N  N   . ARG B 1 50 ? 4.362   12.198  3.493   1.00 10.19 ? 69  ARG B N   1 
ATOM   1067 C  CA  . ARG B 1 50 ? 5.685   11.815  3.034   1.00 11.04 ? 69  ARG B CA  1 
ATOM   1068 C  C   . ARG B 1 50 ? 6.566   11.759  4.250   1.00 11.42 ? 69  ARG B C   1 
ATOM   1069 O  O   . ARG B 1 50 ? 6.123   12.034  5.373   1.00 9.85  ? 69  ARG B O   1 
ATOM   1070 C  CB  . ARG B 1 50 ? 6.200   12.806  1.995   1.00 12.31 ? 69  ARG B CB  1 
ATOM   1071 C  CG  . ARG B 1 50 ? 5.470   12.639  0.681   1.00 14.26 ? 69  ARG B CG  1 
ATOM   1072 C  CD  . ARG B 1 50 ? 5.929   13.616  -0.372  1.00 20.20 ? 69  ARG B CD  1 
ATOM   1073 N  NE  . ARG B 1 50 ? 5.194   13.383  -1.613  1.00 24.94 ? 69  ARG B NE  1 
ATOM   1074 C  CZ  . ARG B 1 50 ? 4.862   14.325  -2.490  1.00 27.66 ? 69  ARG B CZ  1 
ATOM   1075 N  NH1 . ARG B 1 50 ? 5.197   15.598  -2.280  1.00 29.57 ? 69  ARG B NH1 1 
ATOM   1076 N  NH2 . ARG B 1 50 ? 4.190   13.992  -3.586  1.00 29.59 ? 69  ARG B NH2 1 
ATOM   1077 N  N   . ILE B 1 51 ? 7.821   11.376  4.050   1.00 12.71 ? 70  ILE B N   1 
ATOM   1078 C  CA  A ILE B 1 51 ? 8.748   11.240  5.162   0.50 13.78 ? 70  ILE B CA  1 
ATOM   1079 C  CA  B ILE B 1 51 ? 8.771   11.226  5.158   0.50 13.81 ? 70  ILE B CA  1 
ATOM   1080 C  C   . ILE B 1 51 ? 10.021  12.035  4.879   1.00 14.35 ? 70  ILE B C   1 
ATOM   1081 O  O   . ILE B 1 51 ? 10.581  11.958  3.779   1.00 14.80 ? 70  ILE B O   1 
ATOM   1082 C  CB  A ILE B 1 51 ? 9.008   9.740   5.498   0.50 13.97 ? 70  ILE B CB  1 
ATOM   1083 C  CB  B ILE B 1 51 ? 9.166   9.748   5.400   0.50 14.32 ? 70  ILE B CB  1 
ATOM   1084 C  CG1 A ILE B 1 51 ? 9.857   9.583   6.764   0.50 15.24 ? 70  ILE B CG1 1 
ATOM   1085 C  CG1 B ILE B 1 51 ? 7.935   8.919   5.757   0.50 15.04 ? 70  ILE B CG1 1 
ATOM   1086 C  CG2 A ILE B 1 51 ? 9.588   8.991   4.295   0.50 13.50 ? 70  ILE B CG2 1 
ATOM   1087 C  CG2 B ILE B 1 51 ? 10.243  9.629   6.489   0.50 15.58 ? 70  ILE B CG2 1 
ATOM   1088 C  CD1 A ILE B 1 51 ? 9.926   8.148   7.266   0.50 15.03 ? 70  ILE B CD1 1 
ATOM   1089 C  CD1 B ILE B 1 51 ? 8.261   7.554   6.278   0.50 17.88 ? 70  ILE B CD1 1 
ATOM   1090 N  N   . ARG B 1 52 ? 10.437  12.813  5.874   1.00 14.93 ? 71  ARG B N   1 
ATOM   1091 C  CA  . ARG B 1 52 ? 11.625  13.653  5.801   1.00 17.45 ? 71  ARG B CA  1 
ATOM   1092 C  C   . ARG B 1 52 ? 12.842  12.755  5.872   1.00 18.61 ? 71  ARG B C   1 
ATOM   1093 O  O   . ARG B 1 52 ? 12.756  11.636  6.381   1.00 18.74 ? 71  ARG B O   1 
ATOM   1094 C  CB  . ARG B 1 52 ? 11.631  14.615  6.992   1.00 17.03 ? 71  ARG B CB  1 
ATOM   1095 C  CG  . ARG B 1 52 ? 12.795  15.609  7.052   1.00 19.07 ? 71  ARG B CG  1 
ATOM   1096 C  CD  . ARG B 1 52 ? 12.644  16.540  8.241   1.00 19.63 ? 71  ARG B CD  1 
ATOM   1097 N  NE  . ARG B 1 52 ? 11.546  17.484  8.028   1.00 23.40 ? 71  ARG B NE  1 
ATOM   1098 C  CZ  . ARG B 1 52 ? 10.790  18.002  8.992   1.00 24.23 ? 71  ARG B CZ  1 
ATOM   1099 N  NH1 . ARG B 1 52 ? 10.991  17.666  10.261  1.00 26.05 ? 71  ARG B NH1 1 
ATOM   1100 N  NH2 . ARG B 1 52 ? 9.825   18.852  8.681   1.00 25.24 ? 71  ARG B NH2 1 
ATOM   1101 N  N   . HIS B 1 53 ? 13.971  13.247  5.364   1.00 20.51 ? 72  HIS B N   1 
ATOM   1102 C  CA  . HIS B 1 53 ? 15.254  12.593  5.607   1.00 22.97 ? 72  HIS B CA  1 
ATOM   1103 C  C   . HIS B 1 53 ? 15.379  12.236  7.085   1.00 23.97 ? 72  HIS B C   1 
ATOM   1104 O  O   . HIS B 1 53 ? 15.005  13.023  7.965   1.00 24.13 ? 72  HIS B O   1 
ATOM   1105 C  CB  . HIS B 1 53 ? 16.418  13.494  5.179   1.00 22.95 ? 72  HIS B CB  1 
ATOM   1106 C  CG  . HIS B 1 53 ? 16.376  14.870  5.773   1.00 24.10 ? 72  HIS B CG  1 
ATOM   1107 N  ND1 . HIS B 1 53 ? 15.961  15.973  5.059   1.00 25.29 ? 72  HIS B ND1 1 
ATOM   1108 C  CD2 . HIS B 1 53 ? 16.692  15.322  7.010   1.00 24.59 ? 72  HIS B CD2 1 
ATOM   1109 C  CE1 . HIS B 1 53 ? 16.025  17.044  5.828   1.00 24.41 ? 72  HIS B CE1 1 
ATOM   1110 N  NE2 . HIS B 1 53 ? 16.463  16.677  7.018   1.00 25.80 ? 72  HIS B NE2 1 
ATOM   1111 N  N   . ASN B 1 54 ? 15.865  11.029  7.353   1.00 25.86 ? 73  ASN B N   1 
ATOM   1112 C  CA  . ASN B 1 54 ? 16.148  10.596  8.719   1.00 27.47 ? 73  ASN B CA  1 
ATOM   1113 C  C   . ASN B 1 54 ? 17.336  9.637   8.768   1.00 28.17 ? 73  ASN B C   1 
ATOM   1114 O  O   . ASN B 1 54 ? 17.608  8.923   7.798   1.00 28.54 ? 73  ASN B O   1 
ATOM   1115 C  CB  . ASN B 1 54 ? 14.901  10.002  9.398   1.00 27.57 ? 73  ASN B CB  1 
ATOM   1116 C  CG  . ASN B 1 54 ? 14.277  8.866   8.606   1.00 28.04 ? 73  ASN B CG  1 
ATOM   1117 O  OD1 . ASN B 1 54 ? 13.607  9.081   7.593   1.00 28.69 ? 73  ASN B OD1 1 
ATOM   1118 N  ND2 . ASN B 1 54 ? 14.478  7.649   9.083   1.00 27.97 ? 73  ASN B ND2 1 
ATOM   1119 N  N   . GLU B 1 55 ? 18.045  9.648   9.896   1.00 29.29 ? 74  GLU B N   1 
ATOM   1120 C  CA  . GLU B 1 55 ? 19.244  8.824   10.090  1.00 29.87 ? 74  GLU B CA  1 
ATOM   1121 C  C   . GLU B 1 55 ? 18.919  7.338   10.024  1.00 30.22 ? 74  GLU B C   1 
ATOM   1122 O  O   . GLU B 1 55 ? 19.727  6.533   9.545   1.00 30.62 ? 74  GLU B O   1 
ATOM   1123 C  CB  . GLU B 1 55 ? 19.913  9.158   11.426  1.00 30.10 ? 74  GLU B CB  1 
ATOM   1124 N  N   . GLN B 1 56 ? 17.722  6.990   10.495  1.00 30.27 ? 75  GLN B N   1 
ATOM   1125 C  CA  . GLN B 1 56 ? 17.224  5.617   10.481  1.00 30.11 ? 75  GLN B CA  1 
ATOM   1126 C  C   . GLN B 1 56 ? 17.041  5.067   9.067   1.00 29.85 ? 75  GLN B C   1 
ATOM   1127 O  O   . GLN B 1 56 ? 16.933  3.855   8.881   1.00 30.29 ? 75  GLN B O   1 
ATOM   1128 C  CB  . GLN B 1 56 ? 15.905  5.527   11.251  1.00 30.19 ? 75  GLN B CB  1 
ATOM   1129 N  N   . ASN B 1 57 ? 17.013  5.969   8.081   1.00 29.30 ? 76  ASN B N   1 
ATOM   1130 C  CA  . ASN B 1 57 ? 16.829  5.622   6.666   1.00 28.51 ? 76  ASN B CA  1 
ATOM   1131 C  C   . ASN B 1 57 ? 15.472  4.971   6.375   1.00 27.74 ? 76  ASN B C   1 
ATOM   1132 O  O   . ASN B 1 57 ? 15.341  4.168   5.446   1.00 27.92 ? 76  ASN B O   1 
ATOM   1133 C  CB  . ASN B 1 57 ? 17.986  4.750   6.151   1.00 28.88 ? 76  ASN B CB  1 
ATOM   1134 N  N   . LEU B 1 58 ? 14.466  5.340   7.168   1.00 26.55 ? 77  LEU B N   1 
ATOM   1135 C  CA  . LEU B 1 58 ? 13.114  4.800   7.031   1.00 25.14 ? 77  LEU B CA  1 
ATOM   1136 C  C   . LEU B 1 58 ? 12.443  5.317   5.762   1.00 23.70 ? 77  LEU B C   1 
ATOM   1137 O  O   . LEU B 1 58 ? 12.366  6.527   5.537   1.00 23.85 ? 77  LEU B O   1 
ATOM   1138 C  CB  . LEU B 1 58 ? 12.257  5.147   8.259   1.00 25.29 ? 77  LEU B CB  1 
ATOM   1139 C  CG  . LEU B 1 58 ? 12.600  4.496   9.607   1.00 25.59 ? 77  LEU B CG  1 
ATOM   1140 C  CD1 . LEU B 1 58 ? 11.840  5.171   10.745  1.00 26.65 ? 77  LEU B CD1 1 
ATOM   1141 C  CD2 . LEU B 1 58 ? 12.326  2.992   9.590   1.00 26.49 ? 77  LEU B CD2 1 
ATOM   1142 N  N   . SER B 1 59 ? 11.965  4.388   4.941   1.00 22.28 ? 78  SER B N   1 
ATOM   1143 C  CA  . SER B 1 59 ? 11.263  4.705   3.699   1.00 20.98 ? 78  SER B CA  1 
ATOM   1144 C  C   . SER B 1 59 ? 9.743   4.615   3.865   1.00 19.84 ? 78  SER B C   1 
ATOM   1145 O  O   . SER B 1 59 ? 9.246   4.136   4.891   1.00 19.01 ? 78  SER B O   1 
ATOM   1146 C  CB  . SER B 1 59 ? 11.698  3.736   2.603   1.00 21.11 ? 78  SER B CB  1 
ATOM   1147 O  OG  . SER B 1 59 ? 11.211  2.436   2.893   1.00 21.96 ? 78  SER B OG  1 
ATOM   1148 N  N   . LEU B 1 60 ? 9.011   5.060   2.845   1.00 18.32 ? 79  LEU B N   1 
ATOM   1149 C  CA  . LEU B 1 60 ? 7.552   4.944   2.842   1.00 17.64 ? 79  LEU B CA  1 
ATOM   1150 C  C   . LEU B 1 60 ? 7.126   3.487   2.886   1.00 17.51 ? 79  LEU B C   1 
ATOM   1151 O  O   . LEU B 1 60 ? 6.158   3.146   3.568   1.00 17.14 ? 79  LEU B O   1 
ATOM   1152 C  CB  . LEU B 1 60 ? 6.927   5.636   1.627   1.00 17.50 ? 79  LEU B CB  1 
ATOM   1153 C  CG  . LEU B 1 60 ? 7.046   7.157   1.623   1.00 17.34 ? 79  LEU B CG  1 
ATOM   1154 C  CD1 . LEU B 1 60 ? 6.630   7.719   0.276   1.00 17.76 ? 79  LEU B CD1 1 
ATOM   1155 C  CD2 . LEU B 1 60 ? 6.222   7.774   2.743   1.00 17.01 ? 79  LEU B CD2 1 
ATOM   1156 N  N   . ALA B 1 61 ? 7.860   2.630   2.175   1.00 17.84 ? 80  ALA B N   1 
ATOM   1157 C  CA  . ALA B 1 61 ? 7.619   1.193   2.227   1.00 18.18 ? 80  ALA B CA  1 
ATOM   1158 C  C   . ALA B 1 61 ? 7.804   0.683   3.648   1.00 18.06 ? 80  ALA B C   1 
ATOM   1159 O  O   . ALA B 1 61 ? 6.961   -0.063  4.151   1.00 18.02 ? 80  ALA B O   1 
ATOM   1160 C  CB  . ALA B 1 61 ? 8.540   0.450   1.260   1.00 18.28 ? 80  ALA B CB  1 
ATOM   1161 N  N   . ASP B 1 62 ? 8.888   1.106   4.296   1.00 18.55 ? 81  ASP B N   1 
ATOM   1162 C  CA  . ASP B 1 62 ? 9.170   0.701   5.672   1.00 18.58 ? 81  ASP B CA  1 
ATOM   1163 C  C   . ASP B 1 62 ? 8.024   1.075   6.603   1.00 17.85 ? 81  ASP B C   1 
ATOM   1164 O  O   . ASP B 1 62 ? 7.544   0.255   7.376   1.00 16.82 ? 81  ASP B O   1 
ATOM   1165 C  CB  . ASP B 1 62 ? 10.459  1.345   6.184   1.00 19.39 ? 81  ASP B CB  1 
ATOM   1166 C  CG  . ASP B 1 62 ? 11.702  0.796   5.510   1.00 21.60 ? 81  ASP B CG  1 
ATOM   1167 O  OD1 . ASP B 1 62 ? 11.710  -0.396  5.131   1.00 24.42 ? 81  ASP B OD1 1 
ATOM   1168 O  OD2 . ASP B 1 62 ? 12.677  1.563   5.353   1.00 25.01 ? 81  ASP B OD2 1 
ATOM   1169 N  N   . VAL B 1 63 ? 7.584   2.325   6.525   1.00 17.21 ? 82  VAL B N   1 
ATOM   1170 C  CA  . VAL B 1 63 ? 6.584   2.796   7.464   1.00 17.00 ? 82  VAL B CA  1 
ATOM   1171 C  C   . VAL B 1 63 ? 5.219   2.169   7.208   1.00 16.02 ? 82  VAL B C   1 
ATOM   1172 O  O   . VAL B 1 63 ? 4.526   1.823   8.159   1.00 14.54 ? 82  VAL B O   1 
ATOM   1173 C  CB  . VAL B 1 63 ? 6.508   4.336   7.535   1.00 18.11 ? 82  VAL B CB  1 
ATOM   1174 C  CG1 . VAL B 1 63 ? 7.873   4.900   7.887   1.00 19.52 ? 82  VAL B CG1 1 
ATOM   1175 C  CG2 . VAL B 1 63 ? 5.970   4.927   6.244   1.00 19.89 ? 82  VAL B CG2 1 
ATOM   1176 N  N   . THR B 1 64 ? 4.835   1.990   5.945   1.00 15.08 ? 83  THR B N   1 
ATOM   1177 C  CA  . THR B 1 64 ? 3.546   1.363   5.657   1.00 15.92 ? 83  THR B CA  1 
ATOM   1178 C  C   . THR B 1 64 ? 3.559   -0.115  6.060   1.00 15.25 ? 83  THR B C   1 
ATOM   1179 O  O   . THR B 1 64 ? 2.556   -0.648  6.532   1.00 15.15 ? 83  THR B O   1 
ATOM   1180 C  CB  . THR B 1 64 ? 3.091   1.551   4.191   1.00 16.70 ? 83  THR B CB  1 
ATOM   1181 O  OG1 . THR B 1 64 ? 4.088   1.027   3.308   1.00 19.96 ? 83  THR B OG1 1 
ATOM   1182 C  CG2 . THR B 1 64 ? 2.864   3.018   3.899   1.00 17.34 ? 83  THR B CG2 1 
ATOM   1183 N  N   . GLN B 1 65 ? 4.700   -0.778  5.874   1.00 15.36 ? 84  GLN B N   1 
ATOM   1184 C  CA  . GLN B 1 65 ? 4.853   -2.139  6.373   1.00 15.43 ? 84  GLN B CA  1 
ATOM   1185 C  C   . GLN B 1 65 ? 4.690   -2.154  7.896   1.00 14.12 ? 84  GLN B C   1 
ATOM   1186 O  O   . GLN B 1 65 ? 3.984   -3.009  8.448   1.00 13.98 ? 84  GLN B O   1 
ATOM   1187 C  CB  . GLN B 1 65 ? 6.210   -2.716  5.994   1.00 15.63 ? 84  GLN B CB  1 
ATOM   1188 C  CG  . GLN B 1 65 ? 6.382   -4.187  6.361   1.00 19.28 ? 84  GLN B CG  1 
ATOM   1189 C  CD  . GLN B 1 65 ? 7.785   -4.699  6.100   1.00 22.21 ? 84  GLN B CD  1 
ATOM   1190 O  OE1 . GLN B 1 65 ? 8.493   -4.195  5.221   1.00 24.57 ? 84  GLN B OE1 1 
ATOM   1191 N  NE2 . GLN B 1 65 ? 8.194   -5.713  6.858   1.00 24.01 ? 84  GLN B NE2 1 
ATOM   1192 N  N   . GLN B 1 66 ? 5.333   -1.202  8.562   1.00 13.50 ? 85  GLN B N   1 
ATOM   1193 C  CA  . GLN B 1 66 ? 5.256   -1.128  10.020  1.00 14.63 ? 85  GLN B CA  1 
ATOM   1194 C  C   . GLN B 1 66 ? 3.826   -0.841  10.493  1.00 14.05 ? 85  GLN B C   1 
ATOM   1195 O  O   . GLN B 1 66 ? 3.371   -1.424  11.487  1.00 14.31 ? 85  GLN B O   1 
ATOM   1196 C  CB  . GLN B 1 66 ? 6.279   -0.127  10.582  1.00 15.42 ? 85  GLN B CB  1 
ATOM   1197 C  CG  . GLN B 1 66 ? 7.761   -0.484  10.322  1.00 20.74 ? 85  GLN B CG  1 
ATOM   1198 C  CD  . GLN B 1 66 ? 8.257   -1.711  11.073  1.00 25.89 ? 85  GLN B CD  1 
ATOM   1199 O  OE1 . GLN B 1 66 ? 9.253   -2.330  10.677  1.00 28.24 ? 85  GLN B OE1 1 
ATOM   1200 N  NE2 . GLN B 1 66 ? 7.580   -2.063  12.161  1.00 26.79 ? 85  GLN B NE2 1 
ATOM   1201 N  N   . ALA B 1 67 ? 3.101   0.007   9.765   1.00 13.59 ? 86  ALA B N   1 
ATOM   1202 C  CA  . ALA B 1 67 ? 1.689   0.272   10.065  1.00 14.46 ? 86  ALA B CA  1 
ATOM   1203 C  C   . ALA B 1 67 ? 0.851   -1.003  10.026  1.00 14.66 ? 86  ALA B C   1 
ATOM   1204 O  O   . ALA B 1 67 ? -0.101  -1.149  10.788  1.00 15.40 ? 86  ALA B O   1 
ATOM   1205 C  CB  . ALA B 1 67 ? 1.115   1.315   9.100   1.00 14.01 ? 86  ALA B CB  1 
ATOM   1206 N  N   . GLY B 1 68 ? 1.201   -1.933  9.140   1.00 14.95 ? 87  GLY B N   1 
ATOM   1207 C  CA  . GLY B 1 68 ? 0.533   -3.229  9.085   1.00 15.73 ? 87  GLY B CA  1 
ATOM   1208 C  C   . GLY B 1 68 ? 0.793   -4.053  10.332  1.00 16.72 ? 87  GLY B C   1 
ATOM   1209 O  O   . GLY B 1 68 ? -0.124  -4.666  10.891  1.00 17.12 ? 87  GLY B O   1 
ATOM   1210 N  N   . LEU B 1 69 ? 2.038   -4.048  10.787  1.00 17.28 ? 88  LEU B N   1 
ATOM   1211 C  CA  . LEU B 1 69 ? 2.438   -4.790  11.984  1.00 17.98 ? 88  LEU B CA  1 
ATOM   1212 C  C   . LEU B 1 69 ? 1.728   -4.321  13.245  1.00 17.88 ? 88  LEU B C   1 
ATOM   1213 O  O   . LEU B 1 69 ? 1.423   -5.133  14.134  1.00 19.30 ? 88  LEU B O   1 
ATOM   1214 C  CB  . LEU B 1 69 ? 3.952   -4.695  12.182  1.00 18.25 ? 88  LEU B CB  1 
ATOM   1215 C  CG  . LEU B 1 69 ? 4.799   -5.524  11.221  1.00 18.91 ? 88  LEU B CG  1 
ATOM   1216 C  CD1 . LEU B 1 69 ? 6.270   -5.185  11.382  1.00 20.05 ? 88  LEU B CD1 1 
ATOM   1217 C  CD2 . LEU B 1 69 ? 4.558   -7.017  11.450  1.00 20.23 ? 88  LEU B CD2 1 
ATOM   1218 N  N   . VAL B 1 70 ? 1.474   -3.015  13.333  1.00 16.42 ? 89  VAL B N   1 
ATOM   1219 C  CA  . VAL B 1 70 ? 0.838   -2.427  14.520  1.00 15.20 ? 89  VAL B CA  1 
ATOM   1220 C  C   . VAL B 1 70 ? -0.600  -1.948  14.241  1.00 14.02 ? 89  VAL B C   1 
ATOM   1221 O  O   . VAL B 1 70 ? -1.122  -1.083  14.944  1.00 12.93 ? 89  VAL B O   1 
ATOM   1222 C  CB  . VAL B 1 70 ? 1.701   -1.291  15.164  1.00 15.90 ? 89  VAL B CB  1 
ATOM   1223 C  CG1 . VAL B 1 70 ? 3.071   -1.814  15.568  1.00 17.24 ? 89  VAL B CG1 1 
ATOM   1224 C  CG2 . VAL B 1 70 ? 1.837   -0.083  14.236  1.00 14.73 ? 89  VAL B CG2 1 
ATOM   1225 N  N   . LYS B 1 71 ? -1.238  -2.550  13.237  1.00 13.04 ? 90  LYS B N   1 
ATOM   1226 C  CA  . LYS B 1 71 ? -2.586  -2.160  12.828  1.00 12.62 ? 90  LYS B CA  1 
ATOM   1227 C  C   . LYS B 1 71 ? -3.570  -2.224  13.980  1.00 12.30 ? 90  LYS B C   1 
ATOM   1228 O  O   . LYS B 1 71 ? -4.359  -1.303  14.171  1.00 11.61 ? 90  LYS B O   1 
ATOM   1229 C  CB  . LYS B 1 71 ? -3.073  -3.013  11.655  1.00 12.40 ? 90  LYS B CB  1 
ATOM   1230 C  CG  . LYS B 1 71 ? -4.356  -2.508  11.027  1.00 13.34 ? 90  LYS B CG  1 
ATOM   1231 C  CD  . LYS B 1 71 ? -4.703  -3.366  9.810   1.00 17.65 ? 90  LYS B CD  1 
ATOM   1232 C  CE  . LYS B 1 71 ? -5.998  -2.954  9.170   1.00 20.79 ? 90  LYS B CE  1 
ATOM   1233 N  NZ  . LYS B 1 71 ? -6.093  -3.463  7.769   1.00 24.31 ? 90  LYS B NZ  1 
ATOM   1234 N  N   . SER B 1 72 ? -3.510  -3.291  14.763  1.00 12.90 ? 91  SER B N   1 
ATOM   1235 C  CA  . SER B 1 72 ? -4.458  -3.426  15.862  1.00 13.96 ? 91  SER B CA  1 
ATOM   1236 C  C   . SER B 1 72 ? -4.265  -2.321  16.911  1.00 13.71 ? 91  SER B C   1 
ATOM   1237 O  O   . SER B 1 72 ? -5.241  -1.826  17.481  1.00 13.44 ? 91  SER B O   1 
ATOM   1238 C  CB  . SER B 1 72 ? -4.403  -4.820  16.485  1.00 14.66 ? 91  SER B CB  1 
ATOM   1239 O  OG  . SER B 1 72 ? -3.130  -5.098  17.007  1.00 18.71 ? 91  SER B OG  1 
ATOM   1240 N  N   . GLU B 1 73 ? -3.017  -1.914  17.146  1.00 14.31 ? 92  GLU B N   1 
ATOM   1241 C  CA  . GLU B 1 73 ? -2.730  -0.806  18.065  1.00 14.64 ? 92  GLU B CA  1 
ATOM   1242 C  C   . GLU B 1 73 ? -3.219  0.529   17.522  1.00 13.73 ? 92  GLU B C   1 
ATOM   1243 O  O   . GLU B 1 73 ? -3.809  1.332   18.247  1.00 13.91 ? 92  GLU B O   1 
ATOM   1244 C  CB  . GLU B 1 73 ? -1.229  -0.730  18.396  1.00 15.35 ? 92  GLU B CB  1 
ATOM   1245 C  CG  . GLU B 1 73 ? -0.691  -1.925  19.175  1.00 19.52 ? 92  GLU B CG  1 
ATOM   1246 C  CD  . GLU B 1 73 ? -0.119  -3.026  18.296  1.00 23.28 ? 92  GLU B CD  1 
ATOM   1247 O  OE1 . GLU B 1 73 ? -0.720  -3.360  17.250  1.00 24.49 ? 92  GLU B OE1 1 
ATOM   1248 O  OE2 . GLU B 1 73 ? 0.946   -3.572  18.669  1.00 27.36 ? 92  GLU B OE2 1 
ATOM   1249 N  N   . LEU B 1 74 ? -2.984  0.767   16.230  1.00 12.26 ? 93  LEU B N   1 
ATOM   1250 C  CA  . LEU B 1 74 ? -3.486  1.968   15.593  1.00 11.54 ? 93  LEU B CA  1 
ATOM   1251 C  C   . LEU B 1 74 ? -5.000  2.076   15.739  1.00 10.95 ? 93  LEU B C   1 
ATOM   1252 O  O   . LEU B 1 74 ? -5.528  3.128   16.106  1.00 11.42 ? 93  LEU B O   1 
ATOM   1253 C  CB  . LEU B 1 74 ? -3.082  2.012   14.121  1.00 10.61 ? 93  LEU B CB  1 
ATOM   1254 C  CG  . LEU B 1 74 ? -1.586  2.208   13.869  1.00 11.61 ? 93  LEU B CG  1 
ATOM   1255 C  CD1 . LEU B 1 74 ? -1.243  1.848   12.428  1.00 12.46 ? 93  LEU B CD1 1 
ATOM   1256 C  CD2 . LEU B 1 74 ? -1.169  3.625   14.177  1.00 13.68 ? 93  LEU B CD2 1 
ATOM   1257 N  N   . GLU B 1 75 ? -5.703  0.984   15.456  1.00 10.37 ? 94  GLU B N   1 
ATOM   1258 C  CA  . GLU B 1 75 ? -7.163  0.956   15.570  1.00 10.62 ? 94  GLU B CA  1 
ATOM   1259 C  C   . GLU B 1 75 ? -7.646  1.138   17.003  1.00 11.10 ? 94  GLU B C   1 
ATOM   1260 O  O   . GLU B 1 75 ? -8.572  1.922   17.239  1.00 11.60 ? 94  GLU B O   1 
ATOM   1261 C  CB  . GLU B 1 75 ? -7.732  -0.323  14.963  1.00 10.55 ? 94  GLU B CB  1 
ATOM   1262 C  CG  . GLU B 1 75 ? -7.484  -0.425  13.461  1.00 10.09 ? 94  GLU B CG  1 
ATOM   1263 C  CD  . GLU B 1 75 ? -8.201  -1.590  12.827  1.00 9.19  ? 94  GLU B CD  1 
ATOM   1264 O  OE1 . GLU B 1 75 ? -8.536  -2.581  13.535  1.00 9.66  ? 94  GLU B OE1 1 
ATOM   1265 O  OE2 . GLU B 1 75 ? -8.451  -1.534  11.606  1.00 8.62  ? 94  GLU B OE2 1 
ATOM   1266 N  N   . ALA B 1 76 ? -7.004  0.433   17.935  1.00 11.22 ? 95  ALA B N   1 
ATOM   1267 C  CA  . ALA B 1 76 ? -7.450  0.446   19.336  1.00 12.23 ? 95  ALA B CA  1 
ATOM   1268 C  C   . ALA B 1 76 ? -7.274  1.820   19.956  1.00 12.92 ? 95  ALA B C   1 
ATOM   1269 O  O   . ALA B 1 76 ? -8.071  2.231   20.796  1.00 14.29 ? 95  ALA B O   1 
ATOM   1270 C  CB  . ALA B 1 76 ? -6.710  -0.595  20.147  1.00 12.79 ? 95  ALA B CB  1 
ATOM   1271 N  N   . GLN B 1 77 ? -6.250  2.548   19.529  1.00 12.50 ? 96  GLN B N   1 
ATOM   1272 C  CA  . GLN B 1 77 ? -5.933  3.837   20.145  1.00 13.77 ? 96  GLN B CA  1 
ATOM   1273 C  C   . GLN B 1 77 ? -6.669  5.020   19.539  1.00 13.60 ? 96  GLN B C   1 
ATOM   1274 O  O   . GLN B 1 77 ? -6.718  6.102   20.127  1.00 14.64 ? 96  GLN B O   1 
ATOM   1275 C  CB  . GLN B 1 77 ? -4.428  4.081   20.159  1.00 14.13 ? 96  GLN B CB  1 
ATOM   1276 C  CG  . GLN B 1 77 ? -3.710  3.166   21.116  1.00 16.18 ? 96  GLN B CG  1 
ATOM   1277 C  CD  . GLN B 1 77 ? -2.215  3.305   21.054  1.00 19.22 ? 96  GLN B CD  1 
ATOM   1278 O  OE1 . GLN B 1 77 ? -1.687  4.413   21.041  1.00 22.34 ? 96  GLN B OE1 1 
ATOM   1279 N  NE2 . GLN B 1 77 ? -1.521  2.179   21.012  1.00 20.61 ? 96  GLN B NE2 1 
ATOM   1280 N  N   . THR B 1 78 ? -7.220  4.824   18.345  1.00 13.13 ? 97  THR B N   1 
ATOM   1281 C  CA  . THR B 1 78 ? -7.868  5.898   17.612  1.00 13.70 ? 97  THR B CA  1 
ATOM   1282 C  C   . THR B 1 78 ? -9.367  5.711   17.479  1.00 13.63 ? 97  THR B C   1 
ATOM   1283 O  O   . THR B 1 78 ? -10.076 6.651   17.177  1.00 14.05 ? 97  THR B O   1 
ATOM   1284 C  CB  . THR B 1 78 ? -7.260  6.083   16.205  1.00 13.36 ? 97  THR B CB  1 
ATOM   1285 O  OG1 . THR B 1 78 ? -7.379  4.859   15.456  1.00 12.65 ? 97  THR B OG1 1 
ATOM   1286 C  CG2 . THR B 1 78 ? -5.801  6.490   16.299  1.00 14.74 ? 97  THR B CG2 1 
ATOM   1287 N  N   . GLY B 1 79 ? -9.843  4.487   17.685  1.00 13.07 ? 98  GLY B N   1 
ATOM   1288 C  CA  . GLY B 1 79 ? -11.266 4.188   17.524  1.00 13.61 ? 98  GLY B CA  1 
ATOM   1289 C  C   . GLY B 1 79 ? -11.737 4.122   16.080  1.00 13.73 ? 98  GLY B C   1 
ATOM   1290 O  O   . GLY B 1 79 ? -12.929 4.127   15.800  1.00 16.09 ? 98  GLY B O   1 
ATOM   1291 N  N   . LEU B 1 80 ? -10.813 4.055   15.135  1.00 12.79 ? 99  LEU B N   1 
ATOM   1292 C  CA  . LEU B 1 80 ? -11.245 3.905   13.756  1.00 12.11 ? 99  LEU B CA  1 
ATOM   1293 C  C   . LEU B 1 80 ? -10.729 2.578   13.179  1.00 9.93  ? 99  LEU B C   1 
ATOM   1294 O  O   . LEU B 1 80 ? -9.990  1.852   13.841  1.00 10.28 ? 99  LEU B O   1 
ATOM   1295 C  CB  . LEU B 1 80 ? -10.824 5.119   12.915  1.00 12.85 ? 99  LEU B CB  1 
ATOM   1296 C  CG  . LEU B 1 80 ? -9.334  5.472   12.905  1.00 13.25 ? 99  LEU B CG  1 
ATOM   1297 C  CD1 . LEU B 1 80 ? -8.488  4.470   12.116  1.00 13.96 ? 99  LEU B CD1 1 
ATOM   1298 C  CD2 . LEU B 1 80 ? -9.134  6.873   12.362  1.00 14.83 ? 99  LEU B CD2 1 
ATOM   1299 N  N   . GLN B 1 81 ? -11.148 2.289   11.952  1.00 9.42  ? 100 GLN B N   1 
ATOM   1300 C  CA  . GLN B 1 81 ? -10.698 1.087   11.271  1.00 8.80  ? 100 GLN B CA  1 
ATOM   1301 C  C   . GLN B 1 81 ? -9.816  1.480   10.112  1.00 9.12  ? 100 GLN B C   1 
ATOM   1302 O  O   . GLN B 1 81 ? -10.107 2.433   9.392   1.00 9.79  ? 100 GLN B O   1 
ATOM   1303 C  CB  . GLN B 1 81 ? -11.894 0.302   10.762  1.00 9.17  ? 100 GLN B CB  1 
ATOM   1304 C  CG  . GLN B 1 81 ? -12.743 -0.258  11.888  1.00 10.44 ? 100 GLN B CG  1 
ATOM   1305 C  CD  . GLN B 1 81 ? -12.045 -1.366  12.620  1.00 9.67  ? 100 GLN B CD  1 
ATOM   1306 O  OE1 . GLN B 1 81 ? -11.594 -2.341  12.004  1.00 8.40  ? 100 GLN B OE1 1 
ATOM   1307 N  NE2 . GLN B 1 81 ? -11.936 -1.236  13.937  1.00 12.05 ? 100 GLN B NE2 1 
ATOM   1308 N  N   . ILE B 1 82 ? -8.743  0.718   9.941   1.00 8.24  ? 101 ILE B N   1 
ATOM   1309 C  CA  . ILE B 1 82 ? -7.833  0.906   8.817   1.00 8.82  ? 101 ILE B CA  1 
ATOM   1310 C  C   . ILE B 1 82 ? -8.190  -0.099  7.731   1.00 9.09  ? 101 ILE B C   1 
ATOM   1311 O  O   . ILE B 1 82 ? -8.140  -1.319  7.940   1.00 9.09  ? 101 ILE B O   1 
ATOM   1312 C  CB  . ILE B 1 82 ? -6.373  0.794   9.246   1.00 8.89  ? 101 ILE B CB  1 
ATOM   1313 C  CG1 . ILE B 1 82 ? -6.041  1.959   10.181  1.00 10.08 ? 101 ILE B CG1 1 
ATOM   1314 C  CG2 . ILE B 1 82 ? -5.425  0.750   8.021   1.00 8.56  ? 101 ILE B CG2 1 
ATOM   1315 C  CD1 . ILE B 1 82 ? -4.696  1.834   10.845  1.00 12.30 ? 101 ILE B CD1 1 
ATOM   1316 N  N   . LEU B 1 83 ? -8.583  0.427   6.588   1.00 8.84  ? 102 LEU B N   1 
ATOM   1317 C  CA  . LEU B 1 83 ? -9.019  -0.400  5.473   1.00 9.83  ? 102 LEU B CA  1 
ATOM   1318 C  C   . LEU B 1 83 ? -7.926  -0.700  4.462   1.00 9.60  ? 102 LEU B C   1 
ATOM   1319 O  O   . LEU B 1 83 ? -7.964  -1.745  3.808   1.00 10.52 ? 102 LEU B O   1 
ATOM   1320 C  CB  . LEU B 1 83 ? -10.179 0.272   4.757   1.00 10.65 ? 102 LEU B CB  1 
ATOM   1321 C  CG  . LEU B 1 83 ? -11.369 0.605   5.662   1.00 13.42 ? 102 LEU B CG  1 
ATOM   1322 C  CD1 . LEU B 1 83 ? -12.497 1.247   4.871   1.00 15.82 ? 102 LEU B CD1 1 
ATOM   1323 C  CD2 . LEU B 1 83 ? -11.845 -0.640  6.398   1.00 15.48 ? 102 LEU B CD2 1 
ATOM   1324 N  N   . GLN B 1 84 ? -6.962  0.203   4.300   1.00 8.86  ? 103 GLN B N   1 
ATOM   1325 C  CA  A GLN B 1 84 ? -5.858  -0.008  3.370   0.50 9.22  ? 103 GLN B CA  1 
ATOM   1326 C  CA  B GLN B 1 84 ? -5.859  0.010   3.349   0.50 9.83  ? 103 GLN B CA  1 
ATOM   1327 C  C   . GLN B 1 84 ? -4.687  0.849   3.790   1.00 9.10  ? 103 GLN B C   1 
ATOM   1328 O  O   . GLN B 1 84 ? -4.879  1.945   4.350   1.00 9.27  ? 103 GLN B O   1 
ATOM   1329 C  CB  A GLN B 1 84 ? -6.262  0.369   1.951   0.50 9.61  ? 103 GLN B CB  1 
ATOM   1330 C  CB  B GLN B 1 84 ? -6.248  0.435   1.931   0.50 10.47 ? 103 GLN B CB  1 
ATOM   1331 C  CG  A GLN B 1 84 ? -5.434  -0.302  0.882   0.50 10.30 ? 103 GLN B CG  1 
ATOM   1332 C  CG  B GLN B 1 84 ? -7.738  0.576   1.719   0.50 14.57 ? 103 GLN B CG  1 
ATOM   1333 C  CD  A GLN B 1 84 ? -5.931  0.023   -0.494  0.50 10.70 ? 103 GLN B CD  1 
ATOM   1334 C  CD  B GLN B 1 84 ? -8.227  -0.168  0.515   0.50 17.70 ? 103 GLN B CD  1 
ATOM   1335 O  OE1 A GLN B 1 84 ? -7.018  -0.408  -0.888  0.50 12.22 ? 103 GLN B OE1 1 
ATOM   1336 O  OE1 B GLN B 1 84 ? -8.128  0.323   -0.611  0.50 20.78 ? 103 GLN B OE1 1 
ATOM   1337 N  NE2 A GLN B 1 84 ? -5.150  0.796   -1.236  0.50 11.50 ? 103 GLN B NE2 1 
ATOM   1338 N  NE2 B GLN B 1 84 ? -8.777  -1.362  0.741   0.50 18.72 ? 103 GLN B NE2 1 
ATOM   1339 N  N   . THR B 1 85 ? -3.485  0.357   3.537   1.00 8.70  ? 104 THR B N   1 
ATOM   1340 C  CA  A THR B 1 85 ? -2.274  1.154   3.725   0.50 9.67  ? 104 THR B CA  1 
ATOM   1341 C  CA  B THR B 1 85 ? -2.275  1.114   3.761   0.50 9.25  ? 104 THR B CA  1 
ATOM   1342 C  C   . THR B 1 85 ? -1.363  0.868   2.559   1.00 9.27  ? 104 THR B C   1 
ATOM   1343 O  O   . THR B 1 85 ? -1.262  -0.278  2.098   1.00 9.61  ? 104 THR B O   1 
ATOM   1344 C  CB  A THR B 1 85 ? -1.489  0.793   5.010   0.50 10.46 ? 104 THR B CB  1 
ATOM   1345 C  CB  B THR B 1 85 ? -1.595  0.595   5.034   0.50 9.96  ? 104 THR B CB  1 
ATOM   1346 O  OG1 A THR B 1 85 ? -0.980  -0.546  4.912   0.50 13.21 ? 104 THR B OG1 1 
ATOM   1347 O  OG1 B THR B 1 85 ? -2.539  0.594   6.119   0.50 11.58 ? 104 THR B OG1 1 
ATOM   1348 C  CG2 A THR B 1 85 ? -2.356  0.928   6.253   0.50 11.80 ? 104 THR B CG2 1 
ATOM   1349 C  CG2 B THR B 1 85 ? -0.407  1.450   5.383   0.50 9.63  ? 104 THR B CG2 1 
ATOM   1350 N  N   . GLY B 1 86 ? -0.697  1.891   2.064   1.00 8.67  ? 105 GLY B N   1 
ATOM   1351 C  CA  . GLY B 1 86 ? 0.163   1.672   0.921   1.00 9.27  ? 105 GLY B CA  1 
ATOM   1352 C  C   . GLY B 1 86 ? 0.943   2.885   0.510   1.00 9.65  ? 105 GLY B C   1 
ATOM   1353 O  O   . GLY B 1 86 ? 1.046   3.869   1.262   1.00 9.23  ? 105 GLY B O   1 
ATOM   1354 N  N   . VAL B 1 87 ? 1.522   2.796   -0.679  1.00 9.54  ? 106 VAL B N   1 
ATOM   1355 C  CA  . VAL B 1 87 ? 2.324   3.862   -1.275  1.00 10.26 ? 106 VAL B CA  1 
ATOM   1356 C  C   . VAL B 1 87 ? 1.732   4.183   -2.640  1.00 10.72 ? 106 VAL B C   1 
ATOM   1357 O  O   . VAL B 1 87 ? 1.386   3.281   -3.413  1.00 10.78 ? 106 VAL B O   1 
ATOM   1358 C  CB  . VAL B 1 87 ? 3.800   3.423   -1.414  1.00 10.93 ? 106 VAL B CB  1 
ATOM   1359 C  CG1 . VAL B 1 87 ? 4.626   4.485   -2.115  1.00 12.13 ? 106 VAL B CG1 1 
ATOM   1360 C  CG2 . VAL B 1 87 ? 4.409   3.077   -0.051  1.00 13.28 ? 106 VAL B CG2 1 
ATOM   1361 N  N   . GLY B 1 88 ? 1.557   5.466   -2.918  1.00 11.06 ? 107 GLY B N   1 
ATOM   1362 C  CA  . GLY B 1 88 ? 1.012   5.915   -4.183  1.00 12.10 ? 107 GLY B CA  1 
ATOM   1363 C  C   . GLY B 1 88 ? 1.953   6.864   -4.884  1.00 12.68 ? 107 GLY B C   1 
ATOM   1364 O  O   . GLY B 1 88 ? 2.913   7.365   -4.294  1.00 12.19 ? 107 GLY B O   1 
ATOM   1365 N  N   . GLN B 1 89 ? 1.672   7.103   -6.160  1.00 14.62 ? 108 GLN B N   1 
ATOM   1366 C  CA  . GLN B 1 89 ? 2.372   8.132   -6.937  1.00 17.11 ? 108 GLN B CA  1 
ATOM   1367 C  C   . GLN B 1 89 ? 1.556   8.447   -8.175  1.00 17.96 ? 108 GLN B C   1 
ATOM   1368 O  O   . GLN B 1 89 ? 1.160   7.545   -8.913  1.00 18.11 ? 108 GLN B O   1 
ATOM   1369 C  CB  . GLN B 1 89 ? 3.788   7.691   -7.325  1.00 17.11 ? 108 GLN B CB  1 
ATOM   1370 C  CG  . GLN B 1 89 ? 4.610   8.780   -8.024  1.00 19.13 ? 108 GLN B CG  1 
ATOM   1371 C  CD  . GLN B 1 89 ? 6.044   8.361   -8.290  1.00 19.03 ? 108 GLN B CD  1 
ATOM   1372 O  OE1 . GLN B 1 89 ? 6.345   7.173   -8.418  1.00 22.26 ? 108 GLN B OE1 1 
ATOM   1373 N  NE2 . GLN B 1 89 ? 6.938   9.341   -8.394  1.00 22.64 ? 108 GLN B NE2 1 
ATOM   1374 N  N   . ARG B 1 90 ? 1.302   9.733   -8.390  1.00 20.01 ? 109 ARG B N   1 
ATOM   1375 C  CA  . ARG B 1 90 ? 0.564   10.168  -9.564  1.00 21.46 ? 109 ARG B CA  1 
ATOM   1376 C  C   . ARG B 1 90 ? 1.362   9.888   -10.836 1.00 22.27 ? 109 ARG B C   1 
ATOM   1377 O  O   . ARG B 1 90 ? 2.591   9.728   -10.791 1.00 22.78 ? 109 ARG B O   1 
ATOM   1378 C  CB  . ARG B 1 90 ? 0.213   11.652  -9.456  1.00 21.90 ? 109 ARG B CB  1 
ATOM   1379 N  N   . GLU B 1 91 ? 0.648   9.818   -11.958 1.00 22.94 ? 110 GLU B N   1 
ATOM   1380 C  CA  . GLU B 1 91 ? 1.236   9.498   -13.257 1.00 23.52 ? 110 GLU B CA  1 
ATOM   1381 C  C   . GLU B 1 91 ? 2.136   10.617  -13.777 1.00 23.81 ? 110 GLU B C   1 
ATOM   1382 O  O   . GLU B 1 91 ? 2.089   11.750  -13.289 1.00 23.94 ? 110 GLU B O   1 
ATOM   1383 C  CB  . GLU B 1 91 ? 0.128   9.205   -14.272 1.00 23.53 ? 110 GLU B CB  1 
HETATM 1384 CA CA  . CA  C 2 .  ? 9.644   -11.656 3.122   0.75 13.45 ? 202 CA  A CA  1 
HETATM 1385 CA CA  . CA  D 2 .  ? 3.358   5.165   -14.688 0.60 16.36 ? 203 CA  A CA  1 
HETATM 1386 CA CA  . CA  E 2 .  ? -9.711  -3.715  11.647  1.00 8.65  ? 201 CA  B CA  1 
HETATM 1387 O  O   . HOH F 3 .  ? 8.327   -16.636 -12.336 1.00 12.48 ? 305 HOH A O   1 
HETATM 1388 O  O   . HOH F 3 .  ? 5.669   -16.110 -17.043 1.00 13.09 ? 306 HOH A O   1 
HETATM 1389 O  O   . HOH F 3 .  ? 10.988  -15.750 -12.551 1.00 10.64 ? 307 HOH A O   1 
HETATM 1390 O  O   . HOH F 3 .  ? 4.198   -18.008 -13.643 1.00 11.60 ? 308 HOH A O   1 
HETATM 1391 O  O   . HOH F 3 .  ? 0.576   -19.521 -13.602 1.00 11.77 ? 311 HOH A O   1 
HETATM 1392 O  O   . HOH F 3 .  ? -3.829  -19.049 -8.412  1.00 11.35 ? 313 HOH A O   1 
HETATM 1393 O  O   . HOH F 3 .  ? 4.124   -20.798 -13.211 1.00 14.85 ? 315 HOH A O   1 
HETATM 1394 O  O   . HOH F 3 .  ? 0.272   -17.710 -16.679 1.00 17.94 ? 316 HOH A O   1 
HETATM 1395 O  O   . HOH F 3 .  ? -4.163  -2.167  5.720   1.00 15.86 ? 317 HOH A O   1 
HETATM 1396 O  O   . HOH F 3 .  ? -3.886  -12.621 3.376   1.00 21.82 ? 320 HOH A O   1 
HETATM 1397 O  O   . HOH F 3 .  ? 3.808   -15.434 2.016   1.00 18.58 ? 323 HOH A O   1 
HETATM 1398 O  O   . HOH F 3 .  ? 2.392   -8.347  4.442   1.00 19.36 ? 324 HOH A O   1 
HETATM 1399 O  O   . HOH F 3 .  ? -7.924  -2.780  -18.106 1.00 17.67 ? 325 HOH A O   1 
HETATM 1400 O  O   . HOH F 3 .  ? -3.824  -12.339 -19.077 1.00 14.00 ? 326 HOH A O   1 
HETATM 1401 O  O   . HOH F 3 .  ? 12.808  -18.343 -6.767  1.00 18.22 ? 327 HOH A O   1 
HETATM 1402 O  O   . HOH F 3 .  ? 5.444   -14.364 3.793   1.00 21.28 ? 328 HOH A O   1 
HETATM 1403 O  O   . HOH F 3 .  ? 9.100   -9.864  4.794   1.00 19.11 ? 329 HOH A O   1 
HETATM 1404 O  O   . HOH F 3 .  ? -1.178  -14.412 -15.706 1.00 15.60 ? 331 HOH A O   1 
HETATM 1405 O  O   . HOH F 3 .  ? 2.836   -2.324  0.478   1.00 18.91 ? 335 HOH A O   1 
HETATM 1406 O  O   . HOH F 3 .  ? -7.211  0.217   -20.958 1.00 17.20 ? 336 HOH A O   1 
HETATM 1407 O  O   . HOH F 3 .  ? 2.226   4.975   -8.859  1.00 23.18 ? 338 HOH A O   1 
HETATM 1408 O  O   . HOH F 3 .  ? 3.459   1.921   -4.986  1.00 17.64 ? 340 HOH A O   1 
HETATM 1409 O  O   . HOH F 3 .  ? -1.328  -5.775  -22.962 1.00 26.56 ? 342 HOH A O   1 
HETATM 1410 O  O   . HOH F 3 .  ? -7.078  5.507   -5.653  1.00 29.13 ? 346 HOH A O   1 
HETATM 1411 O  O   . HOH F 3 .  ? -11.617 -0.727  -6.069  1.00 27.47 ? 347 HOH A O   1 
HETATM 1412 O  O   . HOH F 3 .  ? -13.618 -6.173  -15.442 1.00 20.62 ? 348 HOH A O   1 
HETATM 1413 O  O   . HOH F 3 .  ? 3.316   -0.306  -1.298  1.00 23.01 ? 349 HOH A O   1 
HETATM 1414 O  O   . HOH F 3 .  ? -1.063  3.227   -20.100 1.00 25.02 ? 351 HOH A O   1 
HETATM 1415 O  O   . HOH F 3 .  ? 6.360   -19.680 -6.120  1.00 19.50 ? 352 HOH A O   1 
HETATM 1416 O  O   . HOH F 3 .  ? -13.829 -10.210 -4.463  1.00 27.78 ? 353 HOH A O   1 
HETATM 1417 O  O   . HOH F 3 .  ? -3.698  4.010   -19.238 1.00 18.24 ? 354 HOH A O   1 
HETATM 1418 O  O   . HOH F 3 .  ? -8.018  4.824   -10.011 1.00 21.66 ? 355 HOH A O   1 
HETATM 1419 O  O   . HOH F 3 .  ? 1.555   -11.773 3.728   1.00 22.15 ? 356 HOH A O   1 
HETATM 1420 O  O   . HOH F 3 .  ? 9.265   -9.123  -15.005 1.00 20.84 ? 357 HOH A O   1 
HETATM 1421 O  O   . HOH F 3 .  ? 11.053  -12.682 1.384   1.00 20.62 ? 359 HOH A O   1 
HETATM 1422 O  O   . HOH F 3 .  ? -14.836 -5.476  -12.258 1.00 25.54 ? 361 HOH A O   1 
HETATM 1423 O  O   . HOH F 3 .  ? -1.916  -13.707 1.396   1.00 17.63 ? 363 HOH A O   1 
HETATM 1424 O  O   . HOH F 3 .  ? -12.446 -4.384  -12.482 1.00 18.85 ? 367 HOH A O   1 
HETATM 1425 O  O   . HOH F 3 .  ? 11.226  -9.839  2.764   1.00 23.86 ? 369 HOH A O   1 
HETATM 1426 O  O   . HOH F 3 .  ? 12.237  -6.888  -13.525 1.00 27.35 ? 373 HOH A O   1 
HETATM 1427 O  O   . HOH F 3 .  ? -18.567 5.892   -12.787 1.00 34.18 ? 376 HOH A O   1 
HETATM 1428 O  O   . HOH F 3 .  ? 12.263  -12.268 -4.886  1.00 20.93 ? 381 HOH A O   1 
HETATM 1429 O  O   . HOH F 3 .  ? 10.179  -0.503  -13.950 1.00 23.58 ? 383 HOH A O   1 
HETATM 1430 O  O   . HOH F 3 .  ? 6.926   -8.364  4.782   1.00 20.09 ? 385 HOH A O   1 
HETATM 1431 O  O   . HOH F 3 .  ? -15.808 -3.609  -10.553 1.00 24.35 ? 386 HOH A O   1 
HETATM 1432 O  O   . HOH F 3 .  ? 5.636   4.678   -13.755 1.00 27.57 ? 390 HOH A O   1 
HETATM 1433 O  O   . HOH F 3 .  ? 14.103  -10.190 -11.135 1.00 33.49 ? 391 HOH A O   1 
HETATM 1434 O  O   . HOH F 3 .  ? 1.728   -22.581 -9.831  1.00 28.91 ? 394 HOH A O   1 
HETATM 1435 O  O   . HOH F 3 .  ? 9.175   1.659   -12.104 1.00 27.66 ? 396 HOH A O   1 
HETATM 1436 O  O   . HOH F 3 .  ? -11.196 -0.558  -19.677 1.00 25.63 ? 398 HOH A O   1 
HETATM 1437 O  O   . HOH F 3 .  ? 13.773  -9.877  -7.921  1.00 32.75 ? 400 HOH A O   1 
HETATM 1438 O  O   . HOH F 3 .  ? 1.246   -16.287 2.320   1.00 27.08 ? 401 HOH A O   1 
HETATM 1439 O  O   . HOH F 3 .  ? 10.298  -19.909 3.677   1.00 35.15 ? 402 HOH A O   1 
HETATM 1440 O  O   . HOH F 3 .  ? 7.752   -14.088 -20.221 1.00 35.70 ? 403 HOH A O   1 
HETATM 1441 O  O   . HOH F 3 .  ? -6.876  -7.504  -22.084 1.00 32.49 ? 407 HOH A O   1 
HETATM 1442 O  O   . HOH F 3 .  ? -8.051  -9.949  -23.136 1.00 23.15 ? 408 HOH A O   1 
HETATM 1443 O  O   . HOH F 3 .  ? -5.635  -11.250 -22.949 1.00 23.37 ? 409 HOH A O   1 
HETATM 1444 O  O   . HOH F 3 .  ? -3.677  -10.681 -21.352 1.00 22.95 ? 410 HOH A O   1 
HETATM 1445 O  O   . HOH F 3 .  ? -6.992  -13.606 -22.030 1.00 23.13 ? 411 HOH A O   1 
HETATM 1446 O  O   . HOH F 3 .  ? -2.779  -5.907  -20.585 1.00 21.06 ? 412 HOH A O   1 
HETATM 1447 O  O   . HOH F 3 .  ? -1.246  -13.138 -18.200 1.00 18.24 ? 413 HOH A O   1 
HETATM 1448 O  O   . HOH F 3 .  ? 0.752   -13.795 -19.996 1.00 35.66 ? 414 HOH A O   1 
HETATM 1449 O  O   . HOH F 3 .  ? 4.132   -16.739 -19.272 1.00 22.15 ? 415 HOH A O   1 
HETATM 1450 O  O   . HOH F 3 .  ? 13.842  -8.210  -14.718 1.00 25.97 ? 416 HOH A O   1 
HETATM 1451 O  O   . HOH F 3 .  ? 9.181   -18.638 -4.726  1.00 26.27 ? 417 HOH A O   1 
HETATM 1452 O  O   . HOH F 3 .  ? 6.895   -18.469 -13.865 1.00 12.44 ? 418 HOH A O   1 
HETATM 1453 O  O   . HOH F 3 .  ? -6.697  -17.557 1.048   1.00 32.87 ? 419 HOH A O   1 
HETATM 1454 O  O   . HOH F 3 .  ? -14.217 0.504   -6.303  1.00 33.38 ? 420 HOH A O   1 
HETATM 1455 O  O   . HOH F 3 .  ? 15.723  -18.720 -4.173  1.00 34.31 ? 421 HOH A O   1 
HETATM 1456 O  O   . HOH F 3 .  ? 13.802  -20.644 -3.809  1.00 27.75 ? 422 HOH A O   1 
HETATM 1457 O  O   . HOH F 3 .  ? 4.291   7.493   -14.442 1.00 32.67 ? 424 HOH A O   1 
HETATM 1458 O  O   . HOH F 3 .  ? 2.620   5.492   -12.528 1.00 29.04 ? 425 HOH A O   1 
HETATM 1459 O  O   . HOH F 3 .  ? -6.118  7.397   -7.305  1.00 31.05 ? 426 HOH A O   1 
HETATM 1460 O  O   . HOH F 3 .  ? -4.121  8.751   -7.761  1.00 26.73 ? 427 HOH A O   1 
HETATM 1461 O  O   . HOH F 3 .  ? -4.308  9.772   -10.222 1.00 22.83 ? 428 HOH A O   1 
HETATM 1462 O  O   . HOH F 3 .  ? -0.504  -13.453 3.625   1.00 24.40 ? 445 HOH A O   1 
HETATM 1463 O  O   . HOH F 3 .  ? 8.957   -26.887 0.703   1.00 30.79 ? 446 HOH A O   1 
HETATM 1464 O  O   . HOH F 3 .  ? 6.068   0.529   -1.954  1.00 39.59 ? 447 HOH A O   1 
HETATM 1465 O  O   . HOH F 3 .  ? -12.370 2.820   -12.319 1.00 31.02 ? 456 HOH A O   1 
HETATM 1466 O  O   . HOH F 3 .  ? -14.651 0.990   -12.585 1.00 24.93 ? 457 HOH A O   1 
HETATM 1467 O  O   . HOH F 3 .  ? -6.323  6.521   -1.511  1.00 37.75 ? 458 HOH A O   1 
HETATM 1468 O  O   . HOH F 3 .  ? -1.104  -20.775 1.229   1.00 33.69 ? 460 HOH A O   1 
HETATM 1469 O  O   . HOH F 3 .  ? -3.247  -21.407 -0.281  1.00 34.21 ? 461 HOH A O   1 
HETATM 1470 O  O   . HOH F 3 .  ? -4.386  -22.287 -3.070  1.00 41.74 ? 462 HOH A O   1 
HETATM 1471 O  O   . HOH F 3 .  ? -6.406  3.016   -2.324  1.00 29.82 ? 466 HOH A O   1 
HETATM 1472 O  O   . HOH F 3 .  ? -9.958  1.263   -18.585 1.00 31.77 ? 502 HOH A O   1 
HETATM 1473 O  O   . HOH F 3 .  ? 1.032   1.536   -20.342 1.00 28.53 ? 504 HOH A O   1 
HETATM 1474 O  O   . HOH F 3 .  ? 12.960  -12.004 -13.680 1.00 32.19 ? 505 HOH A O   1 
HETATM 1475 O  O   . HOH F 3 .  ? 5.472   -17.732 1.868   1.00 30.32 ? 507 HOH A O   1 
HETATM 1476 O  O   . HOH F 3 .  ? 11.844  -9.771  -14.616 1.00 31.89 ? 508 HOH A O   1 
HETATM 1477 O  O   . HOH F 3 .  ? 13.771  -15.800 1.405   1.00 30.28 ? 511 HOH A O   1 
HETATM 1478 O  O   . HOH F 3 .  ? -1.209  -5.266  7.082   1.00 34.61 ? 512 HOH A O   1 
HETATM 1479 O  O   . HOH F 3 .  ? 8.268   -6.241  3.174   1.00 24.85 ? 514 HOH A O   1 
HETATM 1480 O  O   . HOH F 3 .  ? -4.027  7.544   -17.371 1.00 29.06 ? 515 HOH A O   1 
HETATM 1481 O  O   . HOH F 3 .  ? 11.855  -2.723  -14.191 1.00 37.48 ? 516 HOH A O   1 
HETATM 1482 O  O   . HOH G 3 .  ? -10.539 14.060  5.496   1.00 11.63 ? 301 HOH B O   1 
HETATM 1483 O  O   . HOH G 3 .  ? 6.085   17.570  9.885   1.00 12.59 ? 302 HOH B O   1 
HETATM 1484 O  O   . HOH G 3 .  ? -9.719  -3.177  9.279   1.00 11.34 ? 304 HOH B O   1 
HETATM 1485 O  O   . HOH G 3 .  ? -7.655  -2.982  17.728  1.00 13.13 ? 309 HOH B O   1 
HETATM 1486 O  O   . HOH G 3 .  ? -11.238 0.691   16.184  1.00 11.20 ? 310 HOH B O   1 
HETATM 1487 O  O   . HOH G 3 .  ? -12.017 11.015  12.116  1.00 14.89 ? 312 HOH B O   1 
HETATM 1488 O  O   . HOH G 3 .  ? -15.895 0.258   9.628   1.00 17.72 ? 314 HOH B O   1 
HETATM 1489 O  O   . HOH G 3 .  ? -7.772  -4.439  15.362  1.00 14.52 ? 318 HOH B O   1 
HETATM 1490 O  O   . HOH G 3 .  ? -13.675 4.374   3.831   1.00 22.72 ? 319 HOH B O   1 
HETATM 1491 O  O   . HOH G 3 .  ? -11.501 16.552  7.919   1.00 15.92 ? 321 HOH B O   1 
HETATM 1492 O  O   . HOH G 3 .  ? -9.842  0.350   21.952  1.00 17.10 ? 322 HOH B O   1 
HETATM 1493 O  O   . HOH G 3 .  ? -3.812  14.653  17.019  1.00 19.22 ? 330 HOH B O   1 
HETATM 1494 O  O   . HOH G 3 .  ? 1.174   -1.543  2.627   1.00 15.21 ? 332 HOH B O   1 
HETATM 1495 O  O   . HOH G 3 .  ? 8.669   10.494  1.388   1.00 19.40 ? 333 HOH B O   1 
HETATM 1496 O  O   . HOH G 3 .  ? -14.081 14.259  10.414  1.00 26.06 ? 334 HOH B O   1 
HETATM 1497 O  O   . HOH G 3 .  ? -1.557  7.996   -6.863  1.00 18.93 ? 339 HOH B O   1 
HETATM 1498 O  O   . HOH G 3 .  ? 10.844  -3.986  5.420   1.00 20.73 ? 341 HOH B O   1 
HETATM 1499 O  O   . HOH G 3 .  ? 0.957   -2.423  5.274   1.00 25.87 ? 343 HOH B O   1 
HETATM 1500 O  O   . HOH G 3 .  ? 3.287   -5.634  7.759   1.00 18.22 ? 344 HOH B O   1 
HETATM 1501 O  O   . HOH G 3 .  ? 9.786   3.293   -0.045  1.00 24.70 ? 345 HOH B O   1 
HETATM 1502 O  O   . HOH G 3 .  ? 10.634  6.602   0.737   1.00 25.32 ? 350 HOH B O   1 
HETATM 1503 O  O   . HOH G 3 .  ? 2.444   11.542  -6.372  1.00 23.85 ? 358 HOH B O   1 
HETATM 1504 O  O   . HOH G 3 .  ? -0.655  15.057  1.585   1.00 16.28 ? 360 HOH B O   1 
HETATM 1505 O  O   . HOH G 3 .  ? -1.692  -5.765  14.228  1.00 22.29 ? 362 HOH B O   1 
HETATM 1506 O  O   . HOH G 3 .  ? -4.978  12.671  1.904   1.00 22.76 ? 364 HOH B O   1 
HETATM 1507 O  O   . HOH G 3 .  ? 15.054  1.098   6.373   1.00 27.86 ? 365 HOH B O   1 
HETATM 1508 O  O   . HOH G 3 .  ? -9.339  10.139  -0.466  1.00 26.82 ? 366 HOH B O   1 
HETATM 1509 O  O   . HOH G 3 .  ? 11.132  13.841  1.883   1.00 24.36 ? 368 HOH B O   1 
HETATM 1510 O  O   . HOH G 3 .  ? -15.957 11.701  10.695  1.00 20.81 ? 370 HOH B O   1 
HETATM 1511 O  O   . HOH G 3 .  ? 10.327  19.564  5.537   1.00 37.28 ? 371 HOH B O   1 
HETATM 1512 O  O   . HOH G 3 .  ? -15.130 5.482   14.650  1.00 40.07 ? 372 HOH B O   1 
HETATM 1513 O  O   . HOH G 3 .  ? 6.046   15.948  16.604  1.00 18.56 ? 374 HOH B O   1 
HETATM 1514 O  O   . HOH G 3 .  ? 15.005  1.729   4.014   1.00 32.41 ? 375 HOH B O   1 
HETATM 1515 O  O   . HOH G 3 .  ? 10.482  -6.172  4.579   1.00 27.53 ? 377 HOH B O   1 
HETATM 1516 O  O   . HOH G 3 .  ? 8.446   10.784  -1.280  1.00 25.49 ? 378 HOH B O   1 
HETATM 1517 O  O   . HOH G 3 .  ? -12.298 15.620  2.215   1.00 21.90 ? 380 HOH B O   1 
HETATM 1518 O  O   . HOH G 3 .  ? -9.540  9.032   16.187  1.00 24.96 ? 382 HOH B O   1 
HETATM 1519 O  O   . HOH G 3 .  ? -3.277  14.319  -0.852  1.00 30.93 ? 384 HOH B O   1 
HETATM 1520 O  O   . HOH G 3 .  ? 3.268   3.550   19.316  1.00 28.57 ? 387 HOH B O   1 
HETATM 1521 O  O   . HOH G 3 .  ? -2.548  -0.424  21.567  1.00 32.97 ? 388 HOH B O   1 
HETATM 1522 O  O   . HOH G 3 .  ? -14.575 2.729   13.728  1.00 27.27 ? 389 HOH B O   1 
HETATM 1523 O  O   . HOH G 3 .  ? -3.515  -4.600  19.804  1.00 29.54 ? 393 HOH B O   1 
HETATM 1524 O  O   . HOH G 3 .  ? -11.059 13.180  15.728  1.00 30.12 ? 395 HOH B O   1 
HETATM 1525 O  O   . HOH G 3 .  ? 9.275   9.537   -5.091  1.00 33.47 ? 399 HOH B O   1 
HETATM 1526 O  O   . HOH G 3 .  ? -8.509  0.745   -3.327  1.00 30.45 ? 405 HOH B O   1 
HETATM 1527 O  O   . HOH G 3 .  ? -9.457  0.958   -5.804  1.00 23.82 ? 406 HOH B O   1 
HETATM 1528 O  O   . HOH G 3 .  ? 1.366   -5.501  5.649   1.00 21.87 ? 423 HOH B O   1 
HETATM 1529 O  O   . HOH G 3 .  ? -2.320  10.177  -11.983 1.00 31.30 ? 429 HOH B O   1 
HETATM 1530 O  O   . HOH G 3 .  ? -1.831  12.803  -13.102 1.00 34.62 ? 430 HOH B O   1 
HETATM 1531 O  O   . HOH G 3 .  ? -11.563 9.437   14.444  1.00 28.59 ? 431 HOH B O   1 
HETATM 1532 O  O   . HOH G 3 .  ? -14.287 12.766  12.917  1.00 22.60 ? 432 HOH B O   1 
HETATM 1533 O  O   . HOH G 3 .  ? -13.789 14.690  14.944  1.00 27.26 ? 433 HOH B O   1 
HETATM 1534 O  O   . HOH G 3 .  ? -15.509 11.104  3.155   1.00 16.53 ? 434 HOH B O   1 
HETATM 1535 O  O   . HOH G 3 .  ? -17.508 13.610  3.744   1.00 27.27 ? 435 HOH B O   1 
HETATM 1536 O  O   . HOH G 3 .  ? 9.134   0.416   19.158  1.00 37.23 ? 436 HOH B O   1 
HETATM 1537 O  O   . HOH G 3 .  ? -3.775  17.078  -0.469  1.00 25.61 ? 437 HOH B O   1 
HETATM 1538 O  O   . HOH G 3 .  ? -10.813 16.581  4.507   1.00 21.73 ? 438 HOH B O   1 
HETATM 1539 O  O   . HOH G 3 .  ? -3.934  -2.725  21.550  1.00 29.69 ? 439 HOH B O   1 
HETATM 1540 O  O   . HOH G 3 .  ? -7.734  -5.097  11.370  1.00 12.21 ? 440 HOH B O   1 
HETATM 1541 O  O   . HOH G 3 .  ? -7.043  -6.243  8.881   1.00 25.36 ? 441 HOH B O   1 
HETATM 1542 O  O   . HOH G 3 .  ? -12.245 -3.405  7.867   1.00 22.72 ? 442 HOH B O   1 
HETATM 1543 O  O   . HOH G 3 .  ? -10.821 3.538   20.784  1.00 21.85 ? 443 HOH B O   1 
HETATM 1544 O  O   . HOH G 3 .  ? 7.940   2.969   -1.644  1.00 35.69 ? 448 HOH B O   1 
HETATM 1545 O  O   . HOH G 3 .  ? -1.743  -2.916  6.605   1.00 29.23 ? 449 HOH B O   1 
HETATM 1546 O  O   . HOH G 3 .  ? -20.011 13.009  6.447   1.00 29.66 ? 450 HOH B O   1 
HETATM 1547 O  O   . HOH G 3 .  ? -3.353  6.661   22.495  1.00 27.43 ? 451 HOH B O   1 
HETATM 1548 O  O   . HOH G 3 .  ? 13.337  11.814  13.526  1.00 36.80 ? 452 HOH B O   1 
HETATM 1549 O  O   . HOH G 3 .  ? 13.220  16.735  16.454  1.00 39.21 ? 453 HOH B O   1 
HETATM 1550 O  O   . HOH G 3 .  ? -9.215  7.319   -0.279  1.00 32.52 ? 454 HOH B O   1 
HETATM 1551 O  O   . HOH G 3 .  ? 10.424  -2.304  3.733   1.00 27.59 ? 455 HOH B O   1 
HETATM 1552 O  O   . HOH G 3 .  ? -17.407 6.914   14.365  1.00 39.09 ? 459 HOH B O   1 
HETATM 1553 O  O   . HOH G 3 .  ? 4.509   -4.860  17.241  1.00 44.81 ? 463 HOH B O   1 
HETATM 1554 O  O   . HOH G 3 .  ? 5.021   10.467  18.517  1.00 30.14 ? 464 HOH B O   1 
HETATM 1555 O  O   . HOH G 3 .  ? 3.112   15.546  18.209  1.00 30.83 ? 465 HOH B O   1 
HETATM 1556 O  O   . HOH G 3 .  ? 13.427  15.391  3.237   1.00 29.95 ? 467 HOH B O   1 
HETATM 1557 O  O   . HOH G 3 .  ? -16.891 8.914   10.290  1.00 26.93 ? 501 HOH B O   1 
HETATM 1558 O  O   . HOH G 3 .  ? 10.865  16.732  14.758  1.00 30.88 ? 503 HOH B O   1 
HETATM 1559 O  O   . HOH G 3 .  ? 12.715  10.479  2.990   1.00 26.93 ? 506 HOH B O   1 
HETATM 1560 O  O   . HOH G 3 .  ? -7.537  12.499  17.545  1.00 31.92 ? 509 HOH B O   1 
HETATM 1561 O  O   . HOH G 3 .  ? -2.116  -1.138  8.580   1.00 32.37 ? 510 HOH B O   1 
HETATM 1562 O  O   . HOH G 3 .  ? 8.950   2.540   -5.137  1.00 37.79 ? 513 HOH B O   1 
# 
